data_7RNP
#
_entry.id   7RNP
#
_cell.length_a   56.162
_cell.length_b   81.198
_cell.length_c   321.014
_cell.angle_alpha   90.000
_cell.angle_beta   90.000
_cell.angle_gamma   90.000
#
_symmetry.space_group_name_H-M   'P 21 21 21'
#
loop_
_entity.id
_entity.type
_entity.pdbx_description
1 polymer 'Tryptophan synthase beta chain 1'
2 non-polymer 4-chloro-L-tryptophan
3 non-polymer 'SODIUM ION'
4 water water
#
_entity_poly.entity_id   1
_entity_poly.type   'polypeptide(L)'
_entity_poly.pdbx_seq_one_letter_code
;MWFGEFGGQYVPETLVGPLKELEKAYKRFKDDEEFNRQLNYYLKTWAGRPTPLYYAKRLTEKIGGAKVYLKREDLVHGGA
H(LLP)TNNAIGQALLAKLMGKTRLIAETGAGQHGVATAMAGALLGMKVDIYMGAEDVERQKMNVFRMKLLGANVIPVNS
GSRTLKDAINEALRDWVATFEYTHYLIGSVVGPHPYPTIVRDFQSVIGREAKAQILEAEGQLPDVIVACVGGGSNAMGIF
YPFVNDKKVKLVGVEAGGKGLESGKHSASLNAGQVGVSEGMLSYFLQDEEGQIKPSHSIAPGLDYPGVGPEHAYLKKIQR
AEYVAVTDEEALKAFHELSRTEGIIPALESAHAVAYAMKLAKEMSRDEIIIVNLSGRGDKDLDIVLKASGNVLEHHHHHH
;
_entity_poly.pdbx_strand_id   A,B,C,D
#
# COMPACT_ATOMS: atom_id res chain seq x y z
N MET A 1 12.68 -6.10 -58.19
CA MET A 1 12.01 -5.07 -59.03
C MET A 1 10.61 -5.56 -59.43
N TRP A 2 10.45 -6.87 -59.63
CA TRP A 2 9.21 -7.50 -60.15
C TRP A 2 8.55 -8.28 -59.03
N PHE A 3 7.23 -8.13 -58.91
CA PHE A 3 6.33 -9.05 -58.17
C PHE A 3 5.53 -9.81 -59.24
N GLY A 4 5.97 -11.04 -59.54
CA GLY A 4 5.55 -11.76 -60.76
C GLY A 4 5.68 -10.86 -61.98
N GLU A 5 4.54 -10.51 -62.57
CA GLU A 5 4.46 -9.80 -63.89
C GLU A 5 4.31 -8.30 -63.63
N PHE A 6 4.27 -7.89 -62.37
CA PHE A 6 3.88 -6.53 -61.91
C PHE A 6 5.07 -5.86 -61.23
N GLY A 7 5.16 -4.53 -61.38
CA GLY A 7 6.16 -3.66 -60.73
C GLY A 7 7.00 -2.93 -61.74
N GLY A 8 8.32 -2.99 -61.58
CA GLY A 8 9.29 -2.45 -62.56
C GLY A 8 9.76 -1.06 -62.21
N GLN A 9 10.38 -0.39 -63.19
CA GLN A 9 11.04 0.93 -63.05
C GLN A 9 10.73 1.73 -64.32
N TYR A 10 9.47 2.08 -64.55
CA TYR A 10 9.00 2.72 -65.80
C TYR A 10 9.20 4.24 -65.69
N VAL A 11 10.47 4.64 -65.69
CA VAL A 11 10.90 6.03 -65.41
C VAL A 11 11.85 6.49 -66.52
N PRO A 12 11.96 7.81 -66.75
CA PRO A 12 13.01 8.35 -67.63
C PRO A 12 14.41 8.03 -67.10
N GLU A 13 15.43 8.09 -67.97
CA GLU A 13 16.84 7.73 -67.64
C GLU A 13 17.39 8.67 -66.55
N THR A 14 16.83 9.88 -66.45
CA THR A 14 17.17 10.89 -65.40
C THR A 14 16.94 10.31 -63.98
N LEU A 15 15.98 9.40 -63.80
CA LEU A 15 15.61 8.86 -62.46
C LEU A 15 16.32 7.53 -62.20
N VAL A 16 16.86 6.88 -63.22
CA VAL A 16 17.45 5.51 -63.10
C VAL A 16 18.59 5.55 -62.06
N GLY A 17 19.47 6.56 -62.16
CA GLY A 17 20.62 6.77 -61.26
C GLY A 17 20.16 6.97 -59.81
N PRO A 18 19.38 8.03 -59.53
CA PRO A 18 18.79 8.23 -58.20
C PRO A 18 18.29 6.93 -57.55
N LEU A 19 17.50 6.16 -58.30
CA LEU A 19 16.84 4.92 -57.81
C LEU A 19 17.90 3.82 -57.62
N LYS A 20 18.91 3.76 -58.49
CA LYS A 20 20.07 2.85 -58.31
C LYS A 20 20.69 3.11 -56.94
N GLU A 21 21.00 4.37 -56.63
CA GLU A 21 21.63 4.80 -55.35
C GLU A 21 20.70 4.46 -54.19
N LEU A 22 19.42 4.83 -54.27
CA LEU A 22 18.40 4.49 -53.25
C LEU A 22 18.46 2.99 -52.96
N GLU A 23 18.43 2.18 -54.01
CA GLU A 23 18.43 0.69 -53.93
C GLU A 23 19.71 0.21 -53.23
N LYS A 24 20.88 0.77 -53.58
CA LYS A 24 22.19 0.36 -53.01
C LYS A 24 22.23 0.78 -51.53
N ALA A 25 21.72 1.97 -51.22
CA ALA A 25 21.59 2.53 -49.86
C ALA A 25 20.70 1.63 -49.00
N TYR A 26 19.54 1.23 -49.52
CA TYR A 26 18.56 0.38 -48.79
C TYR A 26 19.15 -1.01 -48.52
N LYS A 27 19.81 -1.62 -49.51
CA LYS A 27 20.47 -2.94 -49.37
C LYS A 27 21.45 -2.90 -48.19
N ARG A 28 22.21 -1.80 -48.06
CA ARG A 28 23.20 -1.56 -46.96
C ARG A 28 22.49 -1.49 -45.61
N PHE A 29 21.52 -0.58 -45.48
CA PHE A 29 20.97 -0.11 -44.17
C PHE A 29 19.85 -1.04 -43.68
N LYS A 30 19.19 -1.76 -44.58
CA LYS A 30 18.07 -2.69 -44.28
C LYS A 30 18.44 -3.61 -43.10
N ASP A 31 19.71 -4.00 -42.99
CA ASP A 31 20.21 -4.99 -41.99
C ASP A 31 21.28 -4.38 -41.08
N ASP A 32 21.64 -3.11 -41.29
CA ASP A 32 22.64 -2.38 -40.47
C ASP A 32 22.12 -2.24 -39.04
N GLU A 33 22.89 -2.73 -38.05
CA GLU A 33 22.50 -2.81 -36.62
C GLU A 33 22.10 -1.42 -36.11
N GLU A 34 22.83 -0.37 -36.53
CA GLU A 34 22.63 1.04 -36.08
C GLU A 34 21.33 1.61 -36.66
N PHE A 35 21.07 1.41 -37.96
CA PHE A 35 19.85 1.88 -38.66
C PHE A 35 18.61 1.29 -37.98
N ASN A 36 18.66 -0.01 -37.67
CA ASN A 36 17.50 -0.78 -37.13
C ASN A 36 17.32 -0.44 -35.65
N ARG A 37 18.43 -0.24 -34.92
CA ARG A 37 18.41 0.27 -33.53
C ARG A 37 17.73 1.64 -33.51
N GLN A 38 18.19 2.57 -34.33
CA GLN A 38 17.62 3.94 -34.45
C GLN A 38 16.14 3.84 -34.84
N LEU A 39 15.83 3.08 -35.89
CA LEU A 39 14.44 2.92 -36.39
C LEU A 39 13.58 2.38 -35.23
N ASN A 40 14.05 1.35 -34.53
CA ASN A 40 13.28 0.67 -33.46
C ASN A 40 13.06 1.66 -32.30
N TYR A 41 14.09 2.42 -31.92
CA TYR A 41 14.07 3.42 -30.82
C TYR A 41 13.05 4.51 -31.14
N TYR A 42 13.04 5.04 -32.37
CA TYR A 42 12.10 6.10 -32.80
C TYR A 42 10.68 5.55 -32.87
N LEU A 43 10.51 4.30 -33.31
CA LEU A 43 9.17 3.67 -33.42
C LEU A 43 8.62 3.43 -32.01
N LYS A 44 9.49 3.06 -31.06
CA LYS A 44 9.08 2.81 -29.66
C LYS A 44 8.80 4.15 -28.97
N THR A 45 9.83 4.99 -28.83
CA THR A 45 9.83 6.14 -27.89
C THR A 45 9.07 7.31 -28.51
N TRP A 46 9.03 7.43 -29.83
CA TRP A 46 8.43 8.61 -30.53
C TRP A 46 7.07 8.27 -31.15
N ALA A 47 6.92 7.08 -31.76
CA ALA A 47 5.68 6.68 -32.47
C ALA A 47 4.73 5.98 -31.50
N GLY A 48 5.26 5.30 -30.48
CA GLY A 48 4.47 4.57 -29.47
C GLY A 48 4.21 3.12 -29.86
N ARG A 49 5.05 2.53 -30.71
CA ARG A 49 4.99 1.07 -31.04
C ARG A 49 5.52 0.31 -29.83
N PRO A 50 5.08 -0.95 -29.56
CA PRO A 50 4.06 -1.63 -30.35
C PRO A 50 2.63 -1.14 -30.06
N THR A 51 1.82 -0.98 -31.11
CA THR A 51 0.37 -0.70 -31.00
C THR A 51 -0.33 -1.97 -30.51
N PRO A 52 -1.42 -1.85 -29.72
CA PRO A 52 -2.15 -3.02 -29.24
C PRO A 52 -3.02 -3.71 -30.31
N LEU A 53 -3.29 -5.00 -30.07
CA LEU A 53 -4.35 -5.78 -30.77
C LEU A 53 -5.56 -5.87 -29.84
N TYR A 54 -6.61 -5.11 -30.15
CA TYR A 54 -7.82 -4.97 -29.30
C TYR A 54 -8.89 -5.98 -29.75
N TYR A 55 -9.38 -6.80 -28.80
CA TYR A 55 -10.55 -7.68 -28.98
C TYR A 55 -11.82 -6.85 -28.82
N ALA A 56 -12.59 -6.67 -29.90
CA ALA A 56 -13.85 -5.90 -29.89
C ALA A 56 -14.97 -6.84 -29.43
N LYS A 57 -15.07 -7.06 -28.11
CA LYS A 57 -16.01 -8.02 -27.47
C LYS A 57 -17.45 -7.68 -27.88
N ARG A 58 -17.83 -6.40 -27.77
CA ARG A 58 -19.24 -5.95 -27.95
C ARG A 58 -19.63 -6.11 -29.43
N LEU A 59 -18.76 -5.69 -30.35
CA LEU A 59 -18.96 -5.89 -31.81
C LEU A 59 -19.03 -7.40 -32.09
N THR A 60 -18.08 -8.16 -31.56
CA THR A 60 -18.02 -9.64 -31.70
C THR A 60 -19.36 -10.24 -31.28
N GLU A 61 -19.87 -9.85 -30.11
CA GLU A 61 -21.07 -10.46 -29.46
C GLU A 61 -22.35 -10.02 -30.19
N LYS A 62 -22.37 -8.79 -30.71
CA LYS A 62 -23.51 -8.20 -31.48
C LYS A 62 -23.71 -8.98 -32.79
N ILE A 63 -22.63 -9.25 -33.52
CA ILE A 63 -22.66 -9.97 -34.83
C ILE A 63 -22.88 -11.47 -34.57
N GLY A 64 -22.25 -12.03 -33.53
CA GLY A 64 -22.54 -13.39 -33.02
C GLY A 64 -21.82 -14.48 -33.80
N GLY A 65 -20.83 -14.12 -34.62
CA GLY A 65 -19.89 -15.08 -35.23
C GLY A 65 -18.46 -14.85 -34.76
N ALA A 66 -17.53 -14.67 -35.70
CA ALA A 66 -16.07 -14.68 -35.47
C ALA A 66 -15.67 -13.60 -34.45
N LYS A 67 -14.76 -13.96 -33.55
CA LYS A 67 -13.95 -13.00 -32.75
C LYS A 67 -13.35 -11.97 -33.70
N VAL A 68 -13.68 -10.70 -33.50
CA VAL A 68 -13.10 -9.55 -34.26
C VAL A 68 -12.03 -8.89 -33.39
N TYR A 69 -10.77 -8.94 -33.82
CA TYR A 69 -9.63 -8.19 -33.23
C TYR A 69 -9.31 -7.01 -34.14
N LEU A 70 -8.93 -5.87 -33.54
CA LEU A 70 -8.52 -4.65 -34.26
C LEU A 70 -7.03 -4.40 -33.98
N LYS A 71 -6.20 -4.41 -35.02
CA LYS A 71 -4.81 -3.94 -34.94
C LYS A 71 -4.85 -2.42 -34.90
N ARG A 72 -4.44 -1.81 -33.78
CA ARG A 72 -4.74 -0.38 -33.44
C ARG A 72 -3.62 0.53 -33.96
N GLU A 73 -3.50 0.65 -35.28
CA GLU A 73 -2.59 1.64 -35.93
C GLU A 73 -3.11 3.07 -35.70
N ASP A 74 -4.39 3.22 -35.36
CA ASP A 74 -5.01 4.51 -34.96
C ASP A 74 -4.25 5.13 -33.76
N LEU A 75 -3.54 4.33 -32.97
CA LEU A 75 -2.88 4.81 -31.73
C LEU A 75 -1.42 5.23 -31.98
N VAL A 76 -0.88 5.04 -33.18
CA VAL A 76 0.52 5.44 -33.50
C VAL A 76 0.57 6.98 -33.58
N HIS A 77 1.70 7.58 -33.23
CA HIS A 77 1.93 9.05 -33.33
C HIS A 77 1.53 9.54 -34.72
N GLY A 78 0.63 10.52 -34.80
CA GLY A 78 0.09 11.07 -36.06
C GLY A 78 -1.32 10.60 -36.32
N GLY A 79 -1.65 9.38 -35.85
CA GLY A 79 -3.00 8.79 -35.89
C GLY A 79 -3.22 7.86 -37.06
N ALA A 80 -2.15 7.49 -37.79
CA ALA A 80 -2.20 6.59 -38.97
C ALA A 80 -0.90 5.80 -39.10
N HIS A 81 -1.00 4.60 -39.66
CA HIS A 81 0.11 3.67 -39.99
C HIS A 81 1.23 4.36 -40.78
N THR A 83 3.11 6.79 -40.35
CA THR A 83 4.27 7.20 -39.52
C THR A 83 5.40 6.16 -39.64
N ASN A 84 5.07 4.87 -39.73
CA ASN A 84 6.05 3.76 -39.71
C ASN A 84 7.00 3.91 -40.90
N ASN A 85 6.41 4.12 -42.08
CA ASN A 85 7.11 4.30 -43.39
C ASN A 85 7.82 5.66 -43.39
N ALA A 86 7.14 6.72 -42.97
CA ALA A 86 7.66 8.10 -42.94
C ALA A 86 8.95 8.15 -42.11
N ILE A 87 8.97 7.50 -40.95
CA ILE A 87 10.16 7.46 -40.04
C ILE A 87 11.28 6.70 -40.75
N GLY A 88 10.96 5.54 -41.31
CA GLY A 88 11.92 4.62 -41.94
C GLY A 88 12.69 5.31 -43.06
N GLN A 89 11.96 5.95 -43.97
CA GLN A 89 12.52 6.58 -45.20
C GLN A 89 13.26 7.87 -44.84
N ALA A 90 12.82 8.59 -43.80
CA ALA A 90 13.44 9.84 -43.33
C ALA A 90 14.79 9.53 -42.65
N LEU A 91 14.84 8.47 -41.84
CA LEU A 91 16.09 7.96 -41.22
C LEU A 91 17.09 7.51 -42.30
N LEU A 92 16.63 6.69 -43.25
CA LEU A 92 17.44 6.25 -44.43
C LEU A 92 18.01 7.48 -45.14
N ALA A 93 17.13 8.39 -45.57
CA ALA A 93 17.48 9.66 -46.26
C ALA A 93 18.56 10.41 -45.46
N LYS A 94 18.36 10.56 -44.14
CA LYS A 94 19.31 11.23 -43.21
C LYS A 94 20.66 10.52 -43.27
N LEU A 95 20.67 9.19 -43.11
CA LEU A 95 21.90 8.33 -43.11
C LEU A 95 22.53 8.32 -44.50
N MET A 96 21.71 8.42 -45.57
CA MET A 96 22.19 8.60 -46.97
C MET A 96 22.84 9.98 -47.12
N GLY A 97 22.61 10.88 -46.16
CA GLY A 97 23.19 12.24 -46.14
C GLY A 97 22.35 13.25 -46.91
N LYS A 98 21.07 12.94 -47.13
CA LYS A 98 20.08 13.91 -47.70
C LYS A 98 19.67 14.87 -46.59
N THR A 99 19.28 16.10 -46.93
CA THR A 99 18.93 17.20 -45.99
C THR A 99 17.49 17.70 -46.21
N ARG A 100 16.76 17.15 -47.18
CA ARG A 100 15.44 17.68 -47.60
C ARG A 100 14.56 16.51 -48.02
N LEU A 101 13.30 16.52 -47.57
CA LEU A 101 12.30 15.49 -47.92
C LEU A 101 11.23 16.15 -48.79
N ILE A 102 10.91 15.53 -49.93
CA ILE A 102 9.72 15.88 -50.75
C ILE A 102 8.75 14.69 -50.68
N ALA A 103 7.46 14.97 -50.66
CA ALA A 103 6.38 13.95 -50.57
C ALA A 103 5.14 14.44 -51.30
N GLU A 104 4.52 13.54 -52.06
CA GLU A 104 3.13 13.68 -52.59
C GLU A 104 2.18 13.54 -51.39
N THR A 105 1.03 14.19 -51.42
CA THR A 105 -0.11 13.88 -50.52
C THR A 105 -1.43 14.31 -51.17
N GLY A 106 -2.49 13.53 -50.92
CA GLY A 106 -3.87 13.82 -51.38
C GLY A 106 -4.81 13.99 -50.21
N ALA A 107 -4.90 12.98 -49.34
CA ALA A 107 -5.60 13.05 -48.03
C ALA A 107 -4.92 14.09 -47.12
N GLY A 108 -3.58 14.16 -47.16
CA GLY A 108 -2.77 15.06 -46.31
C GLY A 108 -2.09 14.29 -45.18
N GLN A 109 -2.48 13.03 -44.96
CA GLN A 109 -1.97 12.22 -43.82
C GLN A 109 -0.51 11.85 -44.06
N HIS A 110 -0.11 11.60 -45.31
CA HIS A 110 1.30 11.28 -45.66
C HIS A 110 2.16 12.54 -45.54
N GLY A 111 1.62 13.68 -46.00
CA GLY A 111 2.21 15.02 -45.81
C GLY A 111 2.50 15.32 -44.36
N VAL A 112 1.52 15.10 -43.47
CA VAL A 112 1.68 15.29 -42.00
C VAL A 112 2.76 14.32 -41.49
N ALA A 113 2.68 13.05 -41.86
CA ALA A 113 3.63 12.00 -41.43
C ALA A 113 5.06 12.39 -41.85
N THR A 114 5.24 12.85 -43.08
CA THR A 114 6.54 13.26 -43.65
C THR A 114 7.05 14.51 -42.92
N ALA A 115 6.15 15.46 -42.65
CA ALA A 115 6.41 16.72 -41.92
C ALA A 115 6.86 16.42 -40.48
N MET A 116 6.17 15.52 -39.78
CA MET A 116 6.53 15.11 -38.40
C MET A 116 7.94 14.51 -38.41
N ALA A 117 8.20 13.53 -39.27
CA ALA A 117 9.47 12.78 -39.37
C ALA A 117 10.60 13.73 -39.79
N GLY A 118 10.31 14.66 -40.70
CA GLY A 118 11.24 15.72 -41.14
C GLY A 118 11.56 16.68 -40.01
N ALA A 119 10.55 17.01 -39.20
CA ALA A 119 10.69 17.82 -37.97
C ALA A 119 11.48 17.04 -36.92
N LEU A 120 11.21 15.74 -36.75
CA LEU A 120 11.89 14.85 -35.76
C LEU A 120 13.40 14.82 -36.05
N LEU A 121 13.80 14.77 -37.33
CA LEU A 121 15.21 14.54 -37.75
C LEU A 121 15.82 15.81 -38.35
N GLY A 122 15.07 16.93 -38.33
CA GLY A 122 15.58 18.28 -38.68
C GLY A 122 15.89 18.41 -40.16
N MET A 123 15.00 17.91 -41.02
CA MET A 123 15.12 18.00 -42.49
C MET A 123 14.04 18.96 -43.00
N LYS A 124 14.37 19.77 -44.02
CA LYS A 124 13.38 20.56 -44.80
C LYS A 124 12.36 19.58 -45.38
N VAL A 125 11.08 19.97 -45.41
CA VAL A 125 9.96 19.14 -45.94
C VAL A 125 9.16 19.98 -46.94
N ASP A 126 9.13 19.55 -48.20
CA ASP A 126 8.32 20.18 -49.27
C ASP A 126 7.23 19.18 -49.70
N ILE A 127 5.97 19.52 -49.45
CA ILE A 127 4.80 18.62 -49.69
C ILE A 127 4.11 19.05 -50.98
N TYR A 128 4.31 18.27 -52.05
CA TYR A 128 3.61 18.46 -53.35
C TYR A 128 2.20 17.90 -53.20
N MET A 129 1.21 18.79 -53.14
CA MET A 129 -0.23 18.45 -52.95
C MET A 129 -1.00 18.96 -54.16
N GLY A 130 -1.82 18.10 -54.78
CA GLY A 130 -2.81 18.49 -55.81
C GLY A 130 -3.64 19.66 -55.35
N ALA A 131 -3.81 20.67 -56.22
CA ALA A 131 -4.50 21.95 -55.94
C ALA A 131 -5.94 21.69 -55.46
N GLU A 132 -6.57 20.63 -55.95
CA GLU A 132 -7.94 20.19 -55.55
C GLU A 132 -7.89 19.67 -54.11
N ASP A 133 -6.82 18.96 -53.75
CA ASP A 133 -6.63 18.27 -52.45
C ASP A 133 -6.32 19.31 -51.36
N VAL A 134 -5.58 20.36 -51.71
CA VAL A 134 -5.17 21.47 -50.78
C VAL A 134 -6.44 22.12 -50.21
N GLU A 135 -7.39 22.50 -51.07
CA GLU A 135 -8.67 23.13 -50.69
C GLU A 135 -9.55 22.11 -49.95
N ARG A 136 -9.47 20.82 -50.30
CA ARG A 136 -10.22 19.70 -49.67
C ARG A 136 -9.73 19.45 -48.24
N GLN A 137 -8.45 19.72 -47.97
CA GLN A 137 -7.76 19.34 -46.70
C GLN A 137 -7.02 20.55 -46.12
N LYS A 138 -7.77 21.58 -45.69
CA LYS A 138 -7.24 22.87 -45.16
C LYS A 138 -6.58 22.65 -43.79
N MET A 139 -7.13 21.75 -42.98
CA MET A 139 -6.67 21.48 -41.59
C MET A 139 -5.32 20.75 -41.63
N ASN A 140 -5.24 19.65 -42.40
CA ASN A 140 -4.00 18.85 -42.56
C ASN A 140 -2.89 19.74 -43.12
N VAL A 141 -3.24 20.69 -44.00
CA VAL A 141 -2.29 21.68 -44.58
C VAL A 141 -1.71 22.56 -43.45
N PHE A 142 -2.56 22.92 -42.48
CA PHE A 142 -2.18 23.76 -41.31
C PHE A 142 -1.21 22.98 -40.43
N ARG A 143 -1.55 21.71 -40.11
CA ARG A 143 -0.70 20.78 -39.30
C ARG A 143 0.70 20.74 -39.91
N MET A 144 0.79 20.62 -41.24
CA MET A 144 2.08 20.53 -41.98
C MET A 144 2.86 21.83 -41.81
N LYS A 145 2.16 22.98 -41.89
CA LYS A 145 2.75 24.33 -41.72
C LYS A 145 3.28 24.49 -40.29
N LEU A 146 2.50 24.05 -39.29
CA LEU A 146 2.89 24.06 -37.85
C LEU A 146 4.13 23.18 -37.64
N LEU A 147 4.28 22.11 -38.44
CA LEU A 147 5.41 21.15 -38.33
C LEU A 147 6.63 21.65 -39.12
N GLY A 148 6.44 22.68 -39.96
CA GLY A 148 7.54 23.43 -40.60
C GLY A 148 7.69 23.10 -42.08
N ALA A 149 6.68 22.46 -42.66
CA ALA A 149 6.69 21.92 -44.05
C ALA A 149 5.93 22.87 -44.97
N ASN A 150 6.42 23.04 -46.21
CA ASN A 150 5.78 23.89 -47.24
C ASN A 150 4.88 23.03 -48.12
N VAL A 151 3.62 23.44 -48.30
CA VAL A 151 2.67 22.85 -49.29
C VAL A 151 2.87 23.57 -50.64
N ILE A 152 3.52 22.91 -51.60
CA ILE A 152 3.68 23.38 -53.01
C ILE A 152 2.52 22.80 -53.83
N PRO A 153 1.56 23.65 -54.29
CA PRO A 153 0.41 23.16 -55.03
C PRO A 153 0.73 22.73 -56.47
N VAL A 154 0.19 21.58 -56.91
CA VAL A 154 0.33 21.03 -58.28
C VAL A 154 -0.94 21.36 -59.08
N ASN A 155 -0.79 22.19 -60.11
CA ASN A 155 -1.90 22.81 -60.89
C ASN A 155 -2.10 22.06 -62.20
N SER A 156 -1.28 21.03 -62.45
CA SER A 156 -1.24 20.23 -63.69
C SER A 156 -2.34 19.16 -63.66
N GLY A 157 -2.93 18.86 -64.83
CA GLY A 157 -3.80 17.70 -65.07
C GLY A 157 -5.04 17.71 -64.19
N SER A 158 -5.29 16.60 -63.48
CA SER A 158 -6.45 16.38 -62.57
C SER A 158 -6.24 17.14 -61.26
N ARG A 159 -5.03 17.68 -61.03
CA ARG A 159 -4.65 18.46 -59.82
C ARG A 159 -4.96 17.62 -58.57
N THR A 160 -4.56 16.34 -58.56
CA THR A 160 -4.78 15.36 -57.47
C THR A 160 -3.47 14.62 -57.19
N LEU A 161 -3.54 13.38 -56.68
CA LEU A 161 -2.40 12.60 -56.17
C LEU A 161 -1.49 12.17 -57.33
N LYS A 162 -2.08 11.68 -58.43
CA LYS A 162 -1.36 11.24 -59.65
C LYS A 162 -0.42 12.37 -60.14
N ASP A 163 -0.95 13.60 -60.21
CA ASP A 163 -0.25 14.79 -60.76
C ASP A 163 0.82 15.24 -59.76
N ALA A 164 0.48 15.24 -58.47
CA ALA A 164 1.40 15.55 -57.34
C ALA A 164 2.60 14.60 -57.35
N ILE A 165 2.36 13.31 -57.65
CA ILE A 165 3.41 12.25 -57.65
C ILE A 165 4.44 12.57 -58.75
N ASN A 166 3.99 12.99 -59.93
CA ASN A 166 4.88 13.19 -61.11
C ASN A 166 5.64 14.51 -60.99
N GLU A 167 4.98 15.58 -60.52
CA GLU A 167 5.64 16.89 -60.24
C GLU A 167 6.82 16.66 -59.29
N ALA A 168 6.61 15.84 -58.24
CA ALA A 168 7.60 15.49 -57.19
C ALA A 168 8.80 14.77 -57.82
N LEU A 169 8.53 13.80 -58.70
CA LEU A 169 9.57 13.01 -59.42
C LEU A 169 10.44 13.94 -60.28
N ARG A 170 9.83 14.96 -60.89
CA ARG A 170 10.51 15.96 -61.76
C ARG A 170 11.47 16.82 -60.92
N ASP A 171 11.11 17.09 -59.66
CA ASP A 171 11.97 17.82 -58.69
C ASP A 171 13.14 16.92 -58.30
N TRP A 172 12.86 15.66 -57.97
CA TRP A 172 13.84 14.70 -57.38
C TRP A 172 15.05 14.54 -58.32
N VAL A 173 14.79 14.48 -59.63
CA VAL A 173 15.84 14.41 -60.70
C VAL A 173 16.89 15.50 -60.45
N ALA A 174 16.45 16.73 -60.17
CA ALA A 174 17.31 17.92 -59.98
C ALA A 174 18.02 17.88 -58.63
N THR A 175 17.35 17.36 -57.59
CA THR A 175 17.63 17.63 -56.16
C THR A 175 18.12 16.38 -55.42
N PHE A 176 18.22 15.23 -56.11
CA PHE A 176 18.41 13.88 -55.49
C PHE A 176 19.70 13.83 -54.68
N GLU A 177 20.66 14.72 -54.95
CA GLU A 177 21.96 14.82 -54.23
C GLU A 177 21.68 15.07 -52.74
N TYR A 178 20.76 16.00 -52.44
CA TYR A 178 20.44 16.50 -51.08
C TYR A 178 18.97 16.27 -50.72
N THR A 179 18.21 15.52 -51.53
CA THR A 179 16.75 15.29 -51.34
C THR A 179 16.43 13.80 -51.54
N HIS A 180 15.60 13.26 -50.65
CA HIS A 180 14.95 11.93 -50.79
C HIS A 180 13.45 12.15 -51.06
N TYR A 181 12.93 11.59 -52.14
CA TYR A 181 11.47 11.56 -52.44
C TYR A 181 10.84 10.47 -51.57
N LEU A 182 10.00 10.89 -50.62
CA LEU A 182 9.38 9.98 -49.62
C LEU A 182 7.96 9.60 -50.09
N ILE A 183 7.85 8.45 -50.76
CA ILE A 183 6.57 7.91 -51.31
C ILE A 183 5.79 7.27 -50.16
N GLY A 184 4.49 7.55 -50.08
CA GLY A 184 3.65 7.24 -48.92
C GLY A 184 2.78 6.02 -49.11
N SER A 185 3.03 5.18 -50.12
CA SER A 185 2.35 3.87 -50.28
C SER A 185 3.27 2.89 -51.00
N VAL A 186 2.83 1.64 -51.18
CA VAL A 186 3.64 0.55 -51.80
C VAL A 186 3.56 0.67 -53.33
N VAL A 187 3.74 1.89 -53.83
CA VAL A 187 3.57 2.25 -55.28
C VAL A 187 4.85 2.92 -55.77
N GLY A 188 4.88 3.24 -57.07
CA GLY A 188 6.00 3.95 -57.70
C GLY A 188 6.97 2.97 -58.34
N PRO A 189 8.11 3.48 -58.84
CA PRO A 189 9.15 2.61 -59.41
C PRO A 189 9.84 1.82 -58.30
N HIS A 190 10.38 0.64 -58.62
CA HIS A 190 11.36 -0.06 -57.75
C HIS A 190 12.46 0.94 -57.38
N PRO A 191 12.91 1.00 -56.11
CA PRO A 191 12.56 0.02 -55.08
C PRO A 191 11.47 0.41 -54.07
N TYR A 192 10.63 1.41 -54.39
CA TYR A 192 9.72 2.05 -53.41
C TYR A 192 8.70 1.03 -52.89
N PRO A 193 8.03 0.23 -53.75
CA PRO A 193 7.04 -0.73 -53.30
C PRO A 193 7.59 -1.71 -52.25
N THR A 194 8.86 -2.13 -52.39
CA THR A 194 9.54 -3.08 -51.47
C THR A 194 9.86 -2.34 -50.17
N ILE A 195 10.47 -1.16 -50.26
CA ILE A 195 10.87 -0.34 -49.08
C ILE A 195 9.64 -0.06 -48.23
N VAL A 196 8.58 0.52 -48.82
CA VAL A 196 7.36 0.92 -48.05
C VAL A 196 6.79 -0.31 -47.35
N ARG A 197 6.72 -1.45 -48.05
CA ARG A 197 6.19 -2.73 -47.51
C ARG A 197 7.10 -3.22 -46.38
N ASP A 198 8.42 -3.15 -46.57
CA ASP A 198 9.41 -3.57 -45.54
C ASP A 198 9.19 -2.74 -44.26
N PHE A 199 8.88 -1.45 -44.38
CA PHE A 199 8.74 -0.51 -43.22
C PHE A 199 7.34 -0.64 -42.60
N GLN A 200 6.37 -1.21 -43.31
CA GLN A 200 4.98 -1.41 -42.79
C GLN A 200 4.83 -2.84 -42.24
N SER A 201 5.78 -3.72 -42.52
CA SER A 201 5.74 -5.17 -42.12
CA SER A 201 5.70 -5.16 -42.11
C SER A 201 5.74 -5.28 -40.59
N VAL A 202 6.19 -4.25 -39.88
CA VAL A 202 6.18 -4.19 -38.38
C VAL A 202 4.74 -4.42 -37.88
N ILE A 203 3.73 -3.99 -38.63
CA ILE A 203 2.30 -4.14 -38.24
C ILE A 203 1.98 -5.63 -38.13
N GLY A 204 2.29 -6.41 -39.17
CA GLY A 204 2.00 -7.86 -39.24
C GLY A 204 2.80 -8.63 -38.23
N ARG A 205 4.06 -8.23 -38.02
CA ARG A 205 5.02 -8.93 -37.14
C ARG A 205 4.53 -8.84 -35.68
N GLU A 206 4.10 -7.64 -35.26
CA GLU A 206 3.45 -7.40 -33.95
C GLU A 206 2.15 -8.21 -33.87
N ALA A 207 1.28 -8.04 -34.87
CA ALA A 207 -0.09 -8.61 -34.86
C ALA A 207 -0.01 -10.14 -34.78
N LYS A 208 0.95 -10.76 -35.47
CA LYS A 208 1.18 -12.22 -35.41
C LYS A 208 1.55 -12.63 -33.98
N ALA A 209 2.48 -11.93 -33.34
CA ALA A 209 2.96 -12.24 -31.97
C ALA A 209 1.80 -12.10 -31.00
N GLN A 210 1.03 -11.01 -31.14
CA GLN A 210 -0.07 -10.61 -30.23
C GLN A 210 -1.25 -11.60 -30.35
N ILE A 211 -1.58 -12.09 -31.54
CA ILE A 211 -2.76 -12.99 -31.73
C ILE A 211 -2.40 -14.40 -31.22
N LEU A 212 -1.13 -14.79 -31.34
CA LEU A 212 -0.61 -16.07 -30.81
C LEU A 212 -0.62 -16.02 -29.28
N GLU A 213 -0.30 -14.85 -28.70
CA GLU A 213 -0.26 -14.63 -27.23
C GLU A 213 -1.70 -14.66 -26.68
N ALA A 214 -2.66 -14.04 -27.39
CA ALA A 214 -4.04 -13.82 -26.90
C ALA A 214 -4.88 -15.09 -27.10
N GLU A 215 -4.81 -15.70 -28.29
CA GLU A 215 -5.69 -16.83 -28.71
C GLU A 215 -4.90 -18.13 -28.87
N GLY A 216 -3.56 -18.09 -28.82
CA GLY A 216 -2.70 -19.29 -28.95
C GLY A 216 -2.78 -19.92 -30.33
N GLN A 217 -3.18 -19.16 -31.36
CA GLN A 217 -3.32 -19.66 -32.75
C GLN A 217 -3.28 -18.48 -33.73
N LEU A 218 -2.99 -18.75 -35.00
CA LEU A 218 -2.98 -17.72 -36.08
C LEU A 218 -4.41 -17.34 -36.41
N PRO A 219 -4.64 -16.16 -37.02
CA PRO A 219 -5.98 -15.74 -37.39
C PRO A 219 -6.49 -16.57 -38.58
N ASP A 220 -7.81 -16.82 -38.63
CA ASP A 220 -8.47 -17.42 -39.80
C ASP A 220 -8.44 -16.42 -40.96
N VAL A 221 -8.69 -15.14 -40.70
CA VAL A 221 -8.75 -14.07 -41.74
C VAL A 221 -8.07 -12.80 -41.25
N ILE A 222 -7.38 -12.10 -42.16
CA ILE A 222 -6.87 -10.71 -41.94
C ILE A 222 -7.51 -9.80 -42.99
N VAL A 223 -8.18 -8.74 -42.54
CA VAL A 223 -8.91 -7.78 -43.42
C VAL A 223 -8.24 -6.41 -43.26
N ALA A 224 -7.78 -5.80 -44.36
CA ALA A 224 -7.17 -4.45 -44.36
C ALA A 224 -7.68 -3.68 -45.57
N CYS A 225 -7.91 -2.37 -45.42
CA CYS A 225 -8.32 -1.46 -46.52
C CYS A 225 -7.10 -1.20 -47.42
N VAL A 226 -7.34 -1.05 -48.72
CA VAL A 226 -6.28 -0.85 -49.75
C VAL A 226 -6.58 0.43 -50.55
N GLY A 227 -5.75 1.45 -50.37
CA GLY A 227 -5.58 2.56 -51.35
C GLY A 227 -4.49 2.20 -52.34
N GLY A 228 -3.24 2.52 -52.00
CA GLY A 228 -2.04 2.00 -52.69
C GLY A 228 -1.68 0.60 -52.20
N GLY A 229 -1.90 0.32 -50.92
CA GLY A 229 -1.81 -1.04 -50.34
C GLY A 229 -0.73 -1.19 -49.27
N SER A 230 -0.29 -0.09 -48.62
CA SER A 230 0.82 -0.11 -47.63
C SER A 230 0.35 -0.70 -46.29
N ASN A 231 -0.78 -0.28 -45.75
CA ASN A 231 -1.19 -0.82 -44.43
C ASN A 231 -1.51 -2.31 -44.61
N ALA A 232 -2.12 -2.67 -45.75
CA ALA A 232 -2.51 -4.05 -46.11
C ALA A 232 -1.24 -4.91 -46.28
N MET A 233 -0.29 -4.49 -47.11
CA MET A 233 0.99 -5.22 -47.27
C MET A 233 1.67 -5.34 -45.90
N GLY A 234 1.64 -4.26 -45.11
CA GLY A 234 2.23 -4.22 -43.75
C GLY A 234 1.75 -5.39 -42.89
N ILE A 235 0.44 -5.59 -42.81
CA ILE A 235 -0.14 -6.62 -41.89
C ILE A 235 -0.14 -7.98 -42.60
N PHE A 236 -0.28 -8.02 -43.92
CA PHE A 236 -0.34 -9.27 -44.74
C PHE A 236 1.02 -9.97 -44.72
N TYR A 237 2.09 -9.25 -45.06
CA TYR A 237 3.38 -9.82 -45.54
C TYR A 237 3.88 -10.92 -44.60
N PRO A 238 3.89 -10.72 -43.26
CA PRO A 238 4.35 -11.77 -42.34
C PRO A 238 3.46 -13.03 -42.24
N PHE A 239 2.24 -13.00 -42.77
CA PHE A 239 1.30 -14.15 -42.78
C PHE A 239 1.26 -14.82 -44.16
N VAL A 240 2.01 -14.31 -45.14
CA VAL A 240 1.89 -14.73 -46.57
C VAL A 240 2.23 -16.21 -46.70
N ASN A 241 3.17 -16.72 -45.90
CA ASN A 241 3.66 -18.13 -45.94
C ASN A 241 2.88 -19.00 -44.94
N ASP A 242 1.93 -18.42 -44.20
CA ASP A 242 0.92 -19.16 -43.38
C ASP A 242 -0.34 -19.37 -44.23
N LYS A 243 -0.44 -20.53 -44.89
CA LYS A 243 -1.36 -20.79 -46.03
C LYS A 243 -2.81 -20.79 -45.54
N LYS A 244 -3.05 -21.23 -44.30
CA LYS A 244 -4.40 -21.31 -43.69
C LYS A 244 -4.92 -19.90 -43.37
N VAL A 245 -4.05 -18.90 -43.29
CA VAL A 245 -4.44 -17.50 -42.98
C VAL A 245 -4.95 -16.81 -44.26
N LYS A 246 -6.22 -16.46 -44.33
CA LYS A 246 -6.82 -15.80 -45.52
C LYS A 246 -6.55 -14.30 -45.41
N LEU A 247 -6.10 -13.70 -46.51
CA LEU A 247 -5.78 -12.26 -46.64
C LEU A 247 -6.86 -11.63 -47.52
N VAL A 248 -7.56 -10.61 -47.00
CA VAL A 248 -8.62 -9.88 -47.72
C VAL A 248 -8.27 -8.40 -47.70
N GLY A 249 -8.06 -7.82 -48.88
CA GLY A 249 -7.93 -6.37 -49.08
C GLY A 249 -9.28 -5.79 -49.47
N VAL A 250 -9.64 -4.66 -48.87
CA VAL A 250 -10.91 -3.94 -49.14
C VAL A 250 -10.56 -2.64 -49.86
N GLU A 251 -10.90 -2.54 -51.13
CA GLU A 251 -10.78 -1.28 -51.91
C GLU A 251 -12.05 -0.45 -51.73
N ALA A 252 -11.98 0.82 -52.11
CA ALA A 252 -13.11 1.77 -52.14
C ALA A 252 -14.06 1.39 -53.28
N GLY A 253 -15.24 0.88 -52.94
CA GLY A 253 -16.36 0.63 -53.89
C GLY A 253 -17.11 1.91 -54.23
N GLY A 254 -16.78 3.02 -53.55
CA GLY A 254 -17.32 4.36 -53.84
C GLY A 254 -18.83 4.37 -53.93
N LYS A 255 -19.39 4.86 -55.04
CA LYS A 255 -20.86 4.99 -55.24
C LYS A 255 -21.38 3.70 -55.87
N GLY A 256 -20.54 2.65 -55.92
CA GLY A 256 -20.87 1.32 -56.47
C GLY A 256 -19.93 0.93 -57.59
N LEU A 257 -19.55 -0.35 -57.66
CA LEU A 257 -18.60 -0.88 -58.69
C LEU A 257 -19.14 -0.60 -60.09
N GLU A 258 -20.47 -0.63 -60.26
CA GLU A 258 -21.17 -0.43 -61.56
C GLU A 258 -21.28 1.07 -61.88
N SER A 259 -20.95 1.95 -60.93
CA SER A 259 -21.17 3.41 -60.99
C SER A 259 -20.07 4.11 -61.81
N GLY A 260 -18.91 3.48 -61.95
CA GLY A 260 -17.69 4.09 -62.49
C GLY A 260 -17.05 5.06 -61.50
N LYS A 261 -17.67 5.26 -60.34
CA LYS A 261 -17.25 6.24 -59.31
C LYS A 261 -16.71 5.46 -58.11
N HIS A 262 -15.46 5.02 -58.18
CA HIS A 262 -14.80 4.15 -57.17
C HIS A 262 -13.27 4.19 -57.36
N SER A 263 -12.55 3.37 -56.58
CA SER A 263 -11.07 3.27 -56.60
C SER A 263 -10.64 1.79 -56.60
N ALA A 264 -11.54 0.87 -56.95
CA ALA A 264 -11.30 -0.59 -56.91
C ALA A 264 -10.49 -1.05 -58.14
N SER A 265 -9.24 -0.56 -58.24
CA SER A 265 -8.20 -0.97 -59.22
C SER A 265 -8.23 -2.49 -59.45
N LEU A 266 -8.11 -3.28 -58.38
CA LEU A 266 -7.96 -4.76 -58.45
C LEU A 266 -9.28 -5.43 -58.84
N ASN A 267 -10.42 -4.76 -58.65
CA ASN A 267 -11.75 -5.35 -58.98
C ASN A 267 -12.09 -5.04 -60.44
N ALA A 268 -11.85 -3.80 -60.88
CA ALA A 268 -12.45 -3.20 -62.10
C ALA A 268 -11.37 -2.66 -63.05
N GLY A 269 -10.11 -2.59 -62.61
CA GLY A 269 -9.01 -1.97 -63.38
C GLY A 269 -8.35 -2.95 -64.34
N GLN A 270 -7.48 -2.43 -65.21
CA GLN A 270 -6.75 -3.18 -66.27
C GLN A 270 -5.24 -3.01 -66.03
N VAL A 271 -4.43 -4.02 -66.38
CA VAL A 271 -2.94 -3.97 -66.23
C VAL A 271 -2.42 -2.82 -67.09
N GLY A 272 -1.49 -2.01 -66.54
CA GLY A 272 -1.01 -0.77 -67.19
C GLY A 272 0.21 -0.19 -66.49
N VAL A 273 0.81 0.84 -67.09
CA VAL A 273 2.00 1.57 -66.58
C VAL A 273 1.58 3.00 -66.21
N SER A 274 1.75 3.38 -64.95
CA SER A 274 1.64 4.76 -64.44
C SER A 274 2.46 4.92 -63.16
N GLU A 275 2.93 6.13 -62.86
CA GLU A 275 3.76 6.43 -61.67
C GLU A 275 4.91 5.42 -61.58
N GLY A 276 5.44 4.99 -62.74
CA GLY A 276 6.68 4.22 -62.87
C GLY A 276 6.50 2.74 -62.51
N MET A 277 5.29 2.22 -62.56
CA MET A 277 5.03 0.80 -62.18
C MET A 277 4.01 0.15 -63.11
N LEU A 278 4.12 -1.17 -63.22
CA LEU A 278 3.17 -2.06 -63.94
C LEU A 278 2.22 -2.66 -62.90
N SER A 279 0.96 -2.22 -62.91
CA SER A 279 -0.07 -2.64 -61.93
C SER A 279 -1.47 -2.49 -62.54
N TYR A 280 -2.50 -2.85 -61.77
CA TYR A 280 -3.93 -2.59 -62.11
C TYR A 280 -4.21 -1.09 -61.93
N PHE A 281 -4.82 -0.49 -62.94
CA PHE A 281 -5.24 0.94 -62.96
C PHE A 281 -6.65 1.03 -63.53
N LEU A 282 -7.47 1.93 -62.99
CA LEU A 282 -8.80 2.27 -63.57
C LEU A 282 -8.53 2.95 -64.92
N GLN A 283 -9.08 2.39 -65.99
CA GLN A 283 -8.85 2.83 -67.39
C GLN A 283 -10.20 2.91 -68.12
N ASP A 284 -10.37 3.88 -69.03
CA ASP A 284 -11.57 4.00 -69.89
C ASP A 284 -11.43 3.00 -71.06
N GLU A 285 -12.40 3.00 -71.98
CA GLU A 285 -12.39 2.19 -73.22
C GLU A 285 -11.17 2.58 -74.07
N GLU A 286 -10.78 3.86 -74.05
CA GLU A 286 -9.65 4.42 -74.84
C GLU A 286 -8.30 3.94 -74.29
N GLY A 287 -8.23 3.65 -72.97
CA GLY A 287 -7.04 3.10 -72.30
C GLY A 287 -6.30 4.15 -71.48
N GLN A 288 -6.85 5.36 -71.37
CA GLN A 288 -6.35 6.45 -70.48
C GLN A 288 -6.77 6.16 -69.04
N ILE A 289 -5.92 6.54 -68.07
CA ILE A 289 -6.21 6.42 -66.61
C ILE A 289 -7.44 7.27 -66.29
N LYS A 290 -8.52 6.64 -65.81
CA LYS A 290 -9.80 7.31 -65.44
C LYS A 290 -9.67 7.91 -64.04
N PRO A 291 -10.47 8.94 -63.70
CA PRO A 291 -10.52 9.48 -62.33
C PRO A 291 -11.05 8.43 -61.33
N SER A 292 -10.53 8.44 -60.10
CA SER A 292 -11.01 7.58 -58.99
C SER A 292 -11.93 8.39 -58.09
N HIS A 293 -12.73 7.71 -57.26
CA HIS A 293 -13.55 8.33 -56.20
C HIS A 293 -13.58 7.44 -54.95
N SER A 294 -13.51 8.05 -53.77
CA SER A 294 -13.84 7.45 -52.45
C SER A 294 -14.23 8.56 -51.48
N ILE A 295 -15.24 8.34 -50.63
CA ILE A 295 -15.55 9.25 -49.49
C ILE A 295 -14.29 9.33 -48.61
N ALA A 296 -13.58 8.21 -48.46
CA ALA A 296 -12.27 8.13 -47.76
C ALA A 296 -11.16 8.65 -48.68
N PRO A 297 -10.59 9.85 -48.44
CA PRO A 297 -9.62 10.45 -49.36
C PRO A 297 -8.38 9.57 -49.57
N GLY A 298 -8.01 8.78 -48.56
CA GLY A 298 -6.81 7.92 -48.55
C GLY A 298 -6.96 6.72 -49.47
N LEU A 299 -8.19 6.34 -49.81
CA LEU A 299 -8.48 5.20 -50.73
C LEU A 299 -8.71 5.73 -52.16
N ASP A 300 -8.63 7.05 -52.35
CA ASP A 300 -8.99 7.74 -53.62
C ASP A 300 -7.76 7.79 -54.54
N TYR A 301 -7.34 6.65 -55.07
CA TYR A 301 -6.22 6.52 -56.05
C TYR A 301 -6.63 5.54 -57.14
N PRO A 302 -6.47 5.92 -58.43
CA PRO A 302 -6.88 5.08 -59.55
C PRO A 302 -6.15 3.73 -59.60
N GLY A 303 -4.95 3.66 -59.02
CA GLY A 303 -4.05 2.50 -59.12
C GLY A 303 -3.96 1.74 -57.81
N VAL A 304 -3.08 0.74 -57.76
CA VAL A 304 -2.80 -0.09 -56.57
C VAL A 304 -1.36 -0.61 -56.67
N GLY A 305 -0.76 -0.99 -55.54
CA GLY A 305 0.63 -1.49 -55.50
C GLY A 305 0.79 -2.75 -56.33
N PRO A 306 1.96 -2.94 -57.00
CA PRO A 306 2.23 -4.15 -57.78
C PRO A 306 2.17 -5.45 -56.98
N GLU A 307 2.62 -5.45 -55.73
CA GLU A 307 2.68 -6.68 -54.89
C GLU A 307 1.26 -7.19 -54.64
N HIS A 308 0.26 -6.28 -54.56
CA HIS A 308 -1.18 -6.68 -54.46
C HIS A 308 -1.63 -7.31 -55.78
N ALA A 309 -1.23 -6.76 -56.92
CA ALA A 309 -1.49 -7.34 -58.26
C ALA A 309 -0.97 -8.78 -58.32
N TYR A 310 0.25 -9.01 -57.79
CA TYR A 310 0.87 -10.36 -57.68
C TYR A 310 0.02 -11.25 -56.76
N LEU A 311 -0.36 -10.78 -55.58
CA LEU A 311 -1.13 -11.60 -54.60
C LEU A 311 -2.50 -11.95 -55.17
N LYS A 312 -3.09 -11.08 -55.99
CA LYS A 312 -4.38 -11.35 -56.69
C LYS A 312 -4.19 -12.44 -57.75
N LYS A 313 -3.09 -12.42 -58.52
CA LYS A 313 -2.84 -13.38 -59.64
C LYS A 313 -2.57 -14.79 -59.08
N ILE A 314 -1.79 -14.92 -58.01
CA ILE A 314 -1.46 -16.24 -57.41
C ILE A 314 -2.61 -16.66 -56.48
N GLN A 315 -3.58 -15.77 -56.27
CA GLN A 315 -4.81 -16.01 -55.46
C GLN A 315 -4.41 -16.30 -54.01
N ARG A 316 -3.40 -15.59 -53.49
CA ARG A 316 -2.97 -15.68 -52.07
C ARG A 316 -3.84 -14.74 -51.22
N ALA A 317 -4.21 -13.58 -51.77
CA ALA A 317 -5.15 -12.60 -51.17
C ALA A 317 -6.35 -12.42 -52.10
N GLU A 318 -7.56 -12.42 -51.54
CA GLU A 318 -8.83 -12.00 -52.20
C GLU A 318 -8.98 -10.49 -52.06
N TYR A 319 -9.47 -9.81 -53.09
CA TYR A 319 -9.73 -8.35 -53.06
C TYR A 319 -11.22 -8.10 -53.29
N VAL A 320 -11.84 -7.40 -52.34
CA VAL A 320 -13.29 -7.05 -52.35
C VAL A 320 -13.41 -5.53 -52.32
N ALA A 321 -14.62 -5.02 -52.43
CA ALA A 321 -14.92 -3.57 -52.38
C ALA A 321 -16.06 -3.34 -51.39
N VAL A 322 -15.98 -2.24 -50.66
CA VAL A 322 -17.06 -1.72 -49.79
C VAL A 322 -17.38 -0.30 -50.28
N THR A 323 -18.67 0.02 -50.40
CA THR A 323 -19.18 1.35 -50.85
C THR A 323 -18.95 2.40 -49.76
N ASP A 324 -19.08 3.68 -50.12
CA ASP A 324 -19.03 4.84 -49.19
C ASP A 324 -20.05 4.65 -48.07
N GLU A 325 -21.26 4.17 -48.41
CA GLU A 325 -22.43 4.03 -47.50
C GLU A 325 -22.15 2.94 -46.45
N GLU A 326 -21.61 1.79 -46.86
CA GLU A 326 -21.27 0.65 -45.95
C GLU A 326 -20.14 1.06 -45.00
N ALA A 327 -19.15 1.78 -45.51
CA ALA A 327 -18.03 2.35 -44.72
C ALA A 327 -18.58 3.32 -43.68
N LEU A 328 -19.51 4.20 -44.06
CA LEU A 328 -20.10 5.21 -43.14
C LEU A 328 -20.83 4.48 -42.00
N LYS A 329 -21.66 3.47 -42.33
CA LYS A 329 -22.41 2.68 -41.31
C LYS A 329 -21.41 2.09 -40.30
N ALA A 330 -20.25 1.60 -40.78
CA ALA A 330 -19.19 0.96 -39.96
C ALA A 330 -18.49 2.00 -39.07
N PHE A 331 -18.28 3.20 -39.61
CA PHE A 331 -17.67 4.34 -38.87
C PHE A 331 -18.50 4.60 -37.61
N HIS A 332 -19.82 4.73 -37.78
CA HIS A 332 -20.80 4.94 -36.70
C HIS A 332 -20.83 3.72 -35.76
N GLU A 333 -20.93 2.50 -36.32
CA GLU A 333 -21.11 1.27 -35.52
C GLU A 333 -19.89 1.08 -34.59
N LEU A 334 -18.68 1.27 -35.10
CA LEU A 334 -17.45 0.99 -34.31
C LEU A 334 -17.34 2.05 -33.20
N SER A 335 -17.62 3.30 -33.53
CA SER A 335 -17.67 4.46 -32.58
C SER A 335 -18.61 4.16 -31.41
N ARG A 336 -19.86 3.78 -31.70
CA ARG A 336 -20.92 3.58 -30.68
C ARG A 336 -20.64 2.29 -29.89
N THR A 337 -20.07 1.26 -30.52
CA THR A 337 -19.97 -0.10 -29.94
C THR A 337 -18.67 -0.25 -29.15
N GLU A 338 -17.58 0.37 -29.58
CA GLU A 338 -16.23 0.14 -28.99
C GLU A 338 -15.62 1.45 -28.49
N GLY A 339 -16.26 2.59 -28.72
CA GLY A 339 -15.71 3.91 -28.37
C GLY A 339 -14.40 4.20 -29.10
N ILE A 340 -14.25 3.67 -30.32
CA ILE A 340 -13.11 3.92 -31.24
C ILE A 340 -13.65 4.57 -32.52
N ILE A 341 -13.23 5.79 -32.83
CA ILE A 341 -13.59 6.51 -34.08
C ILE A 341 -12.54 6.17 -35.14
N PRO A 342 -12.87 5.30 -36.13
CA PRO A 342 -11.91 4.88 -37.14
C PRO A 342 -11.82 5.88 -38.28
N ALA A 343 -10.64 6.01 -38.90
CA ALA A 343 -10.50 6.69 -40.22
C ALA A 343 -11.48 6.02 -41.18
N LEU A 344 -12.07 6.82 -42.08
CA LEU A 344 -13.03 6.34 -43.11
C LEU A 344 -12.38 5.29 -44.01
N GLU A 345 -11.06 5.41 -44.25
CA GLU A 345 -10.27 4.38 -44.97
C GLU A 345 -10.44 3.06 -44.23
N SER A 346 -10.14 3.05 -42.93
CA SER A 346 -10.15 1.85 -42.04
C SER A 346 -11.57 1.29 -41.91
N ALA A 347 -12.59 2.15 -42.00
CA ALA A 347 -14.01 1.78 -41.80
C ALA A 347 -14.49 0.88 -42.95
N HIS A 348 -13.79 0.94 -44.09
CA HIS A 348 -13.95 -0.03 -45.21
C HIS A 348 -13.60 -1.45 -44.71
N ALA A 349 -12.43 -1.60 -44.09
CA ALA A 349 -11.95 -2.88 -43.53
C ALA A 349 -12.99 -3.38 -42.50
N VAL A 350 -13.40 -2.50 -41.58
CA VAL A 350 -14.37 -2.83 -40.49
C VAL A 350 -15.70 -3.25 -41.12
N ALA A 351 -16.16 -2.55 -42.15
CA ALA A 351 -17.44 -2.85 -42.85
C ALA A 351 -17.38 -4.28 -43.41
N TYR A 352 -16.28 -4.69 -44.05
CA TYR A 352 -16.21 -6.04 -44.67
C TYR A 352 -16.07 -7.11 -43.59
N ALA A 353 -15.26 -6.84 -42.56
CA ALA A 353 -15.00 -7.79 -41.45
C ALA A 353 -16.31 -8.11 -40.73
N MET A 354 -17.17 -7.11 -40.57
CA MET A 354 -18.50 -7.27 -39.92
C MET A 354 -19.36 -8.24 -40.75
N LYS A 355 -19.42 -8.08 -42.08
CA LYS A 355 -20.21 -8.96 -42.97
C LYS A 355 -19.61 -10.38 -42.96
N LEU A 356 -18.29 -10.50 -42.89
CA LEU A 356 -17.58 -11.81 -42.95
C LEU A 356 -17.74 -12.53 -41.61
N ALA A 357 -17.70 -11.79 -40.50
CA ALA A 357 -17.81 -12.32 -39.12
C ALA A 357 -19.13 -13.07 -38.94
N LYS A 358 -20.23 -12.52 -39.48
CA LYS A 358 -21.61 -13.04 -39.30
C LYS A 358 -21.71 -14.46 -39.86
N GLU A 359 -20.93 -14.77 -40.91
CA GLU A 359 -21.01 -16.04 -41.68
C GLU A 359 -20.07 -17.10 -41.08
N MET A 360 -19.38 -16.78 -39.97
CA MET A 360 -18.19 -17.52 -39.50
C MET A 360 -18.43 -18.08 -38.08
N SER A 361 -17.65 -19.08 -37.69
CA SER A 361 -17.69 -19.78 -36.37
C SER A 361 -17.23 -18.83 -35.25
N ARG A 362 -17.86 -18.96 -34.08
CA ARG A 362 -17.51 -18.21 -32.85
C ARG A 362 -16.04 -18.43 -32.49
N ASP A 363 -15.49 -19.62 -32.76
CA ASP A 363 -14.08 -19.99 -32.44
C ASP A 363 -13.12 -19.30 -33.43
N GLU A 364 -13.60 -18.88 -34.60
CA GLU A 364 -12.74 -18.34 -35.68
C GLU A 364 -12.38 -16.88 -35.36
N ILE A 365 -11.28 -16.39 -35.94
CA ILE A 365 -10.62 -15.11 -35.58
C ILE A 365 -10.37 -14.30 -36.87
N ILE A 366 -10.89 -13.08 -36.89
CA ILE A 366 -10.61 -12.03 -37.90
C ILE A 366 -9.77 -10.95 -37.22
N ILE A 367 -8.63 -10.60 -37.83
CA ILE A 367 -7.87 -9.37 -37.46
C ILE A 367 -8.16 -8.33 -38.54
N VAL A 368 -8.69 -7.18 -38.12
CA VAL A 368 -8.90 -5.98 -38.98
C VAL A 368 -7.77 -4.99 -38.68
N ASN A 369 -7.07 -4.53 -39.72
CA ASN A 369 -6.10 -3.43 -39.54
C ASN A 369 -6.88 -2.12 -39.43
N LEU A 370 -6.87 -1.51 -38.25
CA LEU A 370 -7.46 -0.16 -38.02
C LEU A 370 -6.37 0.87 -38.34
N SER A 371 -6.30 1.27 -39.60
CA SER A 371 -5.15 1.97 -40.23
C SER A 371 -4.95 3.35 -39.60
N GLY A 372 -6.03 4.04 -39.23
CA GLY A 372 -5.96 5.40 -38.67
C GLY A 372 -7.14 5.72 -37.77
N ARG A 373 -7.12 6.88 -37.11
CA ARG A 373 -8.26 7.42 -36.33
C ARG A 373 -9.05 8.37 -37.22
N GLY A 374 -10.34 8.60 -36.91
CA GLY A 374 -11.32 9.26 -37.78
C GLY A 374 -11.50 10.75 -37.46
N ASP A 375 -10.69 11.30 -36.56
CA ASP A 375 -10.74 12.73 -36.13
C ASP A 375 -10.73 13.64 -37.37
N LYS A 376 -9.87 13.31 -38.34
CA LYS A 376 -9.65 14.06 -39.61
C LYS A 376 -10.89 14.00 -40.51
N ASP A 377 -11.81 13.05 -40.26
CA ASP A 377 -12.92 12.70 -41.19
C ASP A 377 -14.27 13.19 -40.63
N LEU A 378 -14.29 13.81 -39.46
CA LEU A 378 -15.54 14.15 -38.73
C LEU A 378 -16.38 15.11 -39.57
N ASP A 379 -15.76 16.11 -40.19
CA ASP A 379 -16.45 17.15 -41.00
C ASP A 379 -17.21 16.51 -42.18
N ILE A 380 -16.61 15.53 -42.87
CA ILE A 380 -17.24 14.88 -44.06
C ILE A 380 -18.30 13.88 -43.58
N VAL A 381 -18.09 13.21 -42.45
CA VAL A 381 -19.11 12.32 -41.81
C VAL A 381 -20.32 13.17 -41.37
N LEU A 382 -20.07 14.40 -40.92
CA LEU A 382 -21.08 15.42 -40.53
C LEU A 382 -21.93 15.80 -41.75
N LYS A 383 -21.28 16.17 -42.86
CA LYS A 383 -21.93 16.62 -44.12
C LYS A 383 -22.92 15.56 -44.61
N ALA A 384 -22.51 14.28 -44.58
CA ALA A 384 -23.36 13.11 -44.91
C ALA A 384 -24.36 12.87 -43.78
N MET B 1 8.14 -29.57 3.37
CA MET B 1 9.62 -29.37 3.28
C MET B 1 9.95 -28.15 2.42
N TRP B 2 9.20 -27.95 1.34
CA TRP B 2 9.43 -26.88 0.34
C TRP B 2 8.38 -25.79 0.52
N PHE B 3 8.83 -24.54 0.68
CA PHE B 3 7.99 -23.32 0.51
C PHE B 3 8.43 -22.69 -0.81
N GLY B 4 7.76 -23.09 -1.91
CA GLY B 4 8.30 -22.98 -3.27
C GLY B 4 9.68 -23.62 -3.36
N GLU B 5 10.71 -22.83 -3.65
CA GLU B 5 12.12 -23.32 -3.74
C GLU B 5 12.79 -23.28 -2.37
N PHE B 6 12.18 -22.58 -1.39
CA PHE B 6 12.80 -22.26 -0.08
C PHE B 6 12.42 -23.36 0.94
N GLY B 7 13.27 -23.53 1.96
CA GLY B 7 13.08 -24.55 3.02
C GLY B 7 14.07 -25.68 2.86
N GLY B 8 13.59 -26.93 2.90
CA GLY B 8 14.39 -28.15 2.66
C GLY B 8 14.97 -28.75 3.94
N GLN B 9 15.73 -29.84 3.80
CA GLN B 9 16.49 -30.52 4.89
C GLN B 9 17.96 -30.63 4.47
N TYR B 10 18.65 -29.48 4.34
CA TYR B 10 20.08 -29.41 3.94
C TYR B 10 20.96 -29.67 5.17
N VAL B 11 20.97 -30.92 5.63
CA VAL B 11 21.66 -31.38 6.88
C VAL B 11 22.45 -32.64 6.57
N PRO B 12 23.41 -33.03 7.45
CA PRO B 12 24.02 -34.36 7.38
C PRO B 12 23.02 -35.49 7.64
N GLU B 13 23.34 -36.70 7.17
CA GLU B 13 22.50 -37.93 7.24
C GLU B 13 22.18 -38.26 8.71
N THR B 14 23.10 -37.91 9.62
CA THR B 14 22.96 -38.09 11.09
C THR B 14 21.70 -37.39 11.62
N LEU B 15 21.25 -36.31 10.97
CA LEU B 15 20.08 -35.51 11.41
C LEU B 15 18.82 -35.91 10.64
N VAL B 16 18.94 -36.66 9.54
CA VAL B 16 17.77 -37.08 8.71
C VAL B 16 16.83 -37.93 9.59
N GLY B 17 17.41 -38.87 10.33
CA GLY B 17 16.67 -39.77 11.26
C GLY B 17 15.95 -38.99 12.34
N PRO B 18 16.67 -38.23 13.19
CA PRO B 18 16.04 -37.33 14.15
C PRO B 18 14.87 -36.52 13.57
N LEU B 19 15.09 -35.82 12.45
CA LEU B 19 14.09 -34.95 11.79
C LEU B 19 12.90 -35.79 11.28
N LYS B 20 13.16 -37.00 10.76
CA LYS B 20 12.12 -37.90 10.19
C LYS B 20 11.25 -38.45 11.32
N GLU B 21 11.84 -38.74 12.48
CA GLU B 21 11.16 -39.18 13.72
C GLU B 21 10.30 -38.02 14.25
N LEU B 22 10.83 -36.80 14.26
CA LEU B 22 10.10 -35.57 14.65
C LEU B 22 8.88 -35.38 13.75
N GLU B 23 9.03 -35.61 12.44
CA GLU B 23 7.98 -35.36 11.42
C GLU B 23 6.85 -36.39 11.58
N LYS B 24 7.19 -37.64 11.93
CA LYS B 24 6.20 -38.72 12.14
C LYS B 24 5.41 -38.42 13.41
N ALA B 25 6.11 -38.07 14.49
CA ALA B 25 5.56 -37.68 15.81
C ALA B 25 4.58 -36.51 15.65
N TYR B 26 4.99 -35.45 14.94
CA TYR B 26 4.17 -34.23 14.74
C TYR B 26 2.92 -34.57 13.94
N LYS B 27 3.02 -35.40 12.90
CA LYS B 27 1.90 -35.78 12.01
C LYS B 27 0.80 -36.45 12.84
N ARG B 28 1.19 -37.31 13.79
CA ARG B 28 0.29 -38.09 14.67
C ARG B 28 -0.35 -37.15 15.69
N PHE B 29 0.46 -36.33 16.37
CA PHE B 29 0.05 -35.52 17.56
C PHE B 29 -0.70 -34.25 17.12
N LYS B 30 -0.38 -33.66 15.97
CA LYS B 30 -0.90 -32.32 15.56
C LYS B 30 -2.43 -32.35 15.47
N ASP B 31 -3.04 -33.52 15.28
CA ASP B 31 -4.51 -33.69 15.13
C ASP B 31 -5.03 -34.67 16.19
N ASP B 32 -4.23 -34.96 17.22
CA ASP B 32 -4.63 -35.81 18.38
C ASP B 32 -5.45 -34.94 19.34
N GLU B 33 -6.60 -35.44 19.79
CA GLU B 33 -7.54 -34.69 20.68
C GLU B 33 -6.82 -34.38 22.00
N GLU B 34 -6.04 -35.33 22.53
CA GLU B 34 -5.44 -35.27 23.89
C GLU B 34 -4.26 -34.30 23.91
N PHE B 35 -3.46 -34.23 22.84
CA PHE B 35 -2.34 -33.25 22.70
C PHE B 35 -2.92 -31.83 22.60
N ASN B 36 -3.96 -31.64 21.79
CA ASN B 36 -4.56 -30.31 21.52
C ASN B 36 -5.22 -29.80 22.81
N ARG B 37 -5.88 -30.70 23.55
CA ARG B 37 -6.56 -30.42 24.84
C ARG B 37 -5.52 -29.95 25.86
N GLN B 38 -4.43 -30.71 26.04
CA GLN B 38 -3.33 -30.39 26.99
C GLN B 38 -2.65 -29.08 26.59
N LEU B 39 -2.43 -28.85 25.29
CA LEU B 39 -1.76 -27.63 24.76
C LEU B 39 -2.61 -26.41 25.11
N ASN B 40 -3.92 -26.46 24.78
CA ASN B 40 -4.90 -25.38 25.00
C ASN B 40 -5.03 -25.11 26.50
N TYR B 41 -5.03 -26.16 27.33
CA TYR B 41 -5.09 -26.10 28.81
C TYR B 41 -3.90 -25.30 29.35
N TYR B 42 -2.68 -25.59 28.88
CA TYR B 42 -1.46 -24.87 29.33
C TYR B 42 -1.46 -23.44 28.77
N LEU B 43 -1.87 -23.25 27.52
CA LEU B 43 -1.91 -21.92 26.87
C LEU B 43 -2.92 -21.02 27.60
N LYS B 44 -4.02 -21.59 28.08
CA LYS B 44 -5.08 -20.86 28.83
C LYS B 44 -4.61 -20.58 30.26
N THR B 45 -4.41 -21.63 31.07
CA THR B 45 -4.31 -21.53 32.55
C THR B 45 -2.90 -21.08 32.94
N TRP B 46 -1.90 -21.35 32.10
CA TRP B 46 -0.47 -21.06 32.42
C TRP B 46 0.00 -19.82 31.65
N ALA B 47 -0.29 -19.72 30.35
CA ALA B 47 0.22 -18.64 29.46
C ALA B 47 -0.75 -17.46 29.44
N GLY B 48 -2.03 -17.70 29.74
CA GLY B 48 -3.06 -16.64 29.82
C GLY B 48 -3.59 -16.27 28.45
N ARG B 49 -3.68 -17.25 27.54
CA ARG B 49 -4.35 -17.14 26.22
C ARG B 49 -5.85 -17.35 26.43
N PRO B 50 -6.75 -16.62 25.72
CA PRO B 50 -6.34 -15.72 24.63
C PRO B 50 -5.79 -14.39 25.13
N THR B 51 -4.90 -13.76 24.36
CA THR B 51 -4.46 -12.36 24.57
C THR B 51 -5.45 -11.42 23.88
N PRO B 52 -5.67 -10.22 24.43
CA PRO B 52 -6.65 -9.28 23.87
C PRO B 52 -6.16 -8.63 22.58
N LEU B 53 -7.08 -8.05 21.82
CA LEU B 53 -6.80 -7.12 20.69
C LEU B 53 -7.21 -5.71 21.14
N TYR B 54 -6.22 -4.85 21.39
CA TYR B 54 -6.42 -3.47 21.91
C TYR B 54 -6.50 -2.48 20.75
N TYR B 55 -7.58 -1.70 20.68
CA TYR B 55 -7.71 -0.50 19.81
C TYR B 55 -6.96 0.67 20.44
N ALA B 56 -5.86 1.10 19.82
CA ALA B 56 -5.06 2.27 20.25
C ALA B 56 -5.76 3.56 19.78
N LYS B 57 -6.80 3.99 20.49
CA LYS B 57 -7.67 5.14 20.10
C LYS B 57 -6.80 6.39 19.96
N ARG B 58 -5.95 6.65 20.95
CA ARG B 58 -5.22 7.94 21.09
C ARG B 58 -4.11 8.01 20.03
N LEU B 59 -3.51 6.87 19.68
CA LEU B 59 -2.47 6.80 18.62
C LEU B 59 -3.12 7.03 17.26
N THR B 60 -4.27 6.38 17.03
CA THR B 60 -5.12 6.53 15.83
C THR B 60 -5.50 8.01 15.62
N GLU B 61 -5.87 8.71 16.70
CA GLU B 61 -6.37 10.11 16.66
C GLU B 61 -5.19 11.08 16.40
N LYS B 62 -4.03 10.83 17.04
CA LYS B 62 -2.79 11.65 16.90
C LYS B 62 -2.25 11.56 15.46
N ILE B 63 -2.33 10.37 14.84
CA ILE B 63 -1.95 10.13 13.41
C ILE B 63 -3.05 10.71 12.51
N GLY B 64 -4.32 10.50 12.88
CA GLY B 64 -5.51 11.00 12.16
C GLY B 64 -5.78 10.24 10.87
N GLY B 65 -5.25 9.01 10.77
CA GLY B 65 -5.45 8.09 9.63
C GLY B 65 -6.20 6.85 10.06
N ALA B 66 -5.71 5.67 9.68
CA ALA B 66 -6.39 4.36 9.85
C ALA B 66 -6.43 3.96 11.33
N LYS B 67 -7.47 3.21 11.70
CA LYS B 67 -7.61 2.56 13.03
C LYS B 67 -6.45 1.58 13.22
N VAL B 68 -5.63 1.81 14.25
CA VAL B 68 -4.48 0.94 14.66
C VAL B 68 -4.93 0.08 15.84
N TYR B 69 -5.05 -1.23 15.64
CA TYR B 69 -5.27 -2.26 16.68
C TYR B 69 -3.93 -2.93 17.02
N LEU B 70 -3.77 -3.39 18.25
CA LEU B 70 -2.51 -4.01 18.75
C LEU B 70 -2.84 -5.39 19.32
N LYS B 71 -2.38 -6.44 18.65
CA LYS B 71 -2.49 -7.85 19.15
C LYS B 71 -1.45 -7.98 20.25
N ARG B 72 -1.92 -8.22 21.49
CA ARG B 72 -1.16 -7.98 22.74
C ARG B 72 -0.45 -9.25 23.19
N GLU B 73 0.53 -9.71 22.41
CA GLU B 73 1.40 -10.87 22.78
C GLU B 73 2.35 -10.46 23.92
N ASP B 74 2.50 -9.15 24.17
CA ASP B 74 3.23 -8.61 25.35
C ASP B 74 2.65 -9.16 26.67
N LEU B 75 1.39 -9.61 26.68
CA LEU B 75 0.66 -9.99 27.92
C LEU B 75 0.72 -11.49 28.18
N VAL B 76 1.34 -12.26 27.28
CA VAL B 76 1.48 -13.74 27.48
C VAL B 76 2.59 -13.95 28.51
N HIS B 77 2.43 -14.98 29.35
CA HIS B 77 3.46 -15.39 30.35
C HIS B 77 4.83 -15.39 29.67
N GLY B 78 5.83 -14.75 30.29
CA GLY B 78 7.20 -14.61 29.77
C GLY B 78 7.41 -13.26 29.10
N GLY B 79 6.32 -12.67 28.57
CA GLY B 79 6.30 -11.32 28.00
C GLY B 79 6.63 -11.30 26.51
N ALA B 80 6.38 -12.40 25.79
CA ALA B 80 6.69 -12.53 24.35
C ALA B 80 5.92 -13.72 23.76
N HIS B 81 5.63 -13.64 22.47
CA HIS B 81 4.99 -14.71 21.64
C HIS B 81 5.75 -16.04 21.74
N THR B 83 6.67 -17.97 24.00
CA THR B 83 6.01 -18.92 24.94
C THR B 83 5.12 -19.90 24.18
N ASN B 84 4.33 -19.42 23.22
CA ASN B 84 3.36 -20.25 22.45
C ASN B 84 4.08 -21.47 21.88
N ASN B 85 5.28 -21.24 21.31
CA ASN B 85 6.10 -22.26 20.61
C ASN B 85 6.85 -23.12 21.64
N ALA B 86 7.32 -22.49 22.73
CA ALA B 86 8.02 -23.14 23.86
C ALA B 86 7.13 -24.24 24.46
N ILE B 87 5.86 -23.91 24.75
CA ILE B 87 4.85 -24.84 25.34
C ILE B 87 4.57 -25.97 24.34
N GLY B 88 4.23 -25.60 23.10
CA GLY B 88 3.79 -26.54 22.04
C GLY B 88 4.82 -27.64 21.83
N GLN B 89 6.07 -27.24 21.59
CA GLN B 89 7.20 -28.15 21.29
C GLN B 89 7.57 -28.97 22.54
N ALA B 90 7.54 -28.36 23.73
CA ALA B 90 7.94 -29.02 24.98
C ALA B 90 6.92 -30.10 25.32
N LEU B 91 5.65 -29.89 24.97
CA LEU B 91 4.55 -30.87 25.19
C LEU B 91 4.71 -32.02 24.20
N LEU B 92 4.85 -31.71 22.90
CA LEU B 92 5.13 -32.70 21.83
C LEU B 92 6.30 -33.59 22.27
N ALA B 93 7.43 -32.97 22.62
CA ALA B 93 8.65 -33.62 23.12
C ALA B 93 8.31 -34.60 24.25
N LYS B 94 7.49 -34.18 25.22
CA LYS B 94 7.12 -35.02 26.40
C LYS B 94 6.29 -36.22 25.93
N LEU B 95 5.35 -36.01 25.01
CA LEU B 95 4.45 -37.07 24.48
C LEU B 95 5.23 -38.03 23.59
N MET B 96 6.27 -37.51 22.90
CA MET B 96 7.25 -38.32 22.14
C MET B 96 8.04 -39.23 23.09
N GLY B 97 8.22 -38.78 24.34
CA GLY B 97 8.89 -39.54 25.42
C GLY B 97 10.28 -39.02 25.70
N LYS B 98 10.54 -37.76 25.36
CA LYS B 98 11.82 -37.05 25.64
C LYS B 98 11.79 -36.55 27.10
N THR B 99 12.97 -36.45 27.73
CA THR B 99 13.17 -36.02 29.14
C THR B 99 13.95 -34.71 29.20
N ARG B 100 14.53 -34.30 28.07
CA ARG B 100 15.46 -33.14 27.97
C ARG B 100 15.02 -32.25 26.79
N LEU B 101 15.07 -30.93 27.01
CA LEU B 101 14.91 -29.91 25.95
C LEU B 101 16.26 -29.19 25.79
N ILE B 102 16.74 -29.05 24.55
CA ILE B 102 17.85 -28.12 24.19
C ILE B 102 17.26 -27.04 23.28
N ALA B 103 17.85 -25.85 23.31
CA ALA B 103 17.38 -24.69 22.52
C ALA B 103 18.54 -23.70 22.34
N GLU B 104 18.53 -22.99 21.21
CA GLU B 104 19.44 -21.86 20.93
C GLU B 104 18.76 -20.57 21.40
N THR B 105 19.56 -19.55 21.73
CA THR B 105 19.05 -18.18 22.03
C THR B 105 20.21 -17.19 21.87
N GLY B 106 19.88 -15.95 21.46
CA GLY B 106 20.80 -14.81 21.41
C GLY B 106 20.29 -13.63 22.23
N ALA B 107 19.04 -13.24 22.00
CA ALA B 107 18.29 -12.25 22.82
C ALA B 107 18.07 -12.81 24.24
N GLY B 108 17.93 -14.13 24.36
CA GLY B 108 17.69 -14.83 25.64
C GLY B 108 16.22 -15.08 25.88
N GLN B 109 15.33 -14.45 25.11
CA GLN B 109 13.86 -14.54 25.29
C GLN B 109 13.42 -15.99 25.02
N HIS B 110 13.93 -16.61 23.95
CA HIS B 110 13.59 -18.01 23.60
C HIS B 110 14.18 -18.95 24.67
N GLY B 111 15.35 -18.61 25.20
CA GLY B 111 16.00 -19.32 26.31
C GLY B 111 15.19 -19.26 27.59
N VAL B 112 14.62 -18.09 27.91
CA VAL B 112 13.71 -17.93 29.08
C VAL B 112 12.44 -18.75 28.82
N ALA B 113 11.83 -18.60 27.64
CA ALA B 113 10.58 -19.30 27.25
C ALA B 113 10.75 -20.82 27.43
N THR B 114 11.83 -21.38 26.91
CA THR B 114 12.11 -22.84 26.92
C THR B 114 12.29 -23.33 28.37
N ALA B 115 12.99 -22.54 29.18
CA ALA B 115 13.24 -22.82 30.62
C ALA B 115 11.90 -22.89 31.37
N MET B 116 11.01 -21.92 31.13
CA MET B 116 9.66 -21.82 31.76
C MET B 116 8.85 -23.07 31.39
N ALA B 117 8.84 -23.43 30.10
CA ALA B 117 8.11 -24.61 29.55
C ALA B 117 8.71 -25.91 30.11
N GLY B 118 10.04 -25.99 30.16
CA GLY B 118 10.75 -27.15 30.74
C GLY B 118 10.41 -27.34 32.20
N ALA B 119 10.45 -26.25 32.97
CA ALA B 119 10.07 -26.21 34.40
C ALA B 119 8.62 -26.68 34.55
N LEU B 120 7.72 -26.16 33.70
CA LEU B 120 6.26 -26.50 33.71
C LEU B 120 6.09 -28.01 33.57
N LEU B 121 6.66 -28.61 32.52
CA LEU B 121 6.41 -30.03 32.13
C LEU B 121 7.40 -30.98 32.81
N GLY B 122 8.36 -30.46 33.57
CA GLY B 122 9.26 -31.26 34.42
C GLY B 122 10.37 -31.90 33.61
N MET B 123 10.96 -31.15 32.70
CA MET B 123 12.00 -31.64 31.75
C MET B 123 13.31 -30.88 31.99
N LYS B 124 14.44 -31.59 31.90
CA LYS B 124 15.79 -30.97 31.94
C LYS B 124 15.92 -30.02 30.75
N VAL B 125 16.52 -28.84 30.97
CA VAL B 125 16.70 -27.78 29.94
C VAL B 125 18.17 -27.37 29.89
N ASP B 126 18.79 -27.53 28.72
CA ASP B 126 20.14 -26.99 28.43
C ASP B 126 19.98 -25.96 27.29
N ILE B 127 20.40 -24.71 27.52
CA ILE B 127 20.28 -23.60 26.54
C ILE B 127 21.67 -23.29 25.98
N TYR B 128 21.81 -23.38 24.65
CA TYR B 128 23.04 -23.01 23.91
C TYR B 128 22.95 -21.53 23.51
N MET B 129 23.97 -20.76 23.89
CA MET B 129 24.01 -19.28 23.78
C MET B 129 25.47 -18.87 23.57
N GLY B 130 25.74 -18.04 22.56
CA GLY B 130 27.09 -17.52 22.27
C GLY B 130 27.63 -16.70 23.42
N ALA B 131 28.95 -16.73 23.64
CA ALA B 131 29.67 -16.02 24.73
C ALA B 131 29.42 -14.51 24.63
N GLU B 132 29.28 -13.98 23.41
CA GLU B 132 29.02 -12.54 23.14
C GLU B 132 27.59 -12.20 23.58
N ASP B 133 26.66 -13.14 23.39
CA ASP B 133 25.24 -13.02 23.81
C ASP B 133 25.13 -13.22 25.33
N VAL B 134 25.86 -14.19 25.88
CA VAL B 134 25.94 -14.47 27.34
C VAL B 134 26.40 -13.19 28.07
N GLU B 135 27.38 -12.48 27.52
CA GLU B 135 27.91 -11.21 28.08
C GLU B 135 26.86 -10.10 27.93
N ARG B 136 26.08 -10.10 26.85
CA ARG B 136 25.09 -9.04 26.51
C ARG B 136 23.82 -9.20 27.36
N GLN B 137 23.41 -10.42 27.68
CA GLN B 137 22.04 -10.74 28.18
C GLN B 137 22.11 -11.43 29.55
N LYS B 138 22.72 -10.76 30.54
CA LYS B 138 23.03 -11.36 31.87
C LYS B 138 21.75 -11.65 32.66
N MET B 139 20.73 -10.78 32.55
CA MET B 139 19.44 -10.95 33.29
C MET B 139 18.70 -12.18 32.77
N ASN B 140 18.65 -12.38 31.45
CA ASN B 140 18.00 -13.54 30.81
C ASN B 140 18.76 -14.83 31.18
N VAL B 141 20.09 -14.75 31.29
CA VAL B 141 20.93 -15.91 31.73
C VAL B 141 20.60 -16.22 33.20
N PHE B 142 20.34 -15.20 34.03
CA PHE B 142 19.93 -15.37 35.44
C PHE B 142 18.52 -15.98 35.50
N ARG B 143 17.56 -15.45 34.72
CA ARG B 143 16.17 -15.94 34.66
C ARG B 143 16.17 -17.45 34.40
N MET B 144 16.98 -17.89 33.43
CA MET B 144 17.08 -19.32 32.98
C MET B 144 17.63 -20.17 34.14
N LYS B 145 18.52 -19.59 34.96
CA LYS B 145 19.11 -20.26 36.16
C LYS B 145 18.05 -20.38 37.26
N LEU B 146 17.19 -19.37 37.42
CA LEU B 146 16.07 -19.40 38.39
C LEU B 146 15.06 -20.47 37.97
N LEU B 147 14.79 -20.58 36.66
CA LEU B 147 13.77 -21.50 36.08
C LEU B 147 14.32 -22.92 36.01
N GLY B 148 15.58 -23.13 36.42
CA GLY B 148 16.21 -24.46 36.56
C GLY B 148 16.91 -24.94 35.30
N ALA B 149 17.08 -24.06 34.31
CA ALA B 149 17.81 -24.37 33.06
C ALA B 149 19.32 -24.28 33.31
N ASN B 150 20.11 -24.97 32.50
CA ASN B 150 21.58 -24.80 32.42
C ASN B 150 21.90 -23.99 31.17
N VAL B 151 22.75 -22.97 31.28
CA VAL B 151 23.22 -22.16 30.11
C VAL B 151 24.61 -22.67 29.73
N ILE B 152 24.68 -23.37 28.59
CA ILE B 152 25.96 -23.88 28.00
C ILE B 152 26.48 -22.83 27.02
N PRO B 153 27.54 -22.07 27.38
CA PRO B 153 28.07 -21.03 26.50
C PRO B 153 28.75 -21.63 25.25
N VAL B 154 28.61 -20.94 24.11
CA VAL B 154 29.04 -21.43 22.77
C VAL B 154 30.21 -20.57 22.30
N ASN B 155 31.41 -21.16 22.21
CA ASN B 155 32.69 -20.46 21.96
C ASN B 155 33.14 -20.68 20.51
N SER B 156 32.26 -21.22 19.66
CA SER B 156 32.55 -21.61 18.25
C SER B 156 32.21 -20.46 17.30
N GLY B 157 33.13 -20.14 16.39
CA GLY B 157 32.92 -19.26 15.22
C GLY B 157 32.61 -17.83 15.63
N SER B 158 31.46 -17.31 15.23
CA SER B 158 30.96 -15.95 15.55
C SER B 158 30.52 -15.88 17.02
N ARG B 159 30.29 -17.03 17.65
CA ARG B 159 29.87 -17.15 19.07
C ARG B 159 28.59 -16.35 19.28
N THR B 160 27.70 -16.36 18.28
CA THR B 160 26.36 -15.72 18.30
C THR B 160 25.32 -16.81 18.01
N LEU B 161 24.10 -16.41 17.65
CA LEU B 161 22.92 -17.31 17.50
C LEU B 161 23.23 -18.45 16.53
N LYS B 162 23.80 -18.13 15.36
CA LYS B 162 24.02 -19.10 14.24
C LYS B 162 24.92 -20.24 14.70
N ASP B 163 25.89 -19.97 15.58
CA ASP B 163 26.87 -20.98 16.08
C ASP B 163 26.25 -21.73 17.26
N ALA B 164 25.34 -21.09 17.99
CA ALA B 164 24.50 -21.74 19.03
C ALA B 164 23.56 -22.75 18.36
N ILE B 165 23.00 -22.41 17.20
CA ILE B 165 22.17 -23.35 16.37
C ILE B 165 23.04 -24.57 15.99
N ASN B 166 24.28 -24.34 15.57
CA ASN B 166 25.22 -25.41 15.11
C ASN B 166 25.53 -26.35 16.27
N GLU B 167 25.86 -25.78 17.45
CA GLU B 167 26.23 -26.54 18.68
C GLU B 167 25.01 -27.32 19.19
N ALA B 168 23.81 -26.76 19.04
CA ALA B 168 22.54 -27.39 19.47
C ALA B 168 22.30 -28.67 18.65
N LEU B 169 22.51 -28.60 17.34
CA LEU B 169 22.27 -29.73 16.40
C LEU B 169 23.26 -30.87 16.68
N ARG B 170 24.54 -30.57 16.89
CA ARG B 170 25.61 -31.58 17.16
C ARG B 170 25.27 -32.36 18.44
N ASP B 171 24.76 -31.67 19.46
CA ASP B 171 24.24 -32.28 20.71
C ASP B 171 23.03 -33.17 20.39
N TRP B 172 22.08 -32.66 19.60
CA TRP B 172 20.79 -33.34 19.30
C TRP B 172 21.04 -34.67 18.57
N VAL B 173 22.14 -34.79 17.81
CA VAL B 173 22.47 -36.04 17.05
C VAL B 173 22.75 -37.17 18.05
N ALA B 174 23.47 -36.87 19.14
CA ALA B 174 23.89 -37.82 20.19
C ALA B 174 22.70 -38.17 21.11
N THR B 175 21.77 -37.24 21.30
CA THR B 175 20.83 -37.19 22.46
C THR B 175 19.38 -37.31 22.00
N PHE B 176 19.14 -37.44 20.69
CA PHE B 176 17.80 -37.28 20.05
C PHE B 176 16.82 -38.33 20.59
N GLU B 177 17.33 -39.46 21.10
CA GLU B 177 16.51 -40.49 21.79
C GLU B 177 15.77 -39.86 22.98
N TYR B 178 16.47 -39.07 23.80
CA TYR B 178 15.94 -38.55 25.09
C TYR B 178 15.74 -37.03 25.02
N THR B 179 16.38 -36.34 24.08
CA THR B 179 16.37 -34.85 23.98
C THR B 179 15.51 -34.41 22.77
N HIS B 180 14.85 -33.26 22.90
CA HIS B 180 14.19 -32.53 21.79
C HIS B 180 14.81 -31.15 21.62
N TYR B 181 15.21 -30.81 20.39
CA TYR B 181 15.74 -29.47 20.03
C TYR B 181 14.55 -28.55 19.76
N LEU B 182 14.36 -27.54 20.62
CA LEU B 182 13.29 -26.53 20.52
C LEU B 182 13.87 -25.28 19.84
N ILE B 183 13.72 -25.18 18.52
CA ILE B 183 14.09 -23.99 17.71
C ILE B 183 13.11 -22.87 18.10
N GLY B 184 13.57 -21.62 18.07
CA GLY B 184 12.80 -20.47 18.60
C GLY B 184 12.20 -19.60 17.49
N SER B 185 12.26 -20.05 16.23
CA SER B 185 11.72 -19.30 15.07
C SER B 185 11.40 -20.26 13.92
N VAL B 186 10.69 -19.77 12.91
CA VAL B 186 10.28 -20.52 11.68
C VAL B 186 11.51 -20.65 10.78
N VAL B 187 12.61 -21.17 11.33
CA VAL B 187 13.90 -21.38 10.62
C VAL B 187 14.38 -22.81 10.90
N GLY B 188 15.49 -23.21 10.26
CA GLY B 188 16.10 -24.52 10.44
C GLY B 188 15.61 -25.52 9.39
N PRO B 189 16.00 -26.82 9.51
CA PRO B 189 15.50 -27.86 8.62
C PRO B 189 14.03 -28.20 8.89
N HIS B 190 13.31 -28.63 7.85
CA HIS B 190 11.97 -29.28 7.96
C HIS B 190 12.06 -30.42 8.96
N PRO B 191 11.07 -30.60 9.87
CA PRO B 191 9.79 -29.88 9.81
C PRO B 191 9.66 -28.61 10.67
N TYR B 192 10.78 -28.04 11.12
CA TYR B 192 10.76 -26.99 12.17
C TYR B 192 9.97 -25.77 11.71
N PRO B 193 10.25 -25.18 10.53
CA PRO B 193 9.57 -23.96 10.11
C PRO B 193 8.04 -24.09 10.04
N THR B 194 7.54 -25.29 9.70
CA THR B 194 6.09 -25.63 9.70
C THR B 194 5.58 -25.72 11.14
N ILE B 195 6.24 -26.53 11.98
CA ILE B 195 5.86 -26.78 13.40
C ILE B 195 5.73 -25.42 14.13
N VAL B 196 6.76 -24.58 14.01
CA VAL B 196 6.87 -23.31 14.80
C VAL B 196 5.74 -22.37 14.35
N ARG B 197 5.53 -22.27 13.04
CA ARG B 197 4.42 -21.46 12.45
C ARG B 197 3.08 -22.03 12.95
N ASP B 198 2.94 -23.36 13.02
CA ASP B 198 1.67 -24.03 13.41
C ASP B 198 1.35 -23.71 14.88
N PHE B 199 2.36 -23.64 15.76
CA PHE B 199 2.20 -23.33 17.21
C PHE B 199 2.05 -21.82 17.44
N GLN B 200 2.39 -20.98 16.45
CA GLN B 200 2.26 -19.51 16.53
C GLN B 200 0.98 -19.04 15.83
N SER B 201 0.33 -19.92 15.07
CA SER B 201 -0.90 -19.58 14.29
CA SER B 201 -0.89 -19.59 14.29
C SER B 201 -2.06 -19.24 15.23
N VAL B 202 -1.99 -19.67 16.49
CA VAL B 202 -3.02 -19.34 17.52
C VAL B 202 -3.16 -17.81 17.61
N ILE B 203 -2.07 -17.06 17.39
CA ILE B 203 -2.07 -15.56 17.41
C ILE B 203 -3.08 -15.08 16.37
N GLY B 204 -2.93 -15.53 15.12
CA GLY B 204 -3.77 -15.11 13.98
C GLY B 204 -5.23 -15.52 14.16
N ARG B 205 -5.45 -16.78 14.58
CA ARG B 205 -6.82 -17.36 14.75
C ARG B 205 -7.59 -16.52 15.76
N GLU B 206 -6.95 -16.13 16.87
CA GLU B 206 -7.51 -15.21 17.89
C GLU B 206 -7.80 -13.86 17.23
N ALA B 207 -6.79 -13.24 16.61
CA ALA B 207 -6.83 -11.86 16.09
C ALA B 207 -7.94 -11.74 15.03
N LYS B 208 -8.12 -12.75 14.18
CA LYS B 208 -9.22 -12.82 13.19
C LYS B 208 -10.57 -12.77 13.91
N ALA B 209 -10.76 -13.64 14.90
CA ALA B 209 -12.02 -13.79 15.67
C ALA B 209 -12.33 -12.47 16.38
N GLN B 210 -11.31 -11.84 16.95
CA GLN B 210 -11.42 -10.62 17.80
C GLN B 210 -11.74 -9.42 16.91
N ILE B 211 -11.06 -9.26 15.77
CA ILE B 211 -11.24 -8.08 14.87
C ILE B 211 -12.65 -8.13 14.23
N LEU B 212 -13.16 -9.32 13.96
CA LEU B 212 -14.54 -9.53 13.43
C LEU B 212 -15.56 -9.17 14.52
N GLU B 213 -15.27 -9.47 15.79
CA GLU B 213 -16.10 -9.03 16.94
C GLU B 213 -16.05 -7.51 17.07
N ALA B 214 -14.85 -6.92 16.98
CA ALA B 214 -14.58 -5.50 17.24
C ALA B 214 -15.14 -4.60 16.13
N GLU B 215 -14.80 -4.89 14.87
CA GLU B 215 -15.01 -3.98 13.71
C GLU B 215 -15.96 -4.59 12.67
N GLY B 216 -16.38 -5.85 12.85
CA GLY B 216 -17.36 -6.52 11.97
C GLY B 216 -16.77 -6.88 10.61
N GLN B 217 -15.49 -6.56 10.37
CA GLN B 217 -14.80 -6.77 9.07
C GLN B 217 -13.35 -7.23 9.32
N LEU B 218 -12.71 -7.77 8.29
CA LEU B 218 -11.29 -8.23 8.32
C LEU B 218 -10.38 -7.03 8.18
N PRO B 219 -9.14 -7.11 8.72
CA PRO B 219 -8.20 -5.98 8.68
C PRO B 219 -7.81 -5.64 7.25
N ASP B 220 -7.50 -4.37 6.99
CA ASP B 220 -7.03 -3.89 5.67
C ASP B 220 -5.53 -4.21 5.57
N VAL B 221 -4.78 -4.06 6.67
CA VAL B 221 -3.33 -4.42 6.72
C VAL B 221 -3.03 -5.16 8.03
N ILE B 222 -2.04 -6.06 8.01
CA ILE B 222 -1.44 -6.69 9.22
C ILE B 222 0.08 -6.48 9.18
N VAL B 223 0.64 -5.90 10.25
CA VAL B 223 2.07 -5.50 10.35
C VAL B 223 2.70 -6.29 11.51
N ALA B 224 3.83 -6.95 11.26
CA ALA B 224 4.55 -7.75 12.27
C ALA B 224 6.05 -7.62 12.00
N CYS B 225 6.85 -7.34 13.04
CA CYS B 225 8.34 -7.32 12.94
C CYS B 225 8.81 -8.73 12.55
N VAL B 226 9.97 -8.80 11.87
CA VAL B 226 10.53 -10.08 11.36
C VAL B 226 12.02 -10.13 11.71
N GLY B 227 12.39 -11.05 12.60
CA GLY B 227 13.78 -11.47 12.86
C GLY B 227 14.09 -12.77 12.15
N GLY B 228 13.47 -13.86 12.63
CA GLY B 228 13.39 -15.15 11.91
C GLY B 228 12.03 -15.35 11.27
N GLY B 229 10.95 -14.92 11.93
CA GLY B 229 9.62 -14.70 11.30
C GLY B 229 8.48 -15.46 11.97
N SER B 230 8.65 -15.90 13.22
CA SER B 230 7.68 -16.77 13.95
C SER B 230 6.44 -15.97 14.40
N ASN B 231 6.62 -14.75 14.91
CA ASN B 231 5.46 -13.92 15.35
C ASN B 231 4.68 -13.50 14.10
N ALA B 232 5.39 -13.08 13.04
CA ALA B 232 4.84 -12.61 11.76
C ALA B 232 4.06 -13.73 11.07
N MET B 233 4.62 -14.95 11.05
CA MET B 233 3.96 -16.14 10.44
C MET B 233 2.72 -16.48 11.28
N GLY B 234 2.85 -16.41 12.61
CA GLY B 234 1.75 -16.70 13.56
C GLY B 234 0.51 -15.90 13.21
N ILE B 235 0.66 -14.58 13.03
CA ILE B 235 -0.49 -13.64 12.81
C ILE B 235 -0.84 -13.61 11.31
N PHE B 236 0.11 -13.92 10.42
CA PHE B 236 -0.11 -13.93 8.94
C PHE B 236 -0.95 -15.14 8.51
N TYR B 237 -0.60 -16.34 8.98
CA TYR B 237 -0.97 -17.63 8.34
C TYR B 237 -2.49 -17.73 8.16
N PRO B 238 -3.32 -17.47 9.19
CA PRO B 238 -4.77 -17.63 9.06
C PRO B 238 -5.46 -16.61 8.14
N PHE B 239 -4.71 -15.61 7.65
CA PHE B 239 -5.20 -14.53 6.74
C PHE B 239 -4.68 -14.71 5.31
N VAL B 240 -3.78 -15.69 5.09
CA VAL B 240 -3.07 -15.87 3.78
C VAL B 240 -4.10 -16.10 2.67
N ASN B 241 -5.17 -16.86 2.94
CA ASN B 241 -6.22 -17.22 1.95
C ASN B 241 -7.27 -16.11 1.85
N ASP B 242 -7.22 -15.11 2.73
CA ASP B 242 -8.04 -13.87 2.65
C ASP B 242 -7.24 -12.80 1.88
N LYS B 243 -7.44 -12.74 0.56
CA LYS B 243 -6.58 -11.98 -0.40
C LYS B 243 -6.69 -10.48 -0.12
N LYS B 244 -7.84 -10.02 0.40
CA LYS B 244 -8.12 -8.59 0.68
C LYS B 244 -7.19 -8.06 1.77
N VAL B 245 -6.73 -8.93 2.68
CA VAL B 245 -5.86 -8.56 3.84
C VAL B 245 -4.40 -8.50 3.36
N LYS B 246 -3.84 -7.29 3.25
CA LYS B 246 -2.39 -7.08 2.98
C LYS B 246 -1.60 -7.57 4.19
N LEU B 247 -0.40 -8.09 3.94
CA LEU B 247 0.53 -8.61 4.97
C LEU B 247 1.87 -7.88 4.82
N VAL B 248 2.32 -7.18 5.86
CA VAL B 248 3.60 -6.40 5.84
C VAL B 248 4.49 -6.93 6.96
N GLY B 249 5.58 -7.59 6.60
CA GLY B 249 6.71 -7.89 7.49
C GLY B 249 7.62 -6.68 7.60
N VAL B 250 8.15 -6.42 8.79
CA VAL B 250 9.09 -5.30 9.06
C VAL B 250 10.40 -5.89 9.59
N GLU B 251 11.46 -5.85 8.79
CA GLU B 251 12.82 -6.25 9.20
C GLU B 251 13.54 -5.04 9.82
N ALA B 252 14.69 -5.26 10.44
CA ALA B 252 15.50 -4.26 11.18
C ALA B 252 16.46 -3.54 10.22
N GLY B 253 16.31 -2.22 10.10
CA GLY B 253 17.12 -1.35 9.22
C GLY B 253 18.44 -0.94 9.85
N GLY B 254 18.68 -1.32 11.11
CA GLY B 254 19.93 -1.06 11.85
C GLY B 254 20.28 0.43 11.85
N LYS B 255 21.54 0.76 11.53
CA LYS B 255 22.05 2.16 11.44
C LYS B 255 21.73 2.75 10.06
N GLY B 256 20.77 2.16 9.33
CA GLY B 256 20.40 2.50 7.95
C GLY B 256 20.76 1.39 6.97
N LEU B 257 19.95 1.17 5.94
CA LEU B 257 20.13 0.08 4.95
C LEU B 257 21.50 0.18 4.26
N GLU B 258 22.00 1.39 4.02
CA GLU B 258 23.26 1.63 3.27
C GLU B 258 24.43 1.82 4.24
N SER B 259 24.21 1.57 5.54
CA SER B 259 25.22 1.69 6.62
C SER B 259 26.12 0.45 6.67
N GLY B 260 25.55 -0.72 6.36
CA GLY B 260 26.23 -2.03 6.44
C GLY B 260 26.12 -2.66 7.82
N LYS B 261 25.14 -2.22 8.61
CA LYS B 261 24.83 -2.76 9.97
C LYS B 261 23.31 -2.84 10.12
N HIS B 262 22.70 -3.88 9.54
CA HIS B 262 21.24 -4.16 9.58
C HIS B 262 21.04 -5.68 9.68
N SER B 263 19.79 -6.15 9.68
CA SER B 263 19.40 -7.58 9.75
C SER B 263 18.32 -7.87 8.70
N ALA B 264 18.20 -7.01 7.68
CA ALA B 264 17.14 -7.06 6.65
C ALA B 264 17.52 -8.06 5.55
N SER B 265 17.25 -9.34 5.79
CA SER B 265 17.58 -10.49 4.90
C SER B 265 16.75 -10.44 3.63
N LEU B 266 15.43 -10.27 3.74
CA LEU B 266 14.48 -10.27 2.59
C LEU B 266 14.73 -9.05 1.69
N ASN B 267 15.18 -7.93 2.27
CA ASN B 267 15.32 -6.63 1.57
C ASN B 267 16.66 -6.57 0.82
N ALA B 268 17.75 -7.00 1.47
CA ALA B 268 19.14 -6.79 1.00
C ALA B 268 19.95 -8.10 0.94
N GLY B 269 19.40 -9.22 1.43
CA GLY B 269 20.08 -10.54 1.43
C GLY B 269 19.95 -11.23 0.08
N GLN B 270 20.67 -12.34 -0.10
CA GLN B 270 20.68 -13.17 -1.33
C GLN B 270 20.33 -14.61 -0.97
N VAL B 271 19.68 -15.35 -1.88
CA VAL B 271 19.27 -16.77 -1.67
C VAL B 271 20.53 -17.61 -1.43
N GLY B 272 20.44 -18.60 -0.53
CA GLY B 272 21.58 -19.40 -0.06
C GLY B 272 21.16 -20.41 0.99
N VAL B 273 22.07 -21.30 1.39
CA VAL B 273 21.81 -22.37 2.40
C VAL B 273 22.60 -22.04 3.67
N SER B 274 21.91 -22.09 4.81
CA SER B 274 22.50 -22.00 6.18
C SER B 274 21.48 -22.52 7.19
N GLU B 275 21.96 -23.10 8.31
CA GLU B 275 21.11 -23.69 9.37
C GLU B 275 20.10 -24.66 8.74
N GLY B 276 20.51 -25.36 7.68
CA GLY B 276 19.78 -26.52 7.10
C GLY B 276 18.66 -26.12 6.15
N MET B 277 18.55 -24.82 5.81
CA MET B 277 17.41 -24.29 5.01
C MET B 277 17.95 -23.40 3.89
N LEU B 278 17.20 -23.33 2.79
CA LEU B 278 17.42 -22.33 1.71
C LEU B 278 16.46 -21.16 1.95
N SER B 279 17.02 -19.97 2.12
CA SER B 279 16.30 -18.69 2.36
C SER B 279 17.20 -17.53 1.94
N TYR B 280 16.73 -16.29 2.14
CA TYR B 280 17.56 -15.06 2.01
C TYR B 280 18.45 -14.96 3.25
N PHE B 281 19.76 -14.78 3.03
CA PHE B 281 20.77 -14.53 4.08
C PHE B 281 21.61 -13.33 3.63
N LEU B 282 22.01 -12.48 4.58
CA LEU B 282 22.98 -11.39 4.35
C LEU B 282 24.33 -12.03 4.04
N GLN B 283 24.88 -11.76 2.84
CA GLN B 283 26.21 -12.26 2.40
C GLN B 283 27.02 -11.08 1.88
N ASP B 284 28.36 -11.16 1.99
CA ASP B 284 29.31 -10.17 1.42
C ASP B 284 29.58 -10.52 -0.05
N GLU B 285 30.49 -9.79 -0.70
CA GLU B 285 30.84 -9.93 -2.15
C GLU B 285 31.47 -11.31 -2.40
N GLU B 286 32.13 -11.90 -1.40
CA GLU B 286 32.77 -13.24 -1.47
C GLU B 286 31.71 -14.34 -1.29
N GLY B 287 30.54 -13.99 -0.75
CA GLY B 287 29.39 -14.92 -0.58
C GLY B 287 29.42 -15.60 0.78
N GLN B 288 30.27 -15.14 1.69
CA GLN B 288 30.27 -15.52 3.14
C GLN B 288 29.17 -14.71 3.86
N ILE B 289 28.33 -15.41 4.62
CA ILE B 289 27.16 -14.81 5.36
C ILE B 289 27.65 -13.64 6.22
N LYS B 290 27.08 -12.46 6.04
CA LYS B 290 27.48 -11.20 6.72
C LYS B 290 26.91 -11.19 8.14
N PRO B 291 27.65 -10.67 9.14
CA PRO B 291 27.13 -10.53 10.50
C PRO B 291 26.07 -9.43 10.60
N SER B 292 24.98 -9.68 11.34
CA SER B 292 23.79 -8.79 11.42
C SER B 292 23.89 -7.87 12.64
N HIS B 293 23.28 -6.67 12.55
CA HIS B 293 23.14 -5.69 13.65
C HIS B 293 21.68 -5.24 13.77
N SER B 294 21.19 -5.12 15.01
CA SER B 294 19.93 -4.42 15.38
C SER B 294 20.01 -4.01 16.86
N ILE B 295 19.50 -2.82 17.19
CA ILE B 295 19.27 -2.36 18.59
C ILE B 295 18.34 -3.34 19.31
N ALA B 296 17.33 -3.85 18.60
CA ALA B 296 16.43 -4.95 19.04
C ALA B 296 17.16 -6.29 18.91
N PRO B 297 17.62 -6.90 20.03
CA PRO B 297 18.43 -8.13 19.97
C PRO B 297 17.74 -9.32 19.28
N GLY B 298 16.40 -9.35 19.31
CA GLY B 298 15.58 -10.44 18.77
C GLY B 298 15.38 -10.35 17.27
N LEU B 299 15.71 -9.21 16.66
CA LEU B 299 15.68 -9.03 15.18
C LEU B 299 17.09 -9.18 14.59
N ASP B 300 18.10 -9.45 15.42
CA ASP B 300 19.53 -9.58 15.03
C ASP B 300 19.79 -11.01 14.53
N TYR B 301 19.30 -11.34 13.33
CA TYR B 301 19.58 -12.62 12.61
C TYR B 301 19.90 -12.32 11.15
N PRO B 302 21.03 -12.83 10.62
CA PRO B 302 21.40 -12.63 9.22
C PRO B 302 20.38 -13.22 8.23
N GLY B 303 19.64 -14.25 8.67
CA GLY B 303 18.71 -15.01 7.81
C GLY B 303 17.25 -14.63 8.06
N VAL B 304 16.34 -15.34 7.41
CA VAL B 304 14.86 -15.20 7.57
C VAL B 304 14.22 -16.56 7.28
N GLY B 305 13.03 -16.81 7.85
CA GLY B 305 12.25 -18.04 7.64
C GLY B 305 11.91 -18.24 6.16
N PRO B 306 12.02 -19.48 5.63
CA PRO B 306 11.77 -19.75 4.22
C PRO B 306 10.34 -19.43 3.79
N GLU B 307 9.36 -19.53 4.69
CA GLU B 307 7.94 -19.24 4.37
C GLU B 307 7.76 -17.74 4.08
N HIS B 308 8.66 -16.90 4.59
CA HIS B 308 8.67 -15.43 4.32
C HIS B 308 9.34 -15.17 2.97
N ALA B 309 10.39 -15.93 2.64
CA ALA B 309 11.03 -15.94 1.32
C ALA B 309 10.00 -16.28 0.24
N TYR B 310 9.18 -17.31 0.49
CA TYR B 310 8.08 -17.77 -0.42
C TYR B 310 7.04 -16.66 -0.56
N LEU B 311 6.54 -16.14 0.57
CA LEU B 311 5.45 -15.13 0.61
C LEU B 311 5.86 -13.85 -0.13
N LYS B 312 7.15 -13.48 -0.03
CA LYS B 312 7.75 -12.36 -0.81
C LYS B 312 7.67 -12.71 -2.31
N LYS B 313 8.14 -13.90 -2.69
CA LYS B 313 8.30 -14.34 -4.11
C LYS B 313 6.95 -14.37 -4.82
N ILE B 314 5.91 -14.93 -4.18
CA ILE B 314 4.53 -14.98 -4.73
C ILE B 314 3.82 -13.64 -4.48
N GLN B 315 4.45 -12.73 -3.74
CA GLN B 315 4.00 -11.32 -3.51
C GLN B 315 2.68 -11.31 -2.75
N ARG B 316 2.53 -12.19 -1.76
CA ARG B 316 1.37 -12.24 -0.82
C ARG B 316 1.61 -11.25 0.31
N ALA B 317 2.88 -11.12 0.72
CA ALA B 317 3.36 -10.23 1.80
C ALA B 317 4.42 -9.27 1.25
N GLU B 318 4.28 -7.99 1.53
CA GLU B 318 5.33 -6.94 1.34
C GLU B 318 6.24 -6.96 2.56
N TYR B 319 7.54 -6.71 2.38
CA TYR B 319 8.55 -6.74 3.47
C TYR B 319 9.34 -5.44 3.42
N VAL B 320 9.32 -4.69 4.52
CA VAL B 320 9.91 -3.33 4.63
C VAL B 320 10.97 -3.35 5.73
N ALA B 321 11.70 -2.24 5.89
CA ALA B 321 12.76 -2.08 6.91
C ALA B 321 12.51 -0.75 7.65
N VAL B 322 12.66 -0.79 8.98
CA VAL B 322 12.61 0.40 9.88
C VAL B 322 13.96 0.50 10.59
N THR B 323 14.51 1.71 10.72
CA THR B 323 15.83 1.97 11.33
C THR B 323 15.72 1.84 12.86
N ASP B 324 16.86 1.69 13.54
CA ASP B 324 16.96 1.69 15.04
C ASP B 324 16.35 2.98 15.60
N GLU B 325 16.60 4.11 14.94
CA GLU B 325 16.12 5.46 15.37
C GLU B 325 14.59 5.53 15.23
N GLU B 326 14.03 4.97 14.16
CA GLU B 326 12.57 4.96 13.89
C GLU B 326 11.88 4.05 14.90
N ALA B 327 12.51 2.93 15.27
CA ALA B 327 12.00 1.97 16.28
C ALA B 327 11.91 2.67 17.64
N LEU B 328 12.99 3.33 18.06
CA LEU B 328 13.09 4.02 19.37
C LEU B 328 11.99 5.07 19.49
N LYS B 329 11.69 5.80 18.41
CA LYS B 329 10.66 6.87 18.40
C LYS B 329 9.26 6.23 18.46
N ALA B 330 9.14 4.93 18.16
CA ALA B 330 7.88 4.17 18.28
C ALA B 330 7.75 3.63 19.71
N PHE B 331 8.84 3.10 20.25
CA PHE B 331 8.98 2.69 21.68
C PHE B 331 8.49 3.82 22.58
N HIS B 332 8.98 5.05 22.33
CA HIS B 332 8.67 6.27 23.13
C HIS B 332 7.21 6.68 22.91
N GLU B 333 6.73 6.69 21.67
CA GLU B 333 5.37 7.19 21.31
C GLU B 333 4.32 6.27 21.94
N LEU B 334 4.46 4.95 21.77
CA LEU B 334 3.45 3.97 22.25
C LEU B 334 3.35 4.02 23.79
N SER B 335 4.48 4.28 24.47
CA SER B 335 4.55 4.34 25.96
C SER B 335 3.74 5.53 26.49
N ARG B 336 3.96 6.73 25.94
CA ARG B 336 3.33 7.98 26.44
C ARG B 336 1.92 8.15 25.86
N THR B 337 1.56 7.42 24.79
CA THR B 337 0.26 7.61 24.08
C THR B 337 -0.75 6.53 24.51
N GLU B 338 -0.31 5.29 24.72
CA GLU B 338 -1.23 4.16 25.05
C GLU B 338 -0.89 3.53 26.41
N GLY B 339 0.24 3.89 27.02
CA GLY B 339 0.69 3.30 28.30
C GLY B 339 1.14 1.87 28.13
N ILE B 340 1.60 1.49 26.92
CA ILE B 340 2.13 0.14 26.57
C ILE B 340 3.60 0.29 26.17
N ILE B 341 4.51 -0.23 27.00
CA ILE B 341 5.97 -0.20 26.72
C ILE B 341 6.29 -1.43 25.86
N PRO B 342 6.43 -1.27 24.52
CA PRO B 342 6.61 -2.41 23.63
C PRO B 342 8.07 -2.88 23.67
N ALA B 343 8.30 -4.13 23.28
CA ALA B 343 9.64 -4.66 22.92
C ALA B 343 10.17 -3.85 21.72
N LEU B 344 11.48 -3.58 21.70
CA LEU B 344 12.15 -2.85 20.59
C LEU B 344 11.95 -3.60 19.28
N GLU B 345 11.76 -4.92 19.33
CA GLU B 345 11.34 -5.76 18.17
C GLU B 345 10.00 -5.23 17.66
N SER B 346 8.96 -5.29 18.51
CA SER B 346 7.56 -4.86 18.23
C SER B 346 7.52 -3.38 17.83
N ALA B 347 8.44 -2.57 18.38
CA ALA B 347 8.53 -1.11 18.12
C ALA B 347 8.79 -0.85 16.63
N HIS B 348 9.55 -1.72 15.96
CA HIS B 348 9.76 -1.70 14.48
C HIS B 348 8.41 -1.81 13.76
N ALA B 349 7.57 -2.77 14.17
CA ALA B 349 6.21 -2.97 13.63
C ALA B 349 5.38 -1.71 13.84
N VAL B 350 5.40 -1.14 15.06
CA VAL B 350 4.61 0.06 15.44
C VAL B 350 5.04 1.23 14.55
N ALA B 351 6.35 1.37 14.34
CA ALA B 351 6.98 2.48 13.59
C ALA B 351 6.42 2.55 12.16
N TYR B 352 6.21 1.40 11.52
CA TYR B 352 5.76 1.33 10.11
C TYR B 352 4.23 1.50 10.05
N ALA B 353 3.51 0.86 10.98
CA ALA B 353 2.03 0.98 11.12
C ALA B 353 1.65 2.45 11.29
N MET B 354 2.46 3.22 12.01
CA MET B 354 2.23 4.66 12.29
C MET B 354 2.44 5.46 10.99
N LYS B 355 3.50 5.14 10.24
CA LYS B 355 3.81 5.77 8.92
C LYS B 355 2.71 5.40 7.92
N LEU B 356 2.30 4.13 7.91
CA LEU B 356 1.30 3.56 6.97
C LEU B 356 -0.09 4.16 7.27
N ALA B 357 -0.42 4.31 8.55
CA ALA B 357 -1.74 4.77 9.04
C ALA B 357 -2.05 6.18 8.50
N LYS B 358 -1.04 7.07 8.41
CA LYS B 358 -1.21 8.49 7.99
C LYS B 358 -1.71 8.55 6.53
N GLU B 359 -1.19 7.68 5.67
CA GLU B 359 -1.51 7.64 4.21
C GLU B 359 -2.93 7.09 4.01
N MET B 360 -3.40 6.23 4.92
CA MET B 360 -4.67 5.47 4.80
C MET B 360 -5.83 6.31 5.36
N SER B 361 -7.06 5.82 5.22
CA SER B 361 -8.31 6.49 5.67
C SER B 361 -8.70 5.99 7.06
N ARG B 362 -9.53 6.76 7.77
CA ARG B 362 -9.97 6.49 9.16
C ARG B 362 -10.85 5.22 9.19
N ASP B 363 -11.53 4.91 8.08
CA ASP B 363 -12.34 3.67 7.91
C ASP B 363 -11.42 2.45 7.99
N GLU B 364 -10.24 2.50 7.38
CA GLU B 364 -9.34 1.34 7.17
C GLU B 364 -8.75 0.86 8.51
N ILE B 365 -8.35 -0.41 8.57
CA ILE B 365 -7.94 -1.13 9.82
C ILE B 365 -6.52 -1.68 9.66
N ILE B 366 -5.63 -1.35 10.61
CA ILE B 366 -4.28 -1.95 10.76
C ILE B 366 -4.24 -2.76 12.06
N ILE B 367 -3.89 -4.05 11.97
CA ILE B 367 -3.51 -4.87 13.15
C ILE B 367 -1.98 -4.98 13.19
N VAL B 368 -1.36 -4.45 14.24
CA VAL B 368 0.08 -4.62 14.56
C VAL B 368 0.18 -5.77 15.57
N ASN B 369 1.03 -6.77 15.31
CA ASN B 369 1.37 -7.80 16.33
C ASN B 369 2.34 -7.13 17.31
N LEU B 370 1.92 -6.95 18.56
CA LEU B 370 2.83 -6.47 19.64
C LEU B 370 3.49 -7.70 20.26
N SER B 371 4.58 -8.17 19.66
CA SER B 371 5.19 -9.51 19.91
C SER B 371 5.72 -9.61 21.34
N GLY B 372 6.09 -8.48 21.97
CA GLY B 372 6.63 -8.48 23.35
C GLY B 372 6.44 -7.16 24.09
N ARG B 373 6.64 -7.20 25.42
CA ARG B 373 6.72 -6.00 26.29
C ARG B 373 8.19 -5.56 26.39
N GLY B 374 8.42 -4.28 26.69
CA GLY B 374 9.73 -3.63 26.57
C GLY B 374 10.49 -3.53 27.90
N ASP B 375 9.99 -4.20 28.94
CA ASP B 375 10.62 -4.21 30.30
C ASP B 375 12.09 -4.61 30.15
N LYS B 376 12.38 -5.53 29.24
CA LYS B 376 13.72 -6.12 29.00
C LYS B 376 14.66 -5.10 28.34
N ASP B 377 14.11 -4.09 27.66
CA ASP B 377 14.85 -3.21 26.71
C ASP B 377 15.19 -1.86 27.38
N LEU B 378 14.76 -1.64 28.62
CA LEU B 378 14.82 -0.31 29.29
C LEU B 378 16.28 0.16 29.36
N ASP B 379 17.20 -0.75 29.69
CA ASP B 379 18.66 -0.45 29.82
C ASP B 379 19.17 0.18 28.51
N ILE B 380 18.87 -0.44 27.37
CA ILE B 380 19.46 -0.04 26.04
C ILE B 380 18.77 1.22 25.52
N VAL B 381 17.48 1.45 25.81
CA VAL B 381 16.77 2.69 25.39
C VAL B 381 17.29 3.89 26.21
N LEU B 382 17.59 3.68 27.50
CA LEU B 382 18.20 4.70 28.40
C LEU B 382 19.57 5.10 27.85
N LYS B 383 20.34 4.12 27.37
CA LYS B 383 21.70 4.30 26.79
C LYS B 383 21.63 5.32 25.64
N ALA B 384 20.64 5.17 24.76
CA ALA B 384 20.39 6.07 23.60
C ALA B 384 20.00 7.46 24.10
N MET C 1 -18.34 4.24 55.45
CA MET C 1 -17.17 5.03 55.94
C MET C 1 -16.37 4.22 56.97
N TRP C 2 -17.00 3.24 57.61
CA TRP C 2 -16.43 2.47 58.75
C TRP C 2 -16.49 0.97 58.45
N PHE C 3 -15.44 0.24 58.86
CA PHE C 3 -15.38 -1.25 58.90
C PHE C 3 -15.30 -1.67 60.37
N GLY C 4 -16.45 -1.93 61.00
CA GLY C 4 -16.60 -1.98 62.47
C GLY C 4 -16.00 -0.75 63.10
N GLU C 5 -15.01 -0.92 63.98
CA GLU C 5 -14.35 0.16 64.77
C GLU C 5 -13.12 0.72 64.05
N PHE C 6 -12.88 0.31 62.79
CA PHE C 6 -11.69 0.72 61.99
C PHE C 6 -12.15 1.51 60.76
N GLY C 7 -11.37 2.53 60.38
CA GLY C 7 -11.52 3.28 59.12
C GLY C 7 -11.54 4.78 59.36
N GLY C 8 -12.59 5.45 58.87
CA GLY C 8 -12.88 6.86 59.17
C GLY C 8 -12.22 7.82 58.21
N GLN C 9 -12.42 9.13 58.44
CA GLN C 9 -12.03 10.23 57.52
C GLN C 9 -11.22 11.27 58.31
N TYR C 10 -10.05 10.86 58.82
CA TYR C 10 -9.21 11.64 59.77
C TYR C 10 -8.20 12.50 58.99
N VAL C 11 -8.74 13.54 58.33
CA VAL C 11 -8.01 14.44 57.38
C VAL C 11 -8.37 15.89 57.73
N PRO C 12 -7.62 16.89 57.22
CA PRO C 12 -8.03 18.29 57.35
C PRO C 12 -9.39 18.60 56.72
N GLU C 13 -10.15 19.51 57.31
CA GLU C 13 -11.52 19.93 56.86
C GLU C 13 -11.47 20.40 55.41
N THR C 14 -10.28 20.78 54.92
CA THR C 14 -10.01 21.20 53.52
C THR C 14 -10.26 20.03 52.56
N LEU C 15 -10.16 18.78 53.04
CA LEU C 15 -10.26 17.54 52.21
C LEU C 15 -11.63 16.87 52.34
N VAL C 16 -12.44 17.23 53.34
CA VAL C 16 -13.76 16.59 53.63
C VAL C 16 -14.69 16.79 52.42
N GLY C 17 -14.64 17.97 51.80
CA GLY C 17 -15.42 18.31 50.59
C GLY C 17 -14.98 17.48 49.39
N PRO C 18 -13.73 17.61 48.93
CA PRO C 18 -13.20 16.75 47.88
C PRO C 18 -13.66 15.29 48.05
N LEU C 19 -13.45 14.71 49.23
CA LEU C 19 -13.70 13.27 49.53
C LEU C 19 -15.20 12.97 49.48
N LYS C 20 -16.04 13.93 49.86
CA LYS C 20 -17.52 13.83 49.75
C LYS C 20 -17.90 13.82 48.28
N GLU C 21 -17.28 14.70 47.49
CA GLU C 21 -17.48 14.78 46.01
C GLU C 21 -17.09 13.43 45.38
N LEU C 22 -15.95 12.87 45.79
CA LEU C 22 -15.44 11.56 45.31
C LEU C 22 -16.44 10.45 45.63
N GLU C 23 -16.86 10.36 46.90
CA GLU C 23 -17.88 9.38 47.37
C GLU C 23 -19.13 9.50 46.51
N LYS C 24 -19.70 10.72 46.41
CA LYS C 24 -20.95 11.01 45.68
C LYS C 24 -20.78 10.63 44.20
N ALA C 25 -19.62 10.98 43.62
CA ALA C 25 -19.28 10.69 42.21
C ALA C 25 -19.14 9.17 42.02
N TYR C 26 -18.44 8.49 42.93
CA TYR C 26 -18.24 7.01 42.88
C TYR C 26 -19.60 6.31 42.99
N LYS C 27 -20.47 6.79 43.89
CA LYS C 27 -21.82 6.20 44.14
C LYS C 27 -22.61 6.17 42.83
N ARG C 28 -22.58 7.27 42.06
CA ARG C 28 -23.31 7.43 40.77
C ARG C 28 -22.67 6.54 39.69
N PHE C 29 -21.34 6.60 39.55
CA PHE C 29 -20.58 5.99 38.42
C PHE C 29 -20.47 4.47 38.59
N LYS C 30 -20.32 3.97 39.83
CA LYS C 30 -20.33 2.52 40.15
C LYS C 30 -21.48 1.82 39.40
N ASP C 31 -22.61 2.50 39.20
CA ASP C 31 -23.84 1.90 38.60
C ASP C 31 -24.13 2.48 37.20
N ASP C 32 -23.29 3.39 36.70
CA ASP C 32 -23.46 4.06 35.38
C ASP C 32 -23.09 3.06 34.27
N GLU C 33 -23.97 2.90 33.27
CA GLU C 33 -23.76 2.02 32.09
C GLU C 33 -22.37 2.29 31.48
N GLU C 34 -22.09 3.56 31.16
CA GLU C 34 -20.94 3.99 30.31
C GLU C 34 -19.62 3.78 31.08
N PHE C 35 -19.60 4.05 32.39
CA PHE C 35 -18.40 3.87 33.24
C PHE C 35 -18.02 2.39 33.31
N ASN C 36 -19.03 1.51 33.41
CA ASN C 36 -18.86 0.05 33.57
C ASN C 36 -18.41 -0.56 32.24
N ARG C 37 -18.99 -0.12 31.13
CA ARG C 37 -18.54 -0.50 29.77
C ARG C 37 -17.09 -0.07 29.57
N GLN C 38 -16.76 1.19 29.88
CA GLN C 38 -15.40 1.77 29.68
C GLN C 38 -14.39 1.05 30.58
N LEU C 39 -14.76 0.76 31.83
CA LEU C 39 -13.88 0.05 32.79
C LEU C 39 -13.60 -1.36 32.26
N ASN C 40 -14.66 -2.09 31.92
CA ASN C 40 -14.62 -3.52 31.52
C ASN C 40 -13.90 -3.66 30.19
N TYR C 41 -14.06 -2.68 29.30
CA TYR C 41 -13.41 -2.56 27.97
C TYR C 41 -11.90 -2.43 28.16
N TYR C 42 -11.45 -1.51 29.02
CA TYR C 42 -10.02 -1.25 29.29
C TYR C 42 -9.40 -2.45 30.02
N LEU C 43 -10.09 -3.00 31.01
CA LEU C 43 -9.63 -4.19 31.78
C LEU C 43 -9.46 -5.38 30.83
N LYS C 44 -10.40 -5.59 29.90
CA LYS C 44 -10.38 -6.72 28.95
C LYS C 44 -9.25 -6.52 27.92
N THR C 45 -9.31 -5.43 27.16
CA THR C 45 -8.52 -5.23 25.91
C THR C 45 -7.14 -4.65 26.24
N TRP C 46 -7.01 -3.88 27.32
CA TRP C 46 -5.77 -3.15 27.66
C TRP C 46 -5.00 -3.90 28.76
N ALA C 47 -5.70 -4.34 29.81
CA ALA C 47 -5.08 -4.93 31.02
C ALA C 47 -4.91 -6.44 30.81
N GLY C 48 -5.80 -7.04 30.02
CA GLY C 48 -5.79 -8.47 29.67
C GLY C 48 -6.60 -9.31 30.64
N ARG C 49 -7.60 -8.76 31.30
CA ARG C 49 -8.55 -9.54 32.13
C ARG C 49 -9.49 -10.29 31.20
N PRO C 50 -10.03 -11.47 31.58
CA PRO C 50 -9.71 -12.12 32.86
C PRO C 50 -8.34 -12.79 32.89
N THR C 51 -7.61 -12.70 34.01
CA THR C 51 -6.36 -13.48 34.24
C THR C 51 -6.75 -14.92 34.58
N PRO C 52 -5.88 -15.91 34.27
CA PRO C 52 -6.18 -17.31 34.54
C PRO C 52 -6.02 -17.71 36.02
N LEU C 53 -6.65 -18.82 36.39
CA LEU C 53 -6.43 -19.57 37.65
C LEU C 53 -5.72 -20.89 37.31
N TYR C 54 -4.45 -21.03 37.73
CA TYR C 54 -3.56 -22.13 37.30
C TYR C 54 -3.41 -23.16 38.42
N TYR C 55 -3.64 -24.44 38.11
CA TYR C 55 -3.40 -25.60 39.00
C TYR C 55 -1.91 -25.96 38.96
N ALA C 56 -1.14 -25.55 39.97
CA ALA C 56 0.28 -25.90 40.16
C ALA C 56 0.41 -27.39 40.49
N LYS C 57 0.25 -28.26 39.49
CA LYS C 57 0.20 -29.74 39.61
C LYS C 57 1.50 -30.27 40.21
N ARG C 58 2.66 -29.76 39.78
CA ARG C 58 3.99 -30.25 40.23
C ARG C 58 4.25 -29.79 41.68
N LEU C 59 3.91 -28.54 42.01
CA LEU C 59 4.10 -27.98 43.38
C LEU C 59 3.17 -28.71 44.36
N THR C 60 1.97 -29.07 43.92
CA THR C 60 0.95 -29.81 44.71
C THR C 60 1.46 -31.23 44.98
N GLU C 61 2.05 -31.86 43.97
CA GLU C 61 2.55 -33.26 44.05
C GLU C 61 3.87 -33.30 44.83
N LYS C 62 4.66 -32.23 44.77
CA LYS C 62 5.93 -32.09 45.52
C LYS C 62 5.63 -32.06 47.03
N ILE C 63 4.79 -31.12 47.46
CA ILE C 63 4.44 -30.89 48.89
C ILE C 63 3.67 -32.10 49.43
N GLY C 64 2.80 -32.70 48.60
CA GLY C 64 2.14 -34.00 48.87
C GLY C 64 0.88 -33.84 49.69
N GLY C 65 0.15 -32.74 49.50
CA GLY C 65 -1.10 -32.43 50.23
C GLY C 65 -2.11 -31.70 49.37
N ALA C 66 -2.71 -30.63 49.91
CA ALA C 66 -3.84 -29.89 49.31
C ALA C 66 -3.50 -29.43 47.87
N LYS C 67 -4.51 -29.33 47.02
CA LYS C 67 -4.39 -28.75 45.65
C LYS C 67 -4.13 -27.26 45.78
N VAL C 68 -3.01 -26.79 45.21
CA VAL C 68 -2.59 -25.36 45.20
C VAL C 68 -2.92 -24.77 43.82
N TYR C 69 -3.87 -23.85 43.78
CA TYR C 69 -4.22 -23.03 42.60
C TYR C 69 -3.56 -21.65 42.76
N LEU C 70 -3.21 -21.03 41.63
CA LEU C 70 -2.56 -19.70 41.58
C LEU C 70 -3.42 -18.78 40.71
N LYS C 71 -4.05 -17.77 41.32
CA LYS C 71 -4.70 -16.66 40.59
C LYS C 71 -3.62 -15.77 39.97
N ARG C 72 -3.56 -15.70 38.64
CA ARG C 72 -2.37 -15.20 37.88
C ARG C 72 -2.52 -13.70 37.61
N GLU C 73 -2.53 -12.88 38.66
CA GLU C 73 -2.49 -11.40 38.57
C GLU C 73 -1.12 -10.95 38.03
N ASP C 74 -0.13 -11.85 38.01
CA ASP C 74 1.20 -11.60 37.40
C ASP C 74 1.04 -11.33 35.90
N LEU C 75 -0.06 -11.79 35.29
CA LEU C 75 -0.27 -11.76 33.81
C LEU C 75 -1.08 -10.52 33.41
N VAL C 76 -1.29 -9.59 34.33
CA VAL C 76 -2.02 -8.31 34.04
C VAL C 76 -0.99 -7.32 33.49
N HIS C 77 -1.41 -6.48 32.55
CA HIS C 77 -0.56 -5.42 31.93
C HIS C 77 0.10 -4.60 33.04
N GLY C 78 1.43 -4.56 33.07
CA GLY C 78 2.24 -3.89 34.11
C GLY C 78 2.81 -4.89 35.10
N GLY C 79 2.18 -6.07 35.20
CA GLY C 79 2.72 -7.24 35.91
C GLY C 79 2.35 -7.26 37.38
N ALA C 80 1.31 -6.52 37.76
CA ALA C 80 0.83 -6.42 39.16
C ALA C 80 -0.65 -6.01 39.17
N HIS C 81 -1.41 -6.56 40.12
CA HIS C 81 -2.86 -6.28 40.35
C HIS C 81 -3.11 -4.76 40.38
N THR C 83 -2.82 -2.42 38.57
CA THR C 83 -3.39 -1.88 37.32
C THR C 83 -4.92 -1.80 37.43
N ASN C 84 -5.55 -2.80 38.05
CA ASN C 84 -7.03 -2.89 38.16
C ASN C 84 -7.56 -1.62 38.83
N ASN C 85 -6.89 -1.16 39.90
CA ASN C 85 -7.29 0.00 40.73
C ASN C 85 -6.85 1.30 40.06
N ALA C 86 -5.68 1.31 39.41
CA ALA C 86 -5.12 2.47 38.69
C ALA C 86 -6.03 2.88 37.53
N ILE C 87 -6.55 1.90 36.79
CA ILE C 87 -7.54 2.09 35.68
C ILE C 87 -8.86 2.59 36.29
N GLY C 88 -9.44 1.84 37.22
CA GLY C 88 -10.71 2.19 37.90
C GLY C 88 -10.74 3.65 38.30
N GLN C 89 -9.74 4.08 39.07
CA GLN C 89 -9.65 5.44 39.66
C GLN C 89 -9.34 6.45 38.56
N ALA C 90 -8.47 6.12 37.62
CA ALA C 90 -8.09 7.02 36.51
C ALA C 90 -9.33 7.33 35.66
N LEU C 91 -10.13 6.31 35.35
CA LEU C 91 -11.38 6.44 34.56
C LEU C 91 -12.40 7.26 35.36
N LEU C 92 -12.52 6.97 36.66
CA LEU C 92 -13.41 7.71 37.59
C LEU C 92 -13.03 9.20 37.60
N ALA C 93 -11.73 9.50 37.58
CA ALA C 93 -11.18 10.88 37.58
C ALA C 93 -11.47 11.57 36.25
N LYS C 94 -11.46 10.84 35.13
CA LYS C 94 -11.72 11.39 33.77
C LYS C 94 -13.21 11.71 33.63
N LEU C 95 -14.08 10.85 34.17
CA LEU C 95 -15.57 11.00 34.10
C LEU C 95 -16.04 12.04 35.13
N MET C 96 -15.21 12.37 36.12
CA MET C 96 -15.47 13.47 37.09
C MET C 96 -15.07 14.82 36.47
N GLY C 97 -14.36 14.79 35.34
CA GLY C 97 -13.94 16.00 34.60
C GLY C 97 -12.57 16.47 35.03
N LYS C 98 -11.85 15.66 35.82
CA LYS C 98 -10.44 15.89 36.22
C LYS C 98 -9.55 15.68 34.99
N THR C 99 -8.45 16.44 34.88
CA THR C 99 -7.50 16.37 33.73
C THR C 99 -6.12 15.95 34.23
N ARG C 100 -5.96 15.69 35.53
CA ARG C 100 -4.66 15.44 36.17
C ARG C 100 -4.79 14.33 37.22
N LEU C 101 -3.78 13.48 37.33
CA LEU C 101 -3.65 12.45 38.40
C LEU C 101 -2.38 12.75 39.21
N ILE C 102 -2.43 12.52 40.50
CA ILE C 102 -1.23 12.55 41.39
C ILE C 102 -1.21 11.25 42.20
N ALA C 103 -0.04 10.91 42.75
CA ALA C 103 0.19 9.66 43.50
C ALA C 103 1.58 9.72 44.15
N GLU C 104 1.75 8.95 45.23
CA GLU C 104 3.05 8.72 45.91
C GLU C 104 3.56 7.34 45.53
N THR C 105 4.87 7.12 45.60
CA THR C 105 5.50 5.78 45.50
C THR C 105 6.96 5.87 45.98
N GLY C 106 7.41 4.82 46.68
CA GLY C 106 8.82 4.62 47.07
C GLY C 106 9.40 3.39 46.43
N ALA C 107 8.60 2.32 46.35
CA ALA C 107 8.88 1.06 45.61
C ALA C 107 8.93 1.35 44.10
N GLY C 108 7.89 2.01 43.58
CA GLY C 108 7.80 2.44 42.16
C GLY C 108 6.65 1.78 41.43
N GLN C 109 6.11 0.69 41.97
CA GLN C 109 5.03 -0.09 41.34
C GLN C 109 3.81 0.80 41.10
N HIS C 110 3.38 1.58 42.10
CA HIS C 110 2.13 2.38 42.06
C HIS C 110 2.28 3.59 41.12
N GLY C 111 3.47 4.20 41.07
CA GLY C 111 3.82 5.28 40.13
C GLY C 111 3.72 4.82 38.69
N VAL C 112 4.29 3.65 38.37
CA VAL C 112 4.27 3.07 36.99
C VAL C 112 2.81 2.78 36.62
N ALA C 113 2.06 2.12 37.50
CA ALA C 113 0.64 1.77 37.30
C ALA C 113 -0.18 3.04 37.01
N THR C 114 0.08 4.12 37.74
CA THR C 114 -0.65 5.40 37.66
C THR C 114 -0.28 6.07 36.33
N ALA C 115 1.02 6.16 36.03
CA ALA C 115 1.57 6.76 34.78
C ALA C 115 0.97 6.05 33.57
N MET C 116 0.93 4.72 33.60
CA MET C 116 0.33 3.85 32.55
C MET C 116 -1.14 4.21 32.34
N ALA C 117 -1.91 4.30 33.42
CA ALA C 117 -3.36 4.62 33.45
C ALA C 117 -3.59 6.08 33.00
N GLY C 118 -2.68 6.99 33.36
CA GLY C 118 -2.76 8.39 32.95
C GLY C 118 -2.53 8.54 31.46
N ALA C 119 -1.55 7.79 30.92
CA ALA C 119 -1.14 7.78 29.50
C ALA C 119 -2.29 7.26 28.64
N LEU C 120 -2.93 6.17 29.08
CA LEU C 120 -4.09 5.50 28.44
C LEU C 120 -5.26 6.48 28.30
N LEU C 121 -5.49 7.32 29.32
CA LEU C 121 -6.69 8.19 29.41
C LEU C 121 -6.34 9.65 29.07
N GLY C 122 -5.10 9.91 28.62
CA GLY C 122 -4.65 11.23 28.15
C GLY C 122 -4.73 12.27 29.25
N MET C 123 -4.43 11.87 30.49
CA MET C 123 -4.38 12.76 31.68
C MET C 123 -2.91 13.02 32.04
N LYS C 124 -2.57 14.25 32.43
CA LYS C 124 -1.25 14.60 33.02
C LYS C 124 -1.07 13.83 34.33
N VAL C 125 0.14 13.32 34.57
CA VAL C 125 0.48 12.52 35.78
C VAL C 125 1.72 13.15 36.44
N ASP C 126 1.57 13.60 37.69
CA ASP C 126 2.70 14.03 38.57
C ASP C 126 2.85 12.96 39.66
N ILE C 127 4.02 12.32 39.74
CA ILE C 127 4.33 11.26 40.75
C ILE C 127 5.31 11.84 41.78
N TYR C 128 4.92 11.86 43.05
CA TYR C 128 5.75 12.36 44.19
C TYR C 128 6.62 11.20 44.71
N MET C 129 7.93 11.44 44.81
CA MET C 129 8.95 10.40 45.13
C MET C 129 10.12 11.09 45.84
N GLY C 130 10.57 10.51 46.95
CA GLY C 130 11.77 10.97 47.70
C GLY C 130 13.03 10.86 46.85
N ALA C 131 14.02 11.71 47.13
CA ALA C 131 15.30 11.80 46.39
C ALA C 131 16.12 10.51 46.55
N GLU C 132 16.03 9.88 47.73
CA GLU C 132 16.70 8.59 48.04
C GLU C 132 16.05 7.48 47.20
N ASP C 133 14.71 7.50 47.09
CA ASP C 133 13.91 6.52 46.32
C ASP C 133 14.22 6.66 44.82
N VAL C 134 14.36 7.89 44.33
CA VAL C 134 14.73 8.22 42.91
C VAL C 134 16.08 7.59 42.60
N GLU C 135 17.04 7.66 43.53
CA GLU C 135 18.35 6.96 43.45
C GLU C 135 18.10 5.45 43.45
N ARG C 136 17.35 4.96 44.45
CA ARG C 136 17.07 3.52 44.69
C ARG C 136 16.50 2.85 43.43
N GLN C 137 15.47 3.45 42.82
CA GLN C 137 14.62 2.78 41.79
C GLN C 137 14.66 3.58 40.48
N LYS C 138 15.85 3.72 39.88
CA LYS C 138 16.09 4.54 38.66
C LYS C 138 15.37 3.93 37.46
N MET C 139 15.27 2.59 37.41
CA MET C 139 14.55 1.84 36.35
C MET C 139 13.08 2.28 36.32
N ASN C 140 12.39 2.20 37.46
CA ASN C 140 10.94 2.53 37.62
C ASN C 140 10.73 4.03 37.35
N VAL C 141 11.72 4.86 37.67
CA VAL C 141 11.65 6.33 37.43
C VAL C 141 11.68 6.59 35.93
N PHE C 142 12.54 5.86 35.20
CA PHE C 142 12.67 5.93 33.73
C PHE C 142 11.36 5.44 33.09
N ARG C 143 10.84 4.29 33.54
CA ARG C 143 9.51 3.75 33.12
C ARG C 143 8.47 4.88 33.18
N MET C 144 8.34 5.54 34.34
CA MET C 144 7.38 6.65 34.56
C MET C 144 7.68 7.79 33.59
N LYS C 145 8.97 8.13 33.42
CA LYS C 145 9.44 9.11 32.41
C LYS C 145 8.97 8.69 31.01
N LEU C 146 9.16 7.42 30.64
CA LEU C 146 8.76 6.85 29.33
C LEU C 146 7.25 6.95 29.12
N LEU C 147 6.48 6.76 30.19
CA LEU C 147 4.99 6.74 30.15
C LEU C 147 4.45 8.18 30.12
N GLY C 148 5.33 9.18 30.25
CA GLY C 148 5.01 10.59 30.04
C GLY C 148 4.71 11.31 31.33
N ALA C 149 4.88 10.62 32.46
CA ALA C 149 4.70 11.17 33.83
C ALA C 149 5.92 12.04 34.16
N ASN C 150 5.71 13.14 34.87
CA ASN C 150 6.80 13.97 35.44
C ASN C 150 6.96 13.59 36.92
N VAL C 151 8.05 12.89 37.24
CA VAL C 151 8.42 12.51 38.64
C VAL C 151 8.94 13.77 39.34
N ILE C 152 8.34 14.14 40.47
CA ILE C 152 8.74 15.32 41.29
C ILE C 152 9.60 14.82 42.45
N PRO C 153 10.94 14.93 42.33
CA PRO C 153 11.84 14.54 43.42
C PRO C 153 11.65 15.46 44.64
N VAL C 154 11.61 14.87 45.85
CA VAL C 154 11.37 15.58 47.14
C VAL C 154 12.67 15.59 47.95
N ASN C 155 13.34 16.75 48.00
CA ASN C 155 14.65 16.96 48.67
C ASN C 155 14.43 17.32 50.15
N SER C 156 13.17 17.41 50.59
CA SER C 156 12.78 17.76 51.99
C SER C 156 12.95 16.55 52.91
N GLY C 157 13.29 16.81 54.18
CA GLY C 157 13.34 15.81 55.27
C GLY C 157 14.37 14.72 55.03
N SER C 158 13.97 13.46 55.20
CA SER C 158 14.82 12.25 55.03
C SER C 158 14.82 11.82 53.56
N ARG C 159 14.08 12.53 52.70
CA ARG C 159 14.01 12.29 51.23
C ARG C 159 13.36 10.93 50.98
N THR C 160 12.39 10.55 51.81
CA THR C 160 11.73 9.21 51.85
C THR C 160 10.28 9.33 51.41
N LEU C 161 9.52 8.24 51.48
CA LEU C 161 8.09 8.15 51.09
C LEU C 161 7.27 9.19 51.86
N LYS C 162 7.48 9.27 53.18
CA LYS C 162 6.73 10.18 54.10
C LYS C 162 6.76 11.60 53.55
N ASP C 163 7.96 12.10 53.23
CA ASP C 163 8.22 13.48 52.74
C ASP C 163 7.43 13.72 51.44
N ALA C 164 7.33 12.70 50.58
CA ALA C 164 6.60 12.74 49.29
C ALA C 164 5.09 12.60 49.53
N ILE C 165 4.68 11.86 50.56
CA ILE C 165 3.23 11.72 50.96
C ILE C 165 2.71 13.10 51.40
N ASN C 166 3.53 13.87 52.11
CA ASN C 166 3.15 15.21 52.65
C ASN C 166 3.09 16.21 51.48
N GLU C 167 4.09 16.20 50.60
CA GLU C 167 4.17 17.11 49.43
C GLU C 167 3.01 16.81 48.46
N ALA C 168 2.53 15.56 48.44
CA ALA C 168 1.40 15.10 47.62
C ALA C 168 0.07 15.60 48.21
N LEU C 169 -0.08 15.48 49.54
CA LEU C 169 -1.31 15.89 50.29
C LEU C 169 -1.51 17.40 50.17
N ARG C 170 -0.42 18.18 50.21
CA ARG C 170 -0.44 19.65 49.94
C ARG C 170 -1.03 19.89 48.55
N ASP C 171 -0.50 19.18 47.55
CA ASP C 171 -0.89 19.33 46.12
C ASP C 171 -2.40 19.17 46.00
N TRP C 172 -2.95 18.06 46.52
CA TRP C 172 -4.38 17.71 46.30
C TRP C 172 -5.28 18.83 46.85
N VAL C 173 -4.99 19.33 48.06
CA VAL C 173 -5.78 20.42 48.74
C VAL C 173 -5.95 21.59 47.78
N ALA C 174 -4.89 21.98 47.07
CA ALA C 174 -4.88 23.08 46.06
C ALA C 174 -5.58 22.63 44.77
N THR C 175 -5.25 21.45 44.25
CA THR C 175 -5.49 21.04 42.84
C THR C 175 -6.68 20.10 42.70
N PHE C 176 -7.42 19.81 43.80
CA PHE C 176 -8.48 18.76 43.85
C PHE C 176 -9.57 19.03 42.80
N GLU C 177 -9.68 20.31 42.38
CA GLU C 177 -10.71 20.79 41.43
C GLU C 177 -10.51 20.11 40.06
N TYR C 178 -9.26 19.99 39.61
CA TYR C 178 -8.89 19.40 38.29
C TYR C 178 -7.92 18.22 38.47
N THR C 179 -7.63 17.82 39.72
CA THR C 179 -6.65 16.74 40.03
C THR C 179 -7.34 15.66 40.88
N HIS C 180 -6.97 14.40 40.69
CA HIS C 180 -7.38 13.23 41.50
C HIS C 180 -6.13 12.61 42.12
N TYR C 181 -6.15 12.41 43.44
CA TYR C 181 -5.11 11.64 44.19
C TYR C 181 -5.45 10.16 44.07
N LEU C 182 -4.62 9.40 43.34
CA LEU C 182 -4.81 7.96 43.09
C LEU C 182 -4.01 7.16 44.13
N ILE C 183 -4.72 6.51 45.06
CA ILE C 183 -4.14 5.80 46.23
C ILE C 183 -3.90 4.33 45.86
N GLY C 184 -2.73 3.79 46.23
CA GLY C 184 -2.22 2.49 45.77
C GLY C 184 -2.88 1.30 46.44
N SER C 185 -3.35 1.43 47.68
CA SER C 185 -3.85 0.28 48.49
C SER C 185 -5.15 0.66 49.22
N VAL C 186 -5.71 -0.30 49.97
CA VAL C 186 -7.01 -0.15 50.69
C VAL C 186 -6.78 0.62 52.00
N VAL C 187 -6.14 1.78 51.87
CA VAL C 187 -5.61 2.61 53.01
C VAL C 187 -5.97 4.07 52.72
N GLY C 188 -5.80 4.94 53.71
CA GLY C 188 -6.13 6.37 53.62
C GLY C 188 -7.56 6.66 54.06
N PRO C 189 -8.02 7.92 53.91
CA PRO C 189 -9.38 8.29 54.33
C PRO C 189 -10.44 7.66 53.43
N HIS C 190 -11.64 7.43 53.96
CA HIS C 190 -12.87 7.13 53.18
C HIS C 190 -13.01 8.20 52.10
N PRO C 191 -13.38 7.85 50.83
CA PRO C 191 -13.84 6.51 50.47
C PRO C 191 -12.80 5.58 49.85
N TYR C 192 -11.51 5.88 49.96
CA TYR C 192 -10.42 5.19 49.21
C TYR C 192 -10.36 3.70 49.56
N PRO C 193 -10.38 3.31 50.85
CA PRO C 193 -10.28 1.89 51.19
C PRO C 193 -11.40 1.05 50.56
N THR C 194 -12.59 1.63 50.42
CA THR C 194 -13.78 0.99 49.79
C THR C 194 -13.60 0.94 48.27
N ILE C 195 -13.32 2.08 47.65
CA ILE C 195 -13.10 2.24 46.19
C ILE C 195 -12.03 1.23 45.73
N VAL C 196 -10.84 1.27 46.34
CA VAL C 196 -9.71 0.37 45.96
C VAL C 196 -10.18 -1.08 46.03
N ARG C 197 -10.79 -1.48 47.15
CA ARG C 197 -11.25 -2.88 47.36
C ARG C 197 -12.28 -3.24 46.28
N ASP C 198 -13.18 -2.33 45.91
CA ASP C 198 -14.23 -2.59 44.88
C ASP C 198 -13.58 -2.79 43.50
N PHE C 199 -12.49 -2.08 43.18
CA PHE C 199 -11.78 -2.16 41.87
C PHE C 199 -10.86 -3.39 41.83
N GLN C 200 -10.52 -3.96 42.98
CA GLN C 200 -9.68 -5.18 43.07
C GLN C 200 -10.57 -6.42 43.21
N SER C 201 -11.85 -6.25 43.53
CA SER C 201 -12.82 -7.36 43.77
CA SER C 201 -12.79 -7.38 43.78
C SER C 201 -12.97 -8.23 42.51
N VAL C 202 -12.59 -7.72 41.35
CA VAL C 202 -12.67 -8.47 40.06
C VAL C 202 -11.79 -9.73 40.17
N ILE C 203 -10.72 -9.67 40.96
CA ILE C 203 -9.81 -10.83 41.21
C ILE C 203 -10.65 -11.98 41.77
N GLY C 204 -11.40 -11.71 42.83
CA GLY C 204 -12.16 -12.72 43.57
C GLY C 204 -13.34 -13.25 42.78
N ARG C 205 -14.03 -12.37 42.04
CA ARG C 205 -15.20 -12.75 41.20
C ARG C 205 -14.73 -13.73 40.11
N GLU C 206 -13.63 -13.44 39.42
CA GLU C 206 -13.00 -14.35 38.42
C GLU C 206 -12.62 -15.65 39.13
N ALA C 207 -11.88 -15.56 40.23
CA ALA C 207 -11.29 -16.71 40.94
C ALA C 207 -12.39 -17.65 41.45
N LYS C 208 -13.55 -17.11 41.85
CA LYS C 208 -14.69 -17.92 42.35
C LYS C 208 -15.33 -18.66 41.17
N ALA C 209 -15.52 -17.97 40.04
CA ALA C 209 -16.09 -18.55 38.80
C ALA C 209 -15.13 -19.62 38.25
N GLN C 210 -13.83 -19.35 38.30
CA GLN C 210 -12.78 -20.23 37.72
C GLN C 210 -12.60 -21.50 38.58
N ILE C 211 -12.65 -21.38 39.91
CA ILE C 211 -12.43 -22.55 40.81
C ILE C 211 -13.68 -23.45 40.77
N LEU C 212 -14.88 -22.88 40.57
CA LEU C 212 -16.14 -23.66 40.48
C LEU C 212 -16.15 -24.44 39.16
N GLU C 213 -15.72 -23.82 38.06
CA GLU C 213 -15.60 -24.46 36.71
C GLU C 213 -14.62 -25.63 36.80
N ALA C 214 -13.50 -25.46 37.50
CA ALA C 214 -12.36 -26.41 37.55
C ALA C 214 -12.67 -27.56 38.52
N GLU C 215 -13.09 -27.24 39.76
CA GLU C 215 -13.13 -28.22 40.89
C GLU C 215 -14.58 -28.54 41.27
N GLY C 216 -15.56 -27.72 40.85
CA GLY C 216 -16.99 -27.92 41.14
C GLY C 216 -17.32 -27.68 42.60
N GLN C 217 -16.45 -26.95 43.31
CA GLN C 217 -16.66 -26.57 44.73
C GLN C 217 -15.81 -25.33 45.03
N LEU C 218 -16.11 -24.65 46.14
CA LEU C 218 -15.40 -23.43 46.60
C LEU C 218 -14.05 -23.80 47.21
N PRO C 219 -13.07 -22.89 47.19
CA PRO C 219 -11.76 -23.16 47.80
C PRO C 219 -11.89 -23.31 49.32
N ASP C 220 -11.16 -24.24 49.91
CA ASP C 220 -11.16 -24.50 51.38
C ASP C 220 -10.35 -23.39 52.07
N VAL C 221 -9.35 -22.83 51.38
CA VAL C 221 -8.51 -21.70 51.89
C VAL C 221 -8.17 -20.75 50.75
N ILE C 222 -8.10 -19.45 51.04
CA ILE C 222 -7.56 -18.42 50.09
C ILE C 222 -6.44 -17.65 50.79
N VAL C 223 -5.23 -17.74 50.24
CA VAL C 223 -4.00 -17.12 50.81
C VAL C 223 -3.57 -15.95 49.91
N ALA C 224 -3.48 -14.75 50.49
CA ALA C 224 -2.98 -13.53 49.80
C ALA C 224 -1.93 -12.88 50.69
N CYS C 225 -0.91 -12.25 50.10
CA CYS C 225 0.04 -11.36 50.81
C CYS C 225 -0.67 -10.03 51.11
N VAL C 226 -0.23 -9.35 52.17
CA VAL C 226 -0.81 -8.07 52.66
C VAL C 226 0.34 -7.10 52.95
N GLY C 227 0.44 -6.05 52.14
CA GLY C 227 1.16 -4.81 52.49
C GLY C 227 0.19 -3.82 53.11
N GLY C 228 -0.61 -3.16 52.27
CA GLY C 228 -1.82 -2.41 52.68
C GLY C 228 -3.04 -3.30 52.64
N GLY C 229 -3.12 -4.20 51.66
CA GLY C 229 -4.12 -5.29 51.58
C GLY C 229 -5.05 -5.19 50.39
N SER C 230 -4.65 -4.55 49.28
CA SER C 230 -5.55 -4.32 48.11
C SER C 230 -5.77 -5.62 47.34
N ASN C 231 -4.72 -6.39 47.06
CA ASN C 231 -4.84 -7.69 46.35
C ASN C 231 -5.55 -8.70 47.28
N ALA C 232 -5.23 -8.68 48.57
CA ALA C 232 -5.88 -9.54 49.60
C ALA C 232 -7.38 -9.25 49.63
N MET C 233 -7.78 -7.98 49.76
CA MET C 233 -9.21 -7.57 49.80
C MET C 233 -9.89 -7.93 48.46
N GLY C 234 -9.15 -7.81 47.35
CA GLY C 234 -9.62 -8.11 45.98
C GLY C 234 -10.03 -9.56 45.80
N ILE C 235 -9.23 -10.51 46.33
CA ILE C 235 -9.54 -11.96 46.27
C ILE C 235 -10.42 -12.37 47.45
N PHE C 236 -10.32 -11.69 48.60
CA PHE C 236 -11.09 -12.01 49.83
C PHE C 236 -12.57 -11.65 49.66
N TYR C 237 -12.88 -10.40 49.29
CA TYR C 237 -14.22 -9.77 49.48
C TYR C 237 -15.32 -10.65 48.90
N PRO C 238 -15.18 -11.18 47.66
CA PRO C 238 -16.25 -11.99 47.06
C PRO C 238 -16.52 -13.33 47.75
N PHE C 239 -15.67 -13.74 48.70
CA PHE C 239 -15.79 -15.01 49.45
C PHE C 239 -16.14 -14.77 50.94
N VAL C 240 -16.31 -13.50 51.34
CA VAL C 240 -16.49 -13.14 52.79
C VAL C 240 -17.79 -13.75 53.32
N ASN C 241 -18.85 -13.72 52.51
CA ASN C 241 -20.21 -14.21 52.88
C ASN C 241 -20.31 -15.73 52.69
N ASP C 242 -19.22 -16.40 52.29
CA ASP C 242 -19.11 -17.89 52.19
C ASP C 242 -18.32 -18.41 53.40
N LYS C 243 -19.01 -18.76 54.49
CA LYS C 243 -18.42 -18.98 55.85
C LYS C 243 -17.42 -20.14 55.81
N LYS C 244 -17.61 -21.12 54.91
CA LYS C 244 -16.76 -22.34 54.82
C LYS C 244 -15.36 -21.99 54.29
N VAL C 245 -15.21 -20.89 53.55
CA VAL C 245 -13.93 -20.49 52.89
C VAL C 245 -13.03 -19.77 53.90
N LYS C 246 -11.96 -20.41 54.36
CA LYS C 246 -10.97 -19.78 55.28
C LYS C 246 -10.14 -18.78 54.47
N LEU C 247 -9.90 -17.58 55.02
CA LEU C 247 -9.13 -16.48 54.38
C LEU C 247 -7.86 -16.23 55.21
N VAL C 248 -6.69 -16.21 54.58
CA VAL C 248 -5.39 -16.00 55.28
C VAL C 248 -4.62 -14.88 54.56
N GLY C 249 -4.38 -13.76 55.26
CA GLY C 249 -3.53 -12.65 54.79
C GLY C 249 -2.14 -12.76 55.37
N VAL C 250 -1.13 -12.90 54.51
CA VAL C 250 0.30 -13.08 54.89
C VAL C 250 0.97 -11.70 54.89
N GLU C 251 1.51 -11.29 56.05
CA GLU C 251 2.29 -10.04 56.19
C GLU C 251 3.80 -10.34 56.19
N ALA C 252 4.61 -9.33 55.92
CA ALA C 252 6.10 -9.39 55.96
C ALA C 252 6.56 -9.70 57.38
N GLY C 253 7.19 -10.85 57.57
CA GLY C 253 7.86 -11.25 58.83
C GLY C 253 9.30 -10.76 58.87
N GLY C 254 9.76 -10.17 57.77
CA GLY C 254 11.11 -9.59 57.62
C GLY C 254 12.20 -10.52 58.12
N LYS C 255 13.08 -10.01 58.99
CA LYS C 255 14.21 -10.79 59.60
C LYS C 255 13.65 -11.70 60.69
N GLY C 256 12.53 -11.31 61.31
CA GLY C 256 11.80 -12.11 62.31
C GLY C 256 10.75 -11.27 63.03
N LEU C 257 9.70 -11.90 63.55
CA LEU C 257 8.60 -11.23 64.31
C LEU C 257 9.14 -10.67 65.64
N GLU C 258 10.16 -11.33 66.21
CA GLU C 258 10.81 -10.91 67.48
C GLU C 258 12.04 -10.03 67.17
N SER C 259 12.43 -9.93 65.89
CA SER C 259 13.66 -9.23 65.43
C SER C 259 13.46 -7.71 65.49
N GLY C 260 12.21 -7.24 65.43
CA GLY C 260 11.87 -5.80 65.35
C GLY C 260 12.15 -5.22 63.97
N LYS C 261 12.27 -6.08 62.95
CA LYS C 261 12.55 -5.72 61.54
C LYS C 261 11.54 -6.44 60.64
N HIS C 262 10.28 -6.01 60.67
CA HIS C 262 9.14 -6.62 59.95
C HIS C 262 8.13 -5.52 59.57
N SER C 263 7.09 -5.87 58.80
CA SER C 263 5.98 -4.96 58.42
C SER C 263 4.64 -5.60 58.81
N ALA C 264 4.68 -6.51 59.80
CA ALA C 264 3.53 -7.30 60.29
C ALA C 264 2.69 -6.45 61.26
N SER C 265 1.99 -5.44 60.74
CA SER C 265 1.15 -4.48 61.50
C SER C 265 0.08 -5.24 62.30
N LEU C 266 -0.66 -6.14 61.65
CA LEU C 266 -1.83 -6.83 62.27
C LEU C 266 -1.37 -7.81 63.36
N ASN C 267 -0.13 -8.32 63.28
CA ASN C 267 0.40 -9.32 64.25
C ASN C 267 0.89 -8.61 65.52
N ALA C 268 1.61 -7.48 65.37
CA ALA C 268 2.39 -6.84 66.44
C ALA C 268 2.05 -5.35 66.61
N GLY C 269 1.32 -4.74 65.67
CA GLY C 269 1.05 -3.30 65.66
C GLY C 269 -0.03 -2.91 66.68
N GLN C 270 -0.17 -1.60 66.92
CA GLN C 270 -1.14 -1.01 67.89
C GLN C 270 -2.14 -0.15 67.11
N VAL C 271 -3.37 -0.04 67.63
CA VAL C 271 -4.46 0.77 66.99
C VAL C 271 -4.10 2.25 67.14
N GLY C 272 -4.17 3.02 66.04
CA GLY C 272 -3.79 4.44 65.99
C GLY C 272 -4.42 5.16 64.82
N VAL C 273 -4.32 6.50 64.78
CA VAL C 273 -4.84 7.36 63.69
C VAL C 273 -3.65 7.96 62.94
N SER C 274 -3.43 7.49 61.71
CA SER C 274 -2.43 8.02 60.75
C SER C 274 -2.94 7.81 59.32
N GLU C 275 -2.35 8.52 58.35
CA GLU C 275 -2.65 8.38 56.90
C GLU C 275 -4.13 8.66 56.64
N GLY C 276 -4.82 9.32 57.59
CA GLY C 276 -6.24 9.72 57.46
C GLY C 276 -7.20 8.56 57.72
N MET C 277 -6.73 7.52 58.40
CA MET C 277 -7.55 6.31 58.73
C MET C 277 -7.25 5.86 60.16
N LEU C 278 -8.17 5.08 60.74
CA LEU C 278 -7.97 4.34 62.01
C LEU C 278 -7.80 2.85 61.69
N SER C 279 -6.62 2.31 61.99
CA SER C 279 -6.20 0.91 61.71
C SER C 279 -5.01 0.55 62.59
N TYR C 280 -4.50 -0.69 62.50
CA TYR C 280 -3.25 -1.11 63.15
C TYR C 280 -2.07 -0.44 62.45
N PHE C 281 -1.13 0.09 63.23
CA PHE C 281 0.18 0.62 62.78
C PHE C 281 1.25 0.08 63.73
N LEU C 282 2.48 -0.11 63.24
CA LEU C 282 3.64 -0.52 64.08
C LEU C 282 4.12 0.71 64.86
N GLN C 283 4.27 0.59 66.19
CA GLN C 283 4.66 1.68 67.12
C GLN C 283 5.75 1.20 68.08
N ILE C 289 5.40 5.86 65.65
CA ILE C 289 5.34 4.84 64.56
C ILE C 289 6.77 4.45 64.16
N LYS C 290 7.09 3.15 64.20
CA LYS C 290 8.44 2.60 63.91
C LYS C 290 8.59 2.40 62.40
N PRO C 291 9.83 2.31 61.88
CA PRO C 291 10.06 1.92 60.49
C PRO C 291 9.79 0.42 60.31
N SER C 292 9.40 0.02 59.10
CA SER C 292 9.15 -1.40 58.72
C SER C 292 10.32 -1.90 57.87
N HIS C 293 10.52 -3.22 57.85
CA HIS C 293 11.49 -3.91 56.97
C HIS C 293 10.79 -5.05 56.21
N SER C 294 11.26 -5.34 54.99
CA SER C 294 10.86 -6.50 54.15
C SER C 294 11.74 -6.53 52.90
N ILE C 295 12.18 -7.73 52.50
CA ILE C 295 12.88 -7.97 51.21
C ILE C 295 11.95 -7.52 50.07
N ALA C 296 10.63 -7.65 50.26
CA ALA C 296 9.59 -7.20 49.32
C ALA C 296 9.23 -5.74 49.60
N PRO C 297 9.65 -4.78 48.74
CA PRO C 297 9.38 -3.36 48.97
C PRO C 297 7.88 -3.06 49.11
N GLY C 298 7.05 -3.84 48.42
CA GLY C 298 5.58 -3.65 48.35
C GLY C 298 4.86 -4.09 49.62
N LEU C 299 5.50 -4.92 50.45
CA LEU C 299 4.96 -5.34 51.77
C LEU C 299 5.50 -4.42 52.88
N ASP C 300 6.50 -3.58 52.57
CA ASP C 300 7.25 -2.73 53.55
C ASP C 300 6.37 -1.54 53.93
N TYR C 301 5.29 -1.78 54.67
CA TYR C 301 4.33 -0.74 55.13
C TYR C 301 4.02 -0.93 56.62
N PRO C 302 4.36 0.07 57.46
CA PRO C 302 4.06 0.03 58.90
C PRO C 302 2.56 -0.14 59.21
N GLY C 303 1.70 0.38 58.32
CA GLY C 303 0.23 0.32 58.46
C GLY C 303 -0.37 -0.91 57.79
N VAL C 304 -1.71 -0.93 57.69
CA VAL C 304 -2.52 -2.00 57.04
C VAL C 304 -3.92 -1.43 56.79
N GLY C 305 -4.71 -2.07 55.93
CA GLY C 305 -6.07 -1.63 55.58
C GLY C 305 -7.02 -1.79 56.75
N PRO C 306 -7.92 -0.82 57.02
CA PRO C 306 -8.87 -0.93 58.13
C PRO C 306 -9.81 -2.14 58.00
N GLU C 307 -10.19 -2.49 56.76
CA GLU C 307 -11.09 -3.64 56.48
C GLU C 307 -10.40 -4.95 56.88
N HIS C 308 -9.05 -4.97 56.85
CA HIS C 308 -8.24 -6.11 57.31
C HIS C 308 -8.21 -6.14 58.84
N ALA C 309 -8.20 -4.98 59.48
CA ALA C 309 -8.36 -4.83 60.95
C ALA C 309 -9.73 -5.40 61.36
N TYR C 310 -10.78 -5.03 60.63
CA TYR C 310 -12.18 -5.49 60.86
C TYR C 310 -12.25 -7.01 60.74
N LEU C 311 -11.67 -7.58 59.68
CA LEU C 311 -11.76 -9.03 59.38
C LEU C 311 -11.01 -9.82 60.46
N LYS C 312 -9.89 -9.27 60.97
CA LYS C 312 -9.13 -9.87 62.10
C LYS C 312 -10.01 -9.93 63.35
N LYS C 313 -10.71 -8.83 63.68
CA LYS C 313 -11.47 -8.66 64.96
C LYS C 313 -12.63 -9.64 65.02
N ILE C 314 -13.42 -9.76 63.94
CA ILE C 314 -14.60 -10.68 63.84
C ILE C 314 -14.11 -12.09 63.49
N GLN C 315 -12.80 -12.26 63.30
CA GLN C 315 -12.12 -13.56 63.06
C GLN C 315 -12.66 -14.21 61.77
N ARG C 316 -12.85 -13.41 60.72
CA ARG C 316 -13.30 -13.87 59.36
C ARG C 316 -12.07 -14.26 58.53
N ALA C 317 -10.95 -13.57 58.75
CA ALA C 317 -9.63 -13.87 58.18
C ALA C 317 -8.62 -14.03 59.32
N GLU C 318 -7.70 -14.99 59.17
CA GLU C 318 -6.47 -15.12 60.00
C GLU C 318 -5.37 -14.33 59.30
N TYR C 319 -4.46 -13.72 60.07
CA TYR C 319 -3.27 -13.00 59.54
C TYR C 319 -2.03 -13.63 60.16
N VAL C 320 -1.02 -13.87 59.34
CA VAL C 320 0.20 -14.64 59.66
C VAL C 320 1.40 -13.86 59.14
N ALA C 321 2.62 -14.29 59.48
CA ALA C 321 3.86 -13.67 58.99
C ALA C 321 4.72 -14.73 58.30
N VAL C 322 5.48 -14.31 57.29
CA VAL C 322 6.46 -15.18 56.58
C VAL C 322 7.78 -14.41 56.51
N THR C 323 8.89 -15.06 56.85
CA THR C 323 10.25 -14.44 56.88
C THR C 323 10.67 -14.10 55.45
N ASP C 324 11.66 -13.22 55.30
CA ASP C 324 12.33 -12.92 54.00
C ASP C 324 12.91 -14.23 53.44
N GLU C 325 13.51 -15.06 54.31
CA GLU C 325 14.21 -16.32 53.94
C GLU C 325 13.17 -17.33 53.43
N GLU C 326 12.01 -17.42 54.08
CA GLU C 326 10.88 -18.28 53.65
C GLU C 326 10.39 -17.83 52.26
N ALA C 327 10.34 -16.51 52.04
CA ALA C 327 9.78 -15.87 50.83
C ALA C 327 10.74 -16.08 49.64
N LEU C 328 12.05 -15.93 49.86
CA LEU C 328 13.11 -16.22 48.86
C LEU C 328 13.06 -17.69 48.43
N LYS C 329 12.92 -18.60 49.40
CA LYS C 329 12.78 -20.06 49.16
C LYS C 329 11.59 -20.29 48.21
N ALA C 330 10.45 -19.66 48.48
CA ALA C 330 9.21 -19.79 47.67
C ALA C 330 9.44 -19.17 46.28
N PHE C 331 10.20 -18.07 46.18
CA PHE C 331 10.56 -17.39 44.92
C PHE C 331 11.30 -18.37 44.00
N HIS C 332 12.26 -19.13 44.54
CA HIS C 332 13.09 -20.10 43.79
C HIS C 332 12.26 -21.36 43.50
N GLU C 333 11.44 -21.80 44.46
CA GLU C 333 10.69 -23.09 44.38
C GLU C 333 9.60 -22.97 43.30
N LEU C 334 8.89 -21.84 43.23
CA LEU C 334 7.82 -21.64 42.23
C LEU C 334 8.45 -21.52 40.84
N SER C 335 9.57 -20.80 40.75
CA SER C 335 10.37 -20.62 39.51
C SER C 335 10.78 -21.99 38.96
N ARG C 336 11.38 -22.84 39.81
CA ARG C 336 11.97 -24.15 39.40
C ARG C 336 10.86 -25.18 39.11
N THR C 337 9.73 -25.10 39.81
CA THR C 337 8.70 -26.19 39.86
C THR C 337 7.56 -25.91 38.86
N GLU C 338 7.24 -24.64 38.59
CA GLU C 338 6.07 -24.27 37.77
C GLU C 338 6.46 -23.32 36.63
N GLY C 339 7.72 -22.87 36.59
CA GLY C 339 8.21 -21.90 35.60
C GLY C 339 7.47 -20.57 35.65
N ILE C 340 7.06 -20.16 36.85
CA ILE C 340 6.51 -18.80 37.13
C ILE C 340 7.47 -18.11 38.11
N ILE C 341 8.02 -16.97 37.72
CA ILE C 341 8.88 -16.11 38.59
C ILE C 341 7.95 -15.14 39.32
N PRO C 342 7.63 -15.38 40.60
CA PRO C 342 6.68 -14.54 41.33
C PRO C 342 7.36 -13.28 41.88
N ALA C 343 6.60 -12.20 42.07
CA ALA C 343 7.00 -11.02 42.87
C ALA C 343 7.31 -11.47 44.30
N LEU C 344 8.31 -10.88 44.94
CA LEU C 344 8.73 -11.25 46.32
C LEU C 344 7.54 -11.08 47.27
N GLU C 345 6.71 -10.05 47.03
CA GLU C 345 5.42 -9.83 47.74
C GLU C 345 4.59 -11.12 47.68
N SER C 346 4.27 -11.60 46.48
CA SER C 346 3.41 -12.79 46.25
C SER C 346 4.09 -14.05 46.79
N ALA C 347 5.42 -14.10 46.77
CA ALA C 347 6.23 -15.26 47.22
C ALA C 347 6.00 -15.50 48.72
N HIS C 348 5.65 -14.44 49.47
CA HIS C 348 5.23 -14.53 50.89
C HIS C 348 3.97 -15.39 51.00
N ALA C 349 3.01 -15.17 50.10
CA ALA C 349 1.72 -15.89 50.04
C ALA C 349 1.96 -17.34 49.58
N VAL C 350 2.92 -17.54 48.66
CA VAL C 350 3.29 -18.90 48.18
C VAL C 350 3.89 -19.66 49.36
N ALA C 351 4.87 -19.05 50.03
CA ALA C 351 5.58 -19.61 51.22
C ALA C 351 4.58 -20.20 52.22
N TYR C 352 3.60 -19.41 52.70
CA TYR C 352 2.68 -19.85 53.78
C TYR C 352 1.76 -20.96 53.26
N ALA C 353 1.21 -20.77 52.06
CA ALA C 353 0.37 -21.75 51.34
C ALA C 353 1.07 -23.11 51.29
N MET C 354 2.40 -23.11 51.09
CA MET C 354 3.23 -24.33 50.96
C MET C 354 3.30 -25.05 52.31
N LYS C 355 3.40 -24.29 53.41
CA LYS C 355 3.31 -24.84 54.79
C LYS C 355 1.91 -25.41 55.03
N LEU C 356 0.87 -24.67 54.64
CA LEU C 356 -0.54 -24.99 54.94
C LEU C 356 -1.00 -26.20 54.11
N ALA C 357 -0.50 -26.32 52.88
CA ALA C 357 -0.85 -27.40 51.93
C ALA C 357 -0.38 -28.76 52.48
N LYS C 358 0.75 -28.80 53.19
CA LYS C 358 1.38 -30.04 53.73
C LYS C 358 0.51 -30.61 54.86
N GLU C 359 -0.20 -29.75 55.60
CA GLU C 359 -0.97 -30.10 56.82
C GLU C 359 -2.41 -30.47 56.45
N MET C 360 -2.80 -30.23 55.18
CA MET C 360 -4.18 -30.42 54.68
C MET C 360 -4.25 -31.71 53.84
N SER C 361 -5.46 -32.19 53.55
CA SER C 361 -5.72 -33.45 52.80
C SER C 361 -5.56 -33.19 51.30
N ARG C 362 -5.46 -34.27 50.51
CA ARG C 362 -5.20 -34.22 49.04
C ARG C 362 -6.45 -33.74 48.30
N ASP C 363 -7.62 -33.79 48.93
CA ASP C 363 -8.94 -33.43 48.32
C ASP C 363 -9.28 -31.97 48.63
N GLU C 364 -8.53 -31.32 49.53
CA GLU C 364 -8.75 -29.91 49.93
C GLU C 364 -8.04 -28.97 48.94
N ILE C 365 -8.52 -27.73 48.82
CA ILE C 365 -8.16 -26.74 47.77
C ILE C 365 -7.71 -25.42 48.40
N ILE C 366 -6.48 -25.00 48.09
CA ILE C 366 -5.93 -23.64 48.39
C ILE C 366 -5.86 -22.85 47.08
N ILE C 367 -6.31 -21.59 47.11
CA ILE C 367 -6.08 -20.58 46.03
C ILE C 367 -5.11 -19.53 46.58
N VAL C 368 -3.95 -19.37 45.94
CA VAL C 368 -2.94 -18.33 46.30
C VAL C 368 -3.09 -17.18 45.30
N ASN C 369 -3.18 -15.94 45.78
CA ASN C 369 -3.20 -14.74 44.91
C ASN C 369 -1.76 -14.44 44.49
N LEU C 370 -1.43 -14.65 43.22
CA LEU C 370 -0.09 -14.36 42.67
C LEU C 370 -0.12 -12.92 42.15
N SER C 371 0.08 -11.96 43.05
CA SER C 371 -0.28 -10.53 42.89
C SER C 371 0.58 -9.89 41.79
N GLY C 372 1.80 -10.39 41.56
CA GLY C 372 2.72 -9.84 40.55
C GLY C 372 3.79 -10.81 40.10
N ARG C 373 4.51 -10.44 39.04
CA ARG C 373 5.67 -11.19 38.48
C ARG C 373 6.95 -10.60 39.09
N GLY C 374 8.03 -11.37 39.07
CA GLY C 374 9.26 -11.12 39.86
C GLY C 374 10.35 -10.45 39.06
N ASP C 375 10.04 -10.01 37.83
CA ASP C 375 11.02 -9.38 36.91
C ASP C 375 11.63 -8.16 37.59
N LYS C 376 10.81 -7.44 38.36
CA LYS C 376 11.19 -6.21 39.12
C LYS C 376 12.14 -6.57 40.28
N ASP C 377 12.14 -7.82 40.75
CA ASP C 377 12.79 -8.25 42.02
C ASP C 377 14.11 -8.98 41.76
N LEU C 378 14.45 -9.22 40.49
CA LEU C 378 15.60 -10.08 40.07
C LEU C 378 16.90 -9.59 40.72
N ASP C 379 17.13 -8.26 40.68
CA ASP C 379 18.38 -7.61 41.18
C ASP C 379 18.54 -7.85 42.69
N ILE C 380 17.44 -7.90 43.44
CA ILE C 380 17.42 -8.17 44.92
C ILE C 380 17.78 -9.64 45.16
N VAL C 381 17.20 -10.54 44.36
CA VAL C 381 17.37 -12.02 44.47
C VAL C 381 18.82 -12.39 44.16
N LEU C 382 19.46 -11.72 43.19
CA LEU C 382 20.89 -11.95 42.84
C LEU C 382 21.76 -11.58 44.05
N LYS C 383 21.45 -10.48 44.74
CA LYS C 383 22.21 -9.96 45.91
C LYS C 383 22.15 -10.95 47.08
N ALA C 384 21.03 -11.66 47.25
CA ALA C 384 20.87 -12.78 48.20
C ALA C 384 21.76 -13.95 47.74
N MET D 1 -9.97 11.12 2.88
CA MET D 1 -10.87 12.30 2.73
C MET D 1 -10.04 13.58 2.77
N TRP D 2 -9.01 13.62 3.62
CA TRP D 2 -8.25 14.85 3.96
C TRP D 2 -6.82 14.73 3.43
N PHE D 3 -6.33 15.80 2.80
CA PHE D 3 -4.91 16.00 2.41
C PHE D 3 -4.36 17.15 3.26
N GLY D 4 -3.95 16.83 4.48
CA GLY D 4 -3.72 17.81 5.56
C GLY D 4 -5.01 18.56 5.88
N GLU D 5 -5.03 19.86 5.57
CA GLU D 5 -6.12 20.82 5.94
C GLU D 5 -7.17 20.89 4.82
N PHE D 6 -6.85 20.32 3.66
CA PHE D 6 -7.62 20.48 2.39
C PHE D 6 -8.36 19.18 2.05
N GLY D 7 -9.55 19.31 1.47
CA GLY D 7 -10.33 18.16 0.97
C GLY D 7 -11.78 18.21 1.41
N GLY D 8 -12.32 17.08 1.88
CA GLY D 8 -13.62 16.98 2.57
C GLY D 8 -14.74 16.51 1.65
N GLN D 9 -15.93 16.31 2.23
CA GLN D 9 -17.24 16.09 1.54
C GLN D 9 -18.21 17.23 1.90
N TYR D 10 -17.96 18.45 1.42
CA TYR D 10 -18.75 19.66 1.77
C TYR D 10 -19.93 19.80 0.80
N VAL D 11 -20.90 18.91 0.94
CA VAL D 11 -22.07 18.75 0.02
C VAL D 11 -23.34 18.62 0.86
N PRO D 12 -24.54 18.86 0.27
CA PRO D 12 -25.81 18.62 0.97
C PRO D 12 -25.99 17.15 1.39
N GLU D 13 -26.89 16.90 2.35
CA GLU D 13 -27.13 15.57 2.95
C GLU D 13 -27.55 14.56 1.87
N THR D 14 -28.15 15.06 0.78
CA THR D 14 -28.71 14.25 -0.35
C THR D 14 -27.58 13.55 -1.12
N LEU D 15 -26.37 14.12 -1.11
CA LEU D 15 -25.17 13.61 -1.84
C LEU D 15 -24.29 12.75 -0.93
N VAL D 16 -24.48 12.84 0.39
CA VAL D 16 -23.64 12.14 1.41
C VAL D 16 -23.80 10.62 1.23
N GLY D 17 -25.04 10.16 1.03
CA GLY D 17 -25.37 8.74 0.82
C GLY D 17 -24.67 8.19 -0.42
N PRO D 18 -24.99 8.73 -1.62
CA PRO D 18 -24.28 8.39 -2.85
C PRO D 18 -22.75 8.30 -2.74
N LEU D 19 -22.12 9.33 -2.16
CA LEU D 19 -20.64 9.44 -2.04
C LEU D 19 -20.11 8.37 -1.06
N LYS D 20 -20.90 7.99 -0.05
CA LYS D 20 -20.54 6.96 0.95
C LYS D 20 -20.59 5.59 0.28
N GLU D 21 -21.64 5.34 -0.52
CA GLU D 21 -21.83 4.08 -1.27
C GLU D 21 -20.73 3.93 -2.32
N LEU D 22 -20.32 5.04 -2.97
CA LEU D 22 -19.17 5.06 -3.93
C LEU D 22 -17.88 4.75 -3.17
N GLU D 23 -17.70 5.38 -2.01
CA GLU D 23 -16.51 5.21 -1.13
C GLU D 23 -16.37 3.74 -0.71
N LYS D 24 -17.49 3.10 -0.36
CA LYS D 24 -17.55 1.68 0.07
C LYS D 24 -17.20 0.75 -1.11
N ALA D 25 -17.67 1.08 -2.31
CA ALA D 25 -17.43 0.33 -3.56
C ALA D 25 -15.94 0.41 -3.94
N TYR D 26 -15.37 1.61 -3.94
CA TYR D 26 -13.94 1.83 -4.30
C TYR D 26 -13.06 0.98 -3.38
N LYS D 27 -13.29 1.03 -2.06
CA LYS D 27 -12.57 0.19 -1.08
C LYS D 27 -12.61 -1.26 -1.56
N ARG D 28 -13.81 -1.75 -1.90
CA ARG D 28 -14.07 -3.15 -2.32
C ARG D 28 -13.18 -3.51 -3.53
N PHE D 29 -13.09 -2.62 -4.53
CA PHE D 29 -12.58 -2.94 -5.90
C PHE D 29 -11.13 -2.45 -6.13
N LYS D 30 -10.70 -1.39 -5.44
CA LYS D 30 -9.41 -0.70 -5.72
C LYS D 30 -8.24 -1.70 -5.70
N ASP D 31 -8.35 -2.79 -4.92
CA ASP D 31 -7.27 -3.82 -4.78
C ASP D 31 -7.77 -5.21 -5.16
N ASP D 32 -9.00 -5.33 -5.71
CA ASP D 32 -9.60 -6.62 -6.14
C ASP D 32 -8.86 -7.13 -7.38
N GLU D 33 -8.58 -8.44 -7.44
CA GLU D 33 -7.79 -9.07 -8.54
C GLU D 33 -8.49 -8.85 -9.88
N GLU D 34 -9.81 -9.11 -9.94
CA GLU D 34 -10.61 -9.09 -11.19
C GLU D 34 -10.74 -7.66 -11.71
N PHE D 35 -11.05 -6.69 -10.84
CA PHE D 35 -11.21 -5.25 -11.24
C PHE D 35 -9.93 -4.79 -11.91
N ASN D 36 -8.79 -5.00 -11.25
CA ASN D 36 -7.46 -4.54 -11.71
C ASN D 36 -7.04 -5.30 -12.97
N ARG D 37 -7.39 -6.59 -13.08
CA ARG D 37 -7.15 -7.41 -14.30
C ARG D 37 -7.94 -6.81 -15.46
N GLN D 38 -9.23 -6.52 -15.25
CA GLN D 38 -10.13 -5.90 -16.27
C GLN D 38 -9.61 -4.50 -16.63
N LEU D 39 -9.27 -3.68 -15.62
CA LEU D 39 -8.81 -2.29 -15.86
C LEU D 39 -7.51 -2.30 -16.67
N ASN D 40 -6.53 -3.12 -16.26
CA ASN D 40 -5.20 -3.22 -16.91
C ASN D 40 -5.35 -3.72 -18.35
N TYR D 41 -6.21 -4.71 -18.58
CA TYR D 41 -6.55 -5.25 -19.92
C TYR D 41 -7.07 -4.11 -20.83
N TYR D 42 -7.99 -3.28 -20.35
CA TYR D 42 -8.57 -2.15 -21.13
C TYR D 42 -7.49 -1.09 -21.39
N LEU D 43 -6.73 -0.70 -20.37
CA LEU D 43 -5.66 0.33 -20.52
C LEU D 43 -4.62 -0.16 -21.54
N LYS D 44 -4.34 -1.46 -21.56
CA LYS D 44 -3.33 -2.07 -22.46
C LYS D 44 -3.88 -2.14 -23.89
N THR D 45 -5.02 -2.80 -24.10
CA THR D 45 -5.48 -3.25 -25.44
C THR D 45 -6.36 -2.18 -26.11
N TRP D 46 -6.95 -1.27 -25.31
CA TRP D 46 -7.93 -0.27 -25.81
C TRP D 46 -7.29 1.13 -25.79
N ALA D 47 -6.57 1.46 -24.73
CA ALA D 47 -6.04 2.82 -24.46
C ALA D 47 -4.61 2.93 -25.02
N GLY D 48 -3.88 1.82 -25.06
CA GLY D 48 -2.52 1.76 -25.63
C GLY D 48 -1.44 1.99 -24.58
N ARG D 49 -1.73 1.75 -23.30
CA ARG D 49 -0.72 1.81 -22.21
C ARG D 49 0.17 0.57 -22.29
N PRO D 50 1.48 0.64 -21.96
CA PRO D 50 2.10 1.88 -21.48
C PRO D 50 2.39 2.87 -22.62
N THR D 51 2.31 4.17 -22.34
CA THR D 51 2.79 5.22 -23.26
C THR D 51 4.31 5.32 -23.13
N PRO D 52 5.00 5.74 -24.20
CA PRO D 52 6.46 5.81 -24.20
C PRO D 52 6.99 7.03 -23.42
N LEU D 53 8.25 6.95 -23.00
CA LEU D 53 9.02 8.09 -22.46
C LEU D 53 10.06 8.51 -23.52
N TYR D 54 9.88 9.71 -24.09
CA TYR D 54 10.61 10.19 -25.28
C TYR D 54 11.67 11.23 -24.88
N TYR D 55 12.93 10.97 -25.25
CA TYR D 55 14.06 11.93 -25.12
C TYR D 55 14.01 12.88 -26.32
N ALA D 56 13.68 14.15 -26.06
CA ALA D 56 13.64 15.23 -27.09
C ALA D 56 15.05 15.79 -27.29
N LYS D 57 15.92 15.02 -27.96
CA LYS D 57 17.38 15.29 -28.08
C LYS D 57 17.60 16.64 -28.77
N ARG D 58 16.79 16.97 -29.78
CA ARG D 58 16.96 18.21 -30.60
C ARG D 58 16.55 19.42 -29.75
N LEU D 59 15.49 19.28 -28.96
CA LEU D 59 15.02 20.33 -28.01
C LEU D 59 16.09 20.54 -26.92
N THR D 60 16.58 19.45 -26.34
CA THR D 60 17.59 19.42 -25.24
C THR D 60 18.84 20.20 -25.67
N GLU D 61 19.43 19.83 -26.81
CA GLU D 61 20.72 20.36 -27.31
C GLU D 61 20.53 21.80 -27.80
N LYS D 62 19.29 22.16 -28.20
CA LYS D 62 18.91 23.53 -28.63
C LYS D 62 18.93 24.47 -27.40
N ILE D 63 18.47 23.97 -26.24
CA ILE D 63 18.45 24.71 -24.95
C ILE D 63 19.88 24.80 -24.39
N GLY D 64 20.62 23.69 -24.48
CA GLY D 64 22.03 23.58 -24.05
C GLY D 64 22.16 23.03 -22.63
N GLY D 65 21.03 22.89 -21.93
CA GLY D 65 20.98 22.51 -20.50
C GLY D 65 20.64 21.05 -20.29
N ALA D 66 19.73 20.75 -19.37
CA ALA D 66 19.40 19.39 -18.87
C ALA D 66 18.72 18.56 -19.98
N LYS D 67 18.68 17.23 -19.79
CA LYS D 67 17.99 16.27 -20.67
C LYS D 67 16.48 16.42 -20.46
N VAL D 68 15.72 16.63 -21.54
CA VAL D 68 14.24 16.83 -21.50
C VAL D 68 13.57 15.57 -22.05
N TYR D 69 13.10 14.71 -21.16
CA TYR D 69 12.22 13.54 -21.48
C TYR D 69 10.76 14.02 -21.49
N LEU D 70 9.98 13.56 -22.46
CA LEU D 70 8.51 13.81 -22.55
C LEU D 70 7.78 12.51 -22.27
N LYS D 71 6.91 12.49 -21.26
CA LYS D 71 5.96 11.38 -21.02
C LYS D 71 4.75 11.62 -21.91
N ARG D 72 4.44 10.65 -22.77
CA ARG D 72 3.65 10.83 -24.03
C ARG D 72 2.20 10.38 -23.81
N GLU D 73 1.46 11.08 -22.95
CA GLU D 73 0.00 10.84 -22.76
C GLU D 73 -0.76 11.37 -23.97
N ASP D 74 -0.08 12.07 -24.89
CA ASP D 74 -0.64 12.46 -26.22
C ASP D 74 -0.99 11.21 -27.04
N LEU D 75 -0.39 10.05 -26.76
CA LEU D 75 -0.49 8.81 -27.58
C LEU D 75 -1.52 7.83 -26.99
N VAL D 76 -2.08 8.12 -25.82
CA VAL D 76 -3.17 7.26 -25.26
C VAL D 76 -4.43 7.52 -26.08
N HIS D 77 -5.28 6.51 -26.25
CA HIS D 77 -6.55 6.57 -27.02
C HIS D 77 -7.34 7.80 -26.57
N GLY D 78 -7.78 8.65 -27.51
CA GLY D 78 -8.55 9.89 -27.24
C GLY D 78 -7.63 11.10 -27.16
N GLY D 79 -6.33 10.86 -26.98
CA GLY D 79 -5.27 11.87 -27.17
C GLY D 79 -4.93 12.60 -25.88
N ALA D 80 -5.42 12.12 -24.74
CA ALA D 80 -5.22 12.77 -23.43
C ALA D 80 -5.23 11.73 -22.32
N HIS D 81 -4.55 12.04 -21.20
CA HIS D 81 -4.48 11.24 -19.94
C HIS D 81 -5.89 10.98 -19.40
N THR D 83 -8.41 9.71 -20.38
CA THR D 83 -8.90 8.34 -20.71
C THR D 83 -8.65 7.38 -19.54
N ASN D 84 -7.49 7.48 -18.89
CA ASN D 84 -7.10 6.58 -17.77
C ASN D 84 -8.19 6.62 -16.70
N ASN D 85 -8.61 7.84 -16.31
CA ASN D 85 -9.61 8.11 -15.25
C ASN D 85 -11.01 7.70 -15.73
N ALA D 86 -11.32 7.98 -17.00
CA ALA D 86 -12.63 7.66 -17.63
C ALA D 86 -12.86 6.15 -17.60
N ILE D 87 -11.84 5.35 -17.97
CA ILE D 87 -11.93 3.86 -17.98
C ILE D 87 -12.10 3.38 -16.55
N GLY D 88 -11.25 3.85 -15.63
CA GLY D 88 -11.25 3.48 -14.20
C GLY D 88 -12.63 3.64 -13.57
N GLN D 89 -13.21 4.83 -13.65
CA GLN D 89 -14.52 5.16 -13.02
C GLN D 89 -15.66 4.42 -13.73
N ALA D 90 -15.56 4.22 -15.05
CA ALA D 90 -16.62 3.60 -15.88
C ALA D 90 -16.72 2.11 -15.55
N LEU D 91 -15.57 1.44 -15.39
CA LEU D 91 -15.49 -0.02 -15.08
C LEU D 91 -15.97 -0.23 -13.65
N LEU D 92 -15.49 0.61 -12.72
CA LEU D 92 -15.96 0.66 -11.31
C LEU D 92 -17.49 0.75 -11.29
N ALA D 93 -18.05 1.70 -12.04
CA ALA D 93 -19.50 1.92 -12.21
C ALA D 93 -20.18 0.60 -12.64
N LYS D 94 -19.61 -0.09 -13.63
CA LYS D 94 -20.17 -1.33 -14.20
C LYS D 94 -20.17 -2.43 -13.13
N LEU D 95 -19.09 -2.54 -12.35
CA LEU D 95 -18.92 -3.58 -11.30
C LEU D 95 -19.78 -3.25 -10.07
N MET D 96 -20.15 -1.98 -9.90
CA MET D 96 -21.10 -1.48 -8.86
C MET D 96 -22.54 -1.80 -9.27
N GLY D 97 -22.77 -2.22 -10.51
CA GLY D 97 -24.10 -2.55 -11.05
C GLY D 97 -24.77 -1.35 -11.70
N LYS D 98 -24.03 -0.25 -11.87
CA LYS D 98 -24.51 0.98 -12.56
C LYS D 98 -24.62 0.69 -14.05
N THR D 99 -25.68 1.19 -14.69
CA THR D 99 -26.01 0.97 -16.12
C THR D 99 -25.80 2.29 -16.88
N ARG D 100 -25.68 3.41 -16.15
CA ARG D 100 -25.61 4.78 -16.71
C ARG D 100 -24.38 5.52 -16.15
N LEU D 101 -23.72 6.31 -16.99
CA LEU D 101 -22.71 7.32 -16.60
C LEU D 101 -23.27 8.71 -16.93
N ILE D 102 -23.04 9.69 -16.07
CA ILE D 102 -23.29 11.13 -16.36
C ILE D 102 -22.00 11.89 -16.02
N ALA D 103 -21.74 12.94 -16.80
CA ALA D 103 -20.58 13.84 -16.56
C ALA D 103 -20.93 15.24 -17.07
N GLU D 104 -20.06 16.20 -16.76
CA GLU D 104 -20.18 17.62 -17.19
C GLU D 104 -18.87 17.99 -17.89
N THR D 105 -18.94 18.89 -18.86
CA THR D 105 -17.75 19.41 -19.60
C THR D 105 -18.15 20.74 -20.26
N GLY D 106 -17.18 21.65 -20.39
CA GLY D 106 -17.31 22.87 -21.21
C GLY D 106 -16.45 22.75 -22.45
N ALA D 107 -15.14 22.57 -22.25
CA ALA D 107 -14.12 22.35 -23.31
C ALA D 107 -14.59 21.25 -24.26
N GLY D 108 -15.23 20.22 -23.69
CA GLY D 108 -15.78 19.07 -24.44
C GLY D 108 -14.97 17.81 -24.20
N GLN D 109 -13.69 17.95 -23.85
CA GLN D 109 -12.72 16.82 -23.82
C GLN D 109 -13.24 15.73 -22.88
N HIS D 110 -13.59 16.09 -21.64
CA HIS D 110 -14.02 15.13 -20.59
C HIS D 110 -15.33 14.46 -21.00
N GLY D 111 -16.19 15.20 -21.71
CA GLY D 111 -17.39 14.64 -22.37
C GLY D 111 -17.04 13.49 -23.30
N VAL D 112 -16.01 13.67 -24.12
CA VAL D 112 -15.58 12.69 -25.17
C VAL D 112 -14.99 11.46 -24.48
N ALA D 113 -14.14 11.68 -23.48
CA ALA D 113 -13.47 10.62 -22.70
C ALA D 113 -14.52 9.73 -22.03
N THR D 114 -15.61 10.32 -21.54
CA THR D 114 -16.69 9.59 -20.83
C THR D 114 -17.50 8.81 -21.86
N ALA D 115 -17.83 9.45 -22.99
CA ALA D 115 -18.53 8.85 -24.14
C ALA D 115 -17.75 7.62 -24.63
N MET D 116 -16.44 7.75 -24.79
CA MET D 116 -15.55 6.65 -25.25
C MET D 116 -15.64 5.49 -24.26
N ALA D 117 -15.39 5.76 -22.97
CA ALA D 117 -15.35 4.75 -21.89
C ALA D 117 -16.73 4.09 -21.74
N GLY D 118 -17.79 4.89 -21.82
CA GLY D 118 -19.18 4.40 -21.74
C GLY D 118 -19.51 3.45 -22.88
N ALA D 119 -19.23 3.85 -24.11
CA ALA D 119 -19.37 3.03 -25.33
C ALA D 119 -18.58 1.73 -25.18
N LEU D 120 -17.32 1.82 -24.76
CA LEU D 120 -16.45 0.62 -24.55
C LEU D 120 -17.18 -0.41 -23.69
N LEU D 121 -17.85 0.03 -22.62
CA LEU D 121 -18.36 -0.85 -21.55
C LEU D 121 -19.87 -1.07 -21.69
N GLY D 122 -20.47 -0.54 -22.77
CA GLY D 122 -21.90 -0.72 -23.07
C GLY D 122 -22.79 -0.13 -21.99
N MET D 123 -22.47 1.08 -21.52
CA MET D 123 -23.27 1.85 -20.54
C MET D 123 -23.80 3.12 -21.20
N LYS D 124 -25.03 3.52 -20.86
CA LYS D 124 -25.63 4.79 -21.32
C LYS D 124 -24.81 5.96 -20.78
N VAL D 125 -24.52 6.95 -21.61
CA VAL D 125 -23.76 8.17 -21.19
C VAL D 125 -24.62 9.40 -21.45
N ASP D 126 -24.91 10.17 -20.41
CA ASP D 126 -25.60 11.48 -20.50
C ASP D 126 -24.60 12.56 -20.06
N ILE D 127 -24.15 13.37 -21.01
CA ILE D 127 -23.25 14.53 -20.75
C ILE D 127 -24.11 15.79 -20.63
N TYR D 128 -24.00 16.50 -19.50
CA TYR D 128 -24.59 17.85 -19.29
C TYR D 128 -23.57 18.90 -19.76
N MET D 129 -24.01 19.80 -20.64
CA MET D 129 -23.15 20.79 -21.33
C MET D 129 -23.96 22.08 -21.53
N GLY D 130 -23.39 23.22 -21.13
CA GLY D 130 -24.02 24.55 -21.26
C GLY D 130 -24.18 24.96 -22.71
N ALA D 131 -25.38 25.44 -23.09
CA ALA D 131 -25.75 25.80 -24.47
C ALA D 131 -24.71 26.73 -25.10
N GLU D 132 -24.05 27.57 -24.30
CA GLU D 132 -22.99 28.51 -24.74
C GLU D 132 -21.67 27.76 -24.98
N ASP D 133 -21.40 26.72 -24.18
CA ASP D 133 -20.22 25.82 -24.34
C ASP D 133 -20.42 24.94 -25.58
N VAL D 134 -21.66 24.50 -25.82
CA VAL D 134 -22.07 23.60 -26.95
C VAL D 134 -21.69 24.27 -28.28
N GLU D 135 -22.12 25.52 -28.49
CA GLU D 135 -21.97 26.26 -29.76
C GLU D 135 -20.49 26.53 -30.07
N ARG D 136 -19.68 26.74 -29.04
CA ARG D 136 -18.21 26.99 -29.15
C ARG D 136 -17.50 25.70 -29.59
N GLN D 137 -17.95 24.54 -29.09
CA GLN D 137 -17.25 23.24 -29.22
C GLN D 137 -18.16 22.23 -29.94
N LYS D 138 -18.59 22.56 -31.15
CA LYS D 138 -19.63 21.82 -31.94
C LYS D 138 -19.10 20.45 -32.40
N MET D 139 -17.79 20.30 -32.58
CA MET D 139 -17.14 19.06 -33.10
C MET D 139 -17.10 18.00 -32.00
N ASN D 140 -16.81 18.40 -30.76
CA ASN D 140 -16.81 17.49 -29.58
C ASN D 140 -18.23 17.01 -29.31
N VAL D 141 -19.24 17.81 -29.70
CA VAL D 141 -20.69 17.47 -29.52
C VAL D 141 -21.03 16.35 -30.49
N PHE D 142 -20.54 16.45 -31.73
CA PHE D 142 -20.69 15.39 -32.78
C PHE D 142 -19.94 14.14 -32.30
N ARG D 143 -18.70 14.30 -31.83
CA ARG D 143 -17.86 13.19 -31.32
C ARG D 143 -18.67 12.38 -30.31
N MET D 144 -19.27 13.05 -29.33
CA MET D 144 -20.06 12.41 -28.25
C MET D 144 -21.27 11.70 -28.88
N LYS D 145 -21.92 12.35 -29.84
CA LYS D 145 -23.09 11.79 -30.59
C LYS D 145 -22.65 10.51 -31.31
N LEU D 146 -21.53 10.56 -32.05
CA LEU D 146 -20.92 9.40 -32.74
C LEU D 146 -20.70 8.26 -31.74
N LEU D 147 -20.24 8.60 -30.53
CA LEU D 147 -19.89 7.63 -29.45
C LEU D 147 -21.15 7.15 -28.72
N GLY D 148 -22.32 7.65 -29.12
CA GLY D 148 -23.63 7.12 -28.69
C GLY D 148 -24.07 7.72 -27.36
N ALA D 149 -23.41 8.81 -26.95
CA ALA D 149 -23.75 9.57 -25.73
C ALA D 149 -24.88 10.55 -26.07
N ASN D 150 -25.76 10.82 -25.10
CA ASN D 150 -26.86 11.80 -25.22
C ASN D 150 -26.40 13.12 -24.59
N VAL D 151 -26.01 14.08 -25.43
CA VAL D 151 -25.60 15.45 -25.00
C VAL D 151 -26.88 16.23 -24.65
N ILE D 152 -27.06 16.57 -23.37
CA ILE D 152 -28.27 17.25 -22.82
C ILE D 152 -27.94 18.74 -22.69
N PRO D 153 -28.49 19.61 -23.57
CA PRO D 153 -28.23 21.04 -23.50
C PRO D 153 -28.90 21.66 -22.26
N VAL D 154 -28.20 22.57 -21.58
CA VAL D 154 -28.65 23.21 -20.31
C VAL D 154 -29.10 24.64 -20.61
N SER D 158 -26.54 31.01 -17.02
CA SER D 158 -25.58 31.60 -17.99
C SER D 158 -25.20 30.60 -19.08
N ARG D 159 -25.76 29.38 -19.05
CA ARG D 159 -25.49 28.31 -20.05
C ARG D 159 -23.99 28.01 -20.07
N THR D 160 -23.37 27.94 -18.88
CA THR D 160 -21.92 27.71 -18.65
C THR D 160 -21.74 26.33 -18.00
N LEU D 161 -20.51 26.00 -17.57
CA LEU D 161 -20.19 24.71 -16.89
C LEU D 161 -20.98 24.61 -15.58
N LYS D 162 -21.04 25.69 -14.80
CA LYS D 162 -21.75 25.76 -13.50
C LYS D 162 -23.16 25.14 -13.64
N ASP D 163 -23.99 25.72 -14.50
CA ASP D 163 -25.43 25.37 -14.67
C ASP D 163 -25.55 23.89 -15.07
N ALA D 164 -24.53 23.33 -15.72
CA ALA D 164 -24.46 21.90 -16.12
C ALA D 164 -24.10 21.05 -14.90
N ILE D 165 -23.13 21.50 -14.09
CA ILE D 165 -22.71 20.79 -12.84
C ILE D 165 -23.92 20.66 -11.92
N ASN D 166 -24.66 21.75 -11.71
CA ASN D 166 -25.86 21.81 -10.83
C ASN D 166 -26.96 20.90 -11.41
N GLU D 167 -27.08 20.84 -12.73
CA GLU D 167 -28.08 20.00 -13.45
C GLU D 167 -27.70 18.52 -13.29
N ALA D 168 -26.39 18.23 -13.24
CA ALA D 168 -25.81 16.87 -13.16
C ALA D 168 -25.83 16.36 -11.73
N LEU D 169 -25.68 17.27 -10.75
CA LEU D 169 -25.77 16.96 -9.30
C LEU D 169 -27.23 16.73 -8.91
N ARG D 170 -28.19 17.39 -9.58
CA ARG D 170 -29.64 17.17 -9.38
C ARG D 170 -30.01 15.80 -9.96
N ASP D 171 -29.38 15.42 -11.08
CA ASP D 171 -29.57 14.11 -11.74
C ASP D 171 -29.05 13.00 -10.82
N TRP D 172 -27.82 13.13 -10.31
CA TRP D 172 -27.12 12.05 -9.58
C TRP D 172 -27.85 11.77 -8.26
N VAL D 173 -28.20 12.80 -7.49
CA VAL D 173 -28.97 12.72 -6.22
C VAL D 173 -30.12 11.71 -6.41
N ALA D 174 -30.81 11.77 -7.55
CA ALA D 174 -31.96 10.93 -7.91
C ALA D 174 -31.51 9.56 -8.44
N THR D 175 -30.53 9.53 -9.35
CA THR D 175 -30.24 8.37 -10.24
C THR D 175 -29.10 7.51 -9.67
N PHE D 176 -28.45 7.93 -8.58
CA PHE D 176 -27.22 7.29 -8.03
C PHE D 176 -27.38 5.77 -7.93
N GLU D 177 -28.61 5.26 -7.89
CA GLU D 177 -28.91 3.82 -7.75
C GLU D 177 -28.41 3.06 -8.98
N TYR D 178 -28.56 3.66 -10.18
CA TYR D 178 -28.20 3.05 -11.49
C TYR D 178 -27.18 3.91 -12.24
N THR D 179 -26.84 5.10 -11.74
CA THR D 179 -26.00 6.11 -12.43
C THR D 179 -24.73 6.38 -11.62
N HIS D 180 -23.57 6.50 -12.27
CA HIS D 180 -22.31 7.02 -11.70
C HIS D 180 -21.99 8.39 -12.31
N TYR D 181 -21.73 9.39 -11.46
CA TYR D 181 -21.23 10.73 -11.87
C TYR D 181 -19.71 10.65 -12.05
N LEU D 182 -19.24 10.84 -13.27
CA LEU D 182 -17.81 10.71 -13.63
C LEU D 182 -17.18 12.11 -13.63
N ILE D 183 -16.21 12.34 -12.73
CA ILE D 183 -15.55 13.66 -12.52
C ILE D 183 -14.16 13.60 -13.17
N GLY D 184 -13.79 14.62 -13.93
CA GLY D 184 -12.68 14.55 -14.89
C GLY D 184 -11.39 15.19 -14.38
N SER D 185 -11.30 15.52 -13.10
CA SER D 185 -10.06 16.01 -12.46
C SER D 185 -10.05 15.60 -10.98
N VAL D 186 -8.94 15.85 -10.28
CA VAL D 186 -8.77 15.49 -8.85
C VAL D 186 -9.49 16.52 -7.97
N VAL D 187 -10.73 16.89 -8.33
CA VAL D 187 -11.51 17.97 -7.68
C VAL D 187 -12.84 17.38 -7.19
N GLY D 188 -13.60 18.17 -6.42
CA GLY D 188 -14.91 17.78 -5.87
C GLY D 188 -14.79 17.21 -4.46
N PRO D 189 -15.89 16.66 -3.92
CA PRO D 189 -15.84 16.00 -2.61
C PRO D 189 -15.14 14.64 -2.67
N HIS D 190 -14.58 14.18 -1.55
CA HIS D 190 -14.20 12.76 -1.32
C HIS D 190 -15.36 11.89 -1.79
N PRO D 191 -15.11 10.74 -2.47
CA PRO D 191 -13.76 10.22 -2.70
C PRO D 191 -13.11 10.50 -4.06
N TYR D 192 -13.62 11.47 -4.83
CA TYR D 192 -13.22 11.73 -6.24
C TYR D 192 -11.75 12.15 -6.31
N PRO D 193 -11.27 13.12 -5.51
CA PRO D 193 -9.87 13.54 -5.60
C PRO D 193 -8.86 12.39 -5.43
N THR D 194 -9.15 11.41 -4.58
CA THR D 194 -8.31 10.21 -4.33
C THR D 194 -8.46 9.22 -5.49
N ILE D 195 -9.70 8.92 -5.91
CA ILE D 195 -10.00 7.93 -6.98
C ILE D 195 -9.30 8.35 -8.27
N VAL D 196 -9.48 9.61 -8.68
CA VAL D 196 -8.93 10.18 -9.94
C VAL D 196 -7.41 10.11 -9.89
N ARG D 197 -6.77 10.53 -8.79
CA ARG D 197 -5.29 10.45 -8.62
C ARG D 197 -4.84 9.00 -8.75
N ASP D 198 -5.58 8.07 -8.14
CA ASP D 198 -5.23 6.62 -8.15
C ASP D 198 -5.28 6.07 -9.58
N PHE D 199 -6.26 6.49 -10.39
CA PHE D 199 -6.46 5.99 -11.77
C PHE D 199 -5.48 6.68 -12.73
N GLN D 200 -4.88 7.80 -12.33
CA GLN D 200 -3.88 8.55 -13.15
C GLN D 200 -2.45 8.23 -12.66
N SER D 201 -2.32 7.58 -11.50
CA SER D 201 -1.00 7.28 -10.88
CA SER D 201 -0.99 7.30 -10.88
C SER D 201 -0.20 6.36 -11.79
N VAL D 202 -0.88 5.64 -12.69
CA VAL D 202 -0.28 4.72 -13.69
C VAL D 202 0.78 5.47 -14.49
N ILE D 203 0.62 6.79 -14.67
CA ILE D 203 1.55 7.64 -15.47
C ILE D 203 2.92 7.64 -14.77
N GLY D 204 2.93 7.84 -13.44
CA GLY D 204 4.16 8.00 -12.64
C GLY D 204 4.90 6.69 -12.46
N ARG D 205 4.15 5.57 -12.37
CA ARG D 205 4.72 4.19 -12.21
C ARG D 205 5.41 3.77 -13.51
N GLU D 206 4.75 3.99 -14.66
CA GLU D 206 5.38 3.76 -16.00
C GLU D 206 6.60 4.66 -16.13
N ALA D 207 6.44 5.96 -15.89
CA ALA D 207 7.49 7.00 -16.06
C ALA D 207 8.72 6.63 -15.22
N LYS D 208 8.52 6.05 -14.04
CA LYS D 208 9.60 5.66 -13.08
C LYS D 208 10.44 4.56 -13.73
N ALA D 209 9.83 3.40 -14.02
CA ALA D 209 10.49 2.22 -14.61
C ALA D 209 11.25 2.62 -15.88
N GLN D 210 10.65 3.50 -16.70
CA GLN D 210 11.14 3.92 -18.04
C GLN D 210 12.37 4.81 -17.92
N ILE D 211 12.40 5.74 -16.95
CA ILE D 211 13.55 6.69 -16.78
C ILE D 211 14.74 5.95 -16.14
N LEU D 212 14.47 4.95 -15.29
CA LEU D 212 15.51 4.07 -14.71
C LEU D 212 16.15 3.22 -15.83
N GLU D 213 15.35 2.69 -16.74
CA GLU D 213 15.81 1.89 -17.91
C GLU D 213 16.66 2.79 -18.83
N ALA D 214 16.24 4.04 -19.02
CA ALA D 214 16.83 5.03 -19.95
C ALA D 214 18.15 5.58 -19.37
N GLU D 215 18.12 6.16 -18.18
CA GLU D 215 19.22 7.00 -17.64
C GLU D 215 19.82 6.40 -16.36
N GLY D 216 19.25 5.31 -15.83
CA GLY D 216 19.82 4.57 -14.68
C GLY D 216 19.57 5.26 -13.34
N GLN D 217 18.91 6.41 -13.36
CA GLN D 217 18.63 7.26 -12.16
C GLN D 217 17.27 7.94 -12.31
N LEU D 218 16.61 8.21 -11.19
CA LEU D 218 15.33 8.97 -11.12
C LEU D 218 15.56 10.38 -11.65
N PRO D 219 14.50 11.10 -12.10
CA PRO D 219 14.67 12.45 -12.62
C PRO D 219 15.06 13.41 -11.50
N ASP D 220 15.70 14.53 -11.84
CA ASP D 220 15.99 15.63 -10.88
C ASP D 220 14.70 16.43 -10.68
N VAL D 221 13.92 16.62 -11.74
CA VAL D 221 12.67 17.44 -11.75
C VAL D 221 11.61 16.72 -12.59
N ILE D 222 10.34 16.86 -12.20
CA ILE D 222 9.14 16.41 -12.97
C ILE D 222 8.21 17.61 -13.14
N VAL D 223 7.91 17.99 -14.39
CA VAL D 223 7.12 19.21 -14.73
C VAL D 223 5.80 18.78 -15.37
N ALA D 224 4.67 19.17 -14.78
CA ALA D 224 3.30 18.87 -15.26
C ALA D 224 2.46 20.15 -15.21
N CYS D 225 1.62 20.38 -16.23
CA CYS D 225 0.58 21.43 -16.25
C CYS D 225 -0.49 21.07 -15.20
N VAL D 226 -1.19 22.07 -14.67
CA VAL D 226 -2.17 21.90 -13.56
C VAL D 226 -3.39 22.78 -13.84
N GLY D 227 -4.50 22.14 -14.25
CA GLY D 227 -5.85 22.73 -14.26
C GLY D 227 -6.54 22.48 -12.94
N GLY D 228 -7.13 21.29 -12.79
CA GLY D 228 -7.53 20.69 -11.50
C GLY D 228 -6.38 19.91 -10.88
N GLY D 229 -5.63 19.17 -11.70
CA GLY D 229 -4.32 18.61 -11.32
C GLY D 229 -4.27 17.09 -11.36
N SER D 230 -5.03 16.45 -12.25
CA SER D 230 -5.09 14.97 -12.38
C SER D 230 -3.82 14.45 -13.06
N ASN D 231 -3.41 15.08 -14.17
CA ASN D 231 -2.23 14.63 -14.95
C ASN D 231 -0.97 14.89 -14.12
N ALA D 232 -0.98 15.95 -13.31
CA ALA D 232 0.14 16.34 -12.41
C ALA D 232 0.22 15.34 -11.24
N MET D 233 -0.93 15.00 -10.64
CA MET D 233 -0.99 14.02 -9.53
C MET D 233 -0.58 12.63 -10.03
N GLY D 234 -0.96 12.29 -11.27
CA GLY D 234 -0.72 10.96 -11.87
C GLY D 234 0.78 10.67 -12.04
N ILE D 235 1.54 11.64 -12.56
CA ILE D 235 3.01 11.51 -12.71
C ILE D 235 3.71 11.78 -11.36
N PHE D 236 3.23 12.75 -10.56
CA PHE D 236 3.87 13.15 -9.28
C PHE D 236 3.82 12.03 -8.24
N TYR D 237 2.64 11.45 -8.01
CA TYR D 237 2.29 10.70 -6.76
C TYR D 237 3.32 9.61 -6.48
N PRO D 238 3.70 8.76 -7.45
CA PRO D 238 4.63 7.67 -7.17
C PRO D 238 6.06 8.13 -6.70
N PHE D 239 6.40 9.41 -7.14
CA PHE D 239 7.73 10.05 -6.91
C PHE D 239 7.69 10.88 -5.63
N VAL D 240 6.53 10.96 -4.96
CA VAL D 240 6.31 11.87 -3.80
C VAL D 240 7.26 11.46 -2.66
N ASN D 241 7.41 10.16 -2.42
CA ASN D 241 8.27 9.61 -1.34
C ASN D 241 9.75 9.79 -1.69
N ASP D 242 10.11 9.84 -2.98
CA ASP D 242 11.50 10.04 -3.47
C ASP D 242 11.89 11.50 -3.28
N LYS D 243 12.46 11.83 -2.11
CA LYS D 243 12.65 13.21 -1.60
C LYS D 243 13.45 14.05 -2.61
N LYS D 244 14.46 13.45 -3.25
CA LYS D 244 15.40 14.16 -4.17
C LYS D 244 14.69 14.59 -5.46
N VAL D 245 13.54 13.97 -5.79
CA VAL D 245 12.77 14.26 -7.04
C VAL D 245 11.90 15.51 -6.81
N LYS D 246 12.26 16.62 -7.47
CA LYS D 246 11.50 17.90 -7.42
C LYS D 246 10.23 17.78 -8.27
N LEU D 247 9.13 18.36 -7.79
CA LEU D 247 7.79 18.33 -8.43
C LEU D 247 7.38 19.78 -8.75
N VAL D 248 7.00 20.06 -10.00
CA VAL D 248 6.63 21.43 -10.47
C VAL D 248 5.33 21.35 -11.29
N GLY D 249 4.22 21.78 -10.71
CA GLY D 249 2.94 22.00 -11.42
C GLY D 249 2.91 23.38 -12.07
N VAL D 250 2.44 23.47 -13.32
CA VAL D 250 2.39 24.76 -14.08
C VAL D 250 0.93 25.13 -14.34
N GLU D 251 0.48 26.25 -13.75
CA GLU D 251 -0.88 26.82 -13.90
C GLU D 251 -0.88 27.83 -15.04
N ALA D 252 -2.06 28.34 -15.42
CA ALA D 252 -2.26 29.26 -16.55
C ALA D 252 -2.08 30.71 -16.09
N GLY D 253 -0.97 31.35 -16.49
CA GLY D 253 -0.68 32.77 -16.22
C GLY D 253 -1.50 33.70 -17.10
N GLY D 254 -2.20 33.15 -18.11
CA GLY D 254 -3.20 33.84 -18.94
C GLY D 254 -2.62 35.04 -19.67
N LYS D 255 -3.31 36.18 -19.62
CA LYS D 255 -2.82 37.51 -20.10
C LYS D 255 -1.72 38.02 -19.17
N GLY D 256 -1.77 37.61 -17.89
CA GLY D 256 -0.78 37.96 -16.85
C GLY D 256 -1.28 37.68 -15.44
N LEU D 257 -0.37 37.36 -14.52
CA LEU D 257 -0.66 37.05 -13.09
C LEU D 257 -1.21 38.29 -12.36
N GLU D 258 -0.92 39.49 -12.86
CA GLU D 258 -1.41 40.78 -12.30
C GLU D 258 -2.47 41.38 -13.23
N SER D 259 -2.76 40.71 -14.36
CA SER D 259 -3.63 41.22 -15.46
C SER D 259 -5.11 41.03 -15.12
N GLY D 260 -5.44 40.14 -14.18
CA GLY D 260 -6.83 39.74 -13.89
C GLY D 260 -7.46 38.97 -15.05
N LYS D 261 -6.63 38.22 -15.78
CA LYS D 261 -7.06 37.24 -16.82
C LYS D 261 -6.09 36.05 -16.77
N HIS D 262 -6.16 35.26 -15.69
CA HIS D 262 -5.33 34.05 -15.42
C HIS D 262 -6.24 32.95 -14.86
N SER D 263 -5.66 31.79 -14.53
CA SER D 263 -6.38 30.64 -13.92
C SER D 263 -5.52 30.00 -12.82
N ALA D 264 -4.54 30.75 -12.31
CA ALA D 264 -3.61 30.29 -11.25
C ALA D 264 -4.27 30.43 -9.88
N SER D 265 -4.72 29.32 -9.29
CA SER D 265 -5.39 29.27 -7.97
C SER D 265 -4.35 29.15 -6.85
N LEU D 266 -3.32 28.33 -7.04
CA LEU D 266 -2.28 28.02 -6.01
C LEU D 266 -1.30 29.18 -5.86
N ASN D 267 -1.34 30.16 -6.77
CA ASN D 267 -0.46 31.35 -6.74
C ASN D 267 -1.20 32.54 -6.11
N ALA D 268 -2.40 32.84 -6.63
CA ALA D 268 -3.16 34.09 -6.35
C ALA D 268 -4.58 33.79 -5.84
N GLY D 269 -4.86 32.52 -5.49
CA GLY D 269 -6.18 32.09 -4.97
C GLY D 269 -6.20 32.06 -3.45
N GLN D 270 -7.39 32.26 -2.87
CA GLN D 270 -7.63 32.24 -1.40
C GLN D 270 -8.36 30.96 -1.03
N VAL D 271 -8.03 30.37 0.13
CA VAL D 271 -8.66 29.12 0.65
C VAL D 271 -10.16 29.39 0.87
N GLY D 272 -11.01 28.45 0.43
CA GLY D 272 -12.48 28.55 0.52
C GLY D 272 -13.12 27.17 0.37
N VAL D 273 -14.46 27.11 0.39
CA VAL D 273 -15.24 25.85 0.17
C VAL D 273 -16.19 26.07 -1.01
N SER D 274 -15.84 25.49 -2.17
CA SER D 274 -16.67 25.45 -3.40
C SER D 274 -16.62 24.03 -3.97
N GLU D 275 -17.69 23.62 -4.67
CA GLU D 275 -17.73 22.34 -5.44
C GLU D 275 -17.41 21.16 -4.51
N GLY D 276 -17.83 21.25 -3.23
CA GLY D 276 -17.79 20.14 -2.27
C GLY D 276 -16.42 19.92 -1.65
N MET D 277 -15.44 20.79 -1.93
CA MET D 277 -14.04 20.57 -1.48
C MET D 277 -13.48 21.84 -0.83
N LEU D 278 -12.59 21.65 0.14
CA LEU D 278 -11.74 22.70 0.78
C LEU D 278 -10.40 22.78 0.04
N SER D 279 -10.22 23.82 -0.78
CA SER D 279 -9.00 24.09 -1.58
C SER D 279 -8.96 25.56 -2.01
N TYR D 280 -7.82 26.02 -2.53
CA TYR D 280 -7.62 27.40 -3.06
C TYR D 280 -8.59 27.64 -4.23
N PHE D 281 -9.17 28.84 -4.31
CA PHE D 281 -10.02 29.31 -5.45
C PHE D 281 -9.65 30.77 -5.77
N LEU D 282 -9.81 31.16 -7.03
CA LEU D 282 -9.69 32.59 -7.46
C LEU D 282 -10.92 33.34 -6.95
N GLN D 283 -10.72 34.32 -6.07
CA GLN D 283 -11.81 35.06 -5.36
C GLN D 283 -11.64 36.56 -5.58
N ASP D 284 -12.76 37.30 -5.68
CA ASP D 284 -12.82 38.78 -5.76
C ASP D 284 -12.55 39.39 -4.38
N GLU D 285 -12.75 40.70 -4.24
CA GLU D 285 -12.64 41.45 -2.95
C GLU D 285 -13.69 40.91 -1.96
N GLU D 286 -14.94 40.79 -2.40
CA GLU D 286 -16.08 40.23 -1.63
C GLU D 286 -15.79 38.78 -1.22
N GLY D 287 -14.95 38.08 -2.01
CA GLY D 287 -14.59 36.67 -1.79
C GLY D 287 -15.51 35.72 -2.54
N GLN D 288 -16.28 36.25 -3.50
CA GLN D 288 -17.02 35.46 -4.53
C GLN D 288 -16.00 34.91 -5.54
N ILE D 289 -16.17 33.66 -5.97
CA ILE D 289 -15.28 32.97 -6.95
C ILE D 289 -15.22 33.80 -8.24
N LYS D 290 -14.04 34.36 -8.55
CA LYS D 290 -13.79 35.15 -9.79
C LYS D 290 -13.76 34.20 -10.99
N PRO D 291 -14.12 34.67 -12.21
CA PRO D 291 -13.95 33.88 -13.42
C PRO D 291 -12.47 33.76 -13.80
N SER D 292 -12.09 32.67 -14.45
CA SER D 292 -10.70 32.38 -14.90
C SER D 292 -10.61 32.55 -16.42
N HIS D 293 -9.41 32.87 -16.93
CA HIS D 293 -9.07 32.88 -18.37
C HIS D 293 -7.76 32.12 -18.63
N SER D 294 -7.77 31.21 -19.59
CA SER D 294 -6.57 30.57 -20.20
C SER D 294 -6.86 30.29 -21.67
N ILE D 295 -5.88 30.52 -22.54
CA ILE D 295 -5.99 30.15 -24.00
C ILE D 295 -6.17 28.62 -24.08
N ALA D 296 -5.59 27.89 -23.12
CA ALA D 296 -5.77 26.43 -22.94
C ALA D 296 -7.07 26.17 -22.17
N PRO D 297 -8.13 25.63 -22.81
CA PRO D 297 -9.41 25.42 -22.14
C PRO D 297 -9.32 24.51 -20.90
N GLY D 298 -8.45 23.50 -20.94
CA GLY D 298 -8.25 22.52 -19.85
C GLY D 298 -7.67 23.15 -18.59
N LEU D 299 -6.91 24.24 -18.74
CA LEU D 299 -6.27 24.94 -17.59
C LEU D 299 -7.19 26.05 -17.04
N ASP D 300 -8.27 26.38 -17.76
CA ASP D 300 -9.24 27.45 -17.38
C ASP D 300 -10.21 26.91 -16.32
N TYR D 301 -9.73 26.70 -15.09
CA TYR D 301 -10.55 26.32 -13.91
C TYR D 301 -10.31 27.32 -12.78
N PRO D 302 -11.38 27.94 -12.22
CA PRO D 302 -11.25 28.85 -11.09
C PRO D 302 -10.47 28.31 -9.88
N GLY D 303 -10.62 27.02 -9.57
CA GLY D 303 -10.00 26.38 -8.40
C GLY D 303 -8.89 25.40 -8.77
N VAL D 304 -8.55 24.50 -7.84
CA VAL D 304 -7.43 23.52 -7.96
C VAL D 304 -7.69 22.36 -6.98
N GLY D 305 -7.16 21.18 -7.28
CA GLY D 305 -7.35 19.95 -6.48
C GLY D 305 -6.70 20.05 -5.10
N PRO D 306 -7.34 19.48 -4.05
CA PRO D 306 -6.87 19.62 -2.68
C PRO D 306 -5.47 19.05 -2.40
N GLU D 307 -5.08 17.99 -3.12
CA GLU D 307 -3.77 17.30 -2.89
C GLU D 307 -2.63 18.20 -3.35
N HIS D 308 -2.87 19.11 -4.31
CA HIS D 308 -1.86 20.09 -4.80
C HIS D 308 -1.73 21.24 -3.78
N ALA D 309 -2.85 21.64 -3.17
CA ALA D 309 -2.89 22.60 -2.04
C ALA D 309 -2.03 22.07 -0.89
N TYR D 310 -2.15 20.77 -0.56
CA TYR D 310 -1.37 20.07 0.49
C TYR D 310 0.12 20.08 0.15
N LEU D 311 0.47 19.93 -1.14
CA LEU D 311 1.88 19.79 -1.62
C LEU D 311 2.57 21.16 -1.63
N LYS D 312 1.83 22.25 -1.90
CA LYS D 312 2.35 23.65 -1.80
C LYS D 312 2.60 23.98 -0.33
N LYS D 313 1.72 23.49 0.57
CA LYS D 313 1.75 23.78 2.03
C LYS D 313 2.99 23.12 2.67
N ILE D 314 3.23 21.84 2.36
CA ILE D 314 4.43 21.08 2.85
C ILE D 314 5.62 21.32 1.91
N GLN D 315 5.46 22.21 0.91
CA GLN D 315 6.54 22.70 0.02
C GLN D 315 7.21 21.54 -0.72
N ARG D 316 6.45 20.46 -0.98
CA ARG D 316 6.91 19.25 -1.71
C ARG D 316 6.88 19.54 -3.22
N ALA D 317 5.96 20.40 -3.65
CA ALA D 317 5.77 20.81 -5.06
C ALA D 317 5.75 22.34 -5.14
N GLU D 318 6.61 22.92 -5.99
CA GLU D 318 6.58 24.37 -6.34
C GLU D 318 5.54 24.55 -7.46
N TYR D 319 4.83 25.68 -7.45
CA TYR D 319 3.70 25.95 -8.37
C TYR D 319 3.91 27.32 -9.03
N VAL D 320 4.16 27.29 -10.34
CA VAL D 320 4.43 28.49 -11.19
C VAL D 320 3.28 28.61 -12.18
N ALA D 321 3.19 29.76 -12.85
CA ALA D 321 2.29 30.00 -14.01
C ALA D 321 3.17 30.30 -15.25
N VAL D 322 2.63 30.01 -16.43
CA VAL D 322 3.23 30.41 -17.74
C VAL D 322 2.18 31.23 -18.49
N THR D 323 2.60 32.30 -19.17
CA THR D 323 1.70 33.21 -19.92
C THR D 323 1.17 32.48 -21.16
N ASP D 324 -0.04 32.82 -21.60
CA ASP D 324 -0.66 32.31 -22.85
C ASP D 324 0.36 32.41 -24.00
N GLU D 325 1.07 33.54 -24.09
CA GLU D 325 2.02 33.83 -25.20
C GLU D 325 3.20 32.84 -25.15
N GLU D 326 3.72 32.57 -23.95
CA GLU D 326 4.88 31.65 -23.72
C GLU D 326 4.47 30.22 -24.12
N ALA D 327 3.23 29.83 -23.82
CA ALA D 327 2.67 28.49 -24.09
C ALA D 327 2.52 28.28 -25.61
N LEU D 328 2.07 29.31 -26.32
CA LEU D 328 1.92 29.31 -27.81
C LEU D 328 3.30 29.18 -28.46
N LYS D 329 4.31 29.88 -27.94
CA LYS D 329 5.71 29.78 -28.42
C LYS D 329 6.18 28.34 -28.20
N ALA D 330 5.78 27.70 -27.09
CA ALA D 330 6.14 26.32 -26.73
C ALA D 330 5.42 25.32 -27.64
N PHE D 331 4.13 25.56 -27.92
CA PHE D 331 3.31 24.77 -28.88
C PHE D 331 4.02 24.71 -30.23
N HIS D 332 4.40 25.87 -30.77
CA HIS D 332 5.07 26.04 -32.09
C HIS D 332 6.45 25.36 -32.06
N GLU D 333 7.23 25.57 -31.00
CA GLU D 333 8.64 25.11 -30.88
C GLU D 333 8.70 23.58 -30.94
N LEU D 334 7.90 22.90 -30.11
CA LEU D 334 7.89 21.42 -29.96
C LEU D 334 7.41 20.78 -31.28
N SER D 335 6.50 21.47 -31.99
CA SER D 335 5.96 21.05 -33.31
C SER D 335 7.08 21.07 -34.35
N ARG D 336 7.85 22.16 -34.41
CA ARG D 336 8.93 22.39 -35.41
C ARG D 336 10.18 21.57 -35.07
N THR D 337 10.42 21.27 -33.79
CA THR D 337 11.71 20.77 -33.26
C THR D 337 11.66 19.24 -33.09
N GLU D 338 10.56 18.70 -32.54
CA GLU D 338 10.40 17.26 -32.23
C GLU D 338 9.25 16.63 -33.04
N GLY D 339 8.55 17.42 -33.86
CA GLY D 339 7.40 16.94 -34.65
C GLY D 339 6.34 16.31 -33.78
N ILE D 340 6.13 16.88 -32.58
CA ILE D 340 4.98 16.55 -31.68
C ILE D 340 4.16 17.84 -31.52
N ILE D 341 2.91 17.83 -31.99
CA ILE D 341 1.93 18.93 -31.79
C ILE D 341 1.29 18.72 -30.43
N PRO D 342 1.70 19.47 -29.38
CA PRO D 342 1.17 19.27 -28.03
C PRO D 342 -0.14 20.03 -27.83
N ALA D 343 -0.95 19.58 -26.86
CA ALA D 343 -2.10 20.34 -26.30
C ALA D 343 -1.58 21.64 -25.68
N LEU D 344 -2.32 22.74 -25.84
CA LEU D 344 -1.97 24.07 -25.27
C LEU D 344 -1.80 23.93 -23.76
N GLU D 345 -2.60 23.08 -23.12
CA GLU D 345 -2.41 22.67 -21.70
C GLU D 345 -0.96 22.24 -21.51
N SER D 346 -0.54 21.17 -22.20
CA SER D 346 0.80 20.54 -22.09
C SER D 346 1.91 21.56 -22.40
N ALA D 347 1.69 22.43 -23.39
CA ALA D 347 2.69 23.43 -23.85
C ALA D 347 3.14 24.29 -22.67
N HIS D 348 2.23 24.65 -21.77
CA HIS D 348 2.52 25.37 -20.50
C HIS D 348 3.69 24.66 -19.79
N ALA D 349 3.53 23.35 -19.52
CA ALA D 349 4.57 22.49 -18.91
C ALA D 349 5.84 22.54 -19.76
N VAL D 350 5.73 22.45 -21.09
CA VAL D 350 6.88 22.49 -22.04
C VAL D 350 7.55 23.86 -21.97
N ALA D 351 6.77 24.96 -21.94
CA ALA D 351 7.25 26.35 -21.84
C ALA D 351 8.13 26.52 -20.59
N TYR D 352 7.70 25.99 -19.44
CA TYR D 352 8.43 26.10 -18.15
C TYR D 352 9.63 25.16 -18.14
N ALA D 353 9.51 24.00 -18.79
CA ALA D 353 10.55 22.97 -18.89
C ALA D 353 11.75 23.55 -19.66
N MET D 354 11.49 24.39 -20.65
CA MET D 354 12.51 25.02 -21.55
C MET D 354 13.30 26.09 -20.78
N LYS D 355 12.66 26.74 -19.79
CA LYS D 355 13.31 27.73 -18.88
C LYS D 355 14.19 27.01 -17.87
N LEU D 356 13.65 25.98 -17.22
CA LEU D 356 14.33 25.26 -16.11
C LEU D 356 15.56 24.52 -16.65
N ALA D 357 15.46 23.93 -17.84
CA ALA D 357 16.55 23.16 -18.48
C ALA D 357 17.81 24.01 -18.60
N LYS D 358 17.68 25.24 -19.14
CA LYS D 358 18.80 26.17 -19.41
C LYS D 358 19.57 26.48 -18.12
N GLU D 359 18.84 26.59 -16.99
CA GLU D 359 19.40 26.97 -15.67
C GLU D 359 19.82 25.72 -14.88
N MET D 360 19.93 24.56 -15.56
CA MET D 360 20.36 23.28 -14.95
C MET D 360 21.55 22.71 -15.74
N SER D 361 22.25 21.73 -15.16
CA SER D 361 23.41 21.02 -15.77
C SER D 361 22.92 20.07 -16.86
N ARG D 362 23.78 19.76 -17.84
CA ARG D 362 23.48 18.86 -18.98
C ARG D 362 23.33 17.42 -18.48
N ASP D 363 23.88 17.12 -17.29
CA ASP D 363 23.83 15.77 -16.66
C ASP D 363 22.45 15.52 -16.02
N GLU D 364 21.71 16.59 -15.71
CA GLU D 364 20.41 16.53 -14.99
C GLU D 364 19.29 16.16 -15.97
N ILE D 365 18.15 15.68 -15.45
CA ILE D 365 17.00 15.13 -16.22
C ILE D 365 15.72 15.84 -15.81
N ILE D 366 14.97 16.37 -16.79
CA ILE D 366 13.58 16.92 -16.60
C ILE D 366 12.61 15.98 -17.33
N ILE D 367 11.58 15.50 -16.65
CA ILE D 367 10.43 14.76 -17.26
C ILE D 367 9.24 15.72 -17.33
N VAL D 368 8.88 16.15 -18.54
CA VAL D 368 7.67 16.98 -18.80
C VAL D 368 6.55 16.03 -19.20
N ASN D 369 5.43 16.05 -18.46
CA ASN D 369 4.21 15.29 -18.79
C ASN D 369 3.54 15.96 -20.00
N LEU D 370 3.65 15.35 -21.18
CA LEU D 370 2.91 15.81 -22.39
C LEU D 370 1.48 15.26 -22.30
N SER D 371 0.59 16.00 -21.65
CA SER D 371 -0.72 15.53 -21.14
C SER D 371 -1.65 15.17 -22.31
N GLY D 372 -1.52 15.85 -23.45
CA GLY D 372 -2.39 15.65 -24.62
C GLY D 372 -1.74 16.06 -25.93
N ARG D 373 -2.39 15.74 -27.05
CA ARG D 373 -2.02 16.18 -28.42
C ARG D 373 -2.83 17.44 -28.77
N GLY D 374 -2.31 18.24 -29.71
CA GLY D 374 -2.80 19.59 -30.01
C GLY D 374 -3.74 19.63 -31.21
N ASP D 375 -4.26 18.48 -31.64
CA ASP D 375 -5.26 18.39 -32.74
C ASP D 375 -6.52 19.18 -32.36
N LYS D 376 -6.88 19.16 -31.07
CA LYS D 376 -8.10 19.84 -30.52
C LYS D 376 -7.90 21.37 -30.54
N ASP D 377 -6.66 21.85 -30.45
CA ASP D 377 -6.30 23.27 -30.17
C ASP D 377 -5.82 23.97 -31.45
N LEU D 378 -6.13 23.41 -32.63
CA LEU D 378 -5.63 23.96 -33.92
C LEU D 378 -6.37 25.26 -34.25
N ASP D 379 -7.70 25.28 -34.11
CA ASP D 379 -8.57 26.44 -34.45
C ASP D 379 -8.21 27.63 -33.56
N ILE D 380 -7.73 27.39 -32.34
CA ILE D 380 -7.37 28.45 -31.34
C ILE D 380 -6.02 29.06 -31.72
N VAL D 381 -5.06 28.23 -32.15
CA VAL D 381 -3.68 28.67 -32.52
C VAL D 381 -3.74 29.44 -33.84
N LEU D 382 -4.69 29.09 -34.72
CA LEU D 382 -4.94 29.79 -36.01
C LEU D 382 -5.37 31.23 -35.75
N LYS D 383 -6.23 31.44 -34.75
CA LYS D 383 -6.69 32.79 -34.29
C LYS D 383 -5.46 33.68 -34.03
N ALA D 384 -4.49 33.19 -33.26
CA ALA D 384 -3.20 33.85 -32.99
C ALA D 384 -2.22 33.56 -34.14
#